data_5NOJ
#
_entry.id   5NOJ
#
_cell.length_a   1
_cell.length_b   1
_cell.length_c   1
_cell.angle_alpha   90
_cell.angle_beta   90
_cell.angle_gamma   90
#
_symmetry.space_group_name_H-M   'P 1'
#
loop_
_entity.id
_entity.type
_entity.pdbx_description
1 polymer 'Actin, alpha skeletal muscle'
2 polymer 'cardiac alpha tropomyosin'
3 non-polymer "ADENOSINE-5'-DIPHOSPHATE"
4 non-polymer 'MAGNESIUM ION'
#
loop_
_entity_poly.entity_id
_entity_poly.type
_entity_poly.pdbx_seq_one_letter_code
_entity_poly.pdbx_strand_id
1 'polypeptide(L)'
;TTALVCDNGSGLVKAGFAGDDAPRAVFPSIVGRPRHQGVMVGMGQKDSYVGDEAQSKRGILTLKYPIE(HIC)GIITNWD
DMEKIWHHTFYNELRVAPEEHPTLLTEAPLNPKANREKMTQIMFETFNVPAMYVAIQAVLSLYASGRTTGIVLDSGDGVT
HNVPIYEGYALPHAIMRLDLAGRDLTDYLMKILTERGYSFVTTAEREIVRDIKEKLCYVALDFENEMATAASSSSLEKSY
ELPDGQVITIGNERFRCPETLFQPSFIGMESAGIHETTYNSIMKCDIDIRKDLYANNVLSGGTTMYPGIADRMQKEITAL
APSTMKIKIIAPPERKYSVWIGGSILASLSTFQQMWISKQEYDEAGPSIVH
;
A,B,C,D,E
2 'polypeptide(L)'
;(UNK)(UNK)(UNK)(UNK)(UNK)(UNK)(UNK)(UNK)(UNK)(UNK)(UNK)(UNK)(UNK)(UNK)(UNK)(UNK)
(UNK)(UNK)(UNK)(UNK)(UNK)(UNK)(UNK)(UNK)(UNK)(UNK)(UNK)(UNK)(UNK)(UNK)(UNK)(UNK)
(UNK)(UNK)(UNK)(UNK)(UNK)(UNK)(UNK)(UNK)(UNK)(UNK)(UNK)(UNK)(UNK)(UNK)(UNK)(UNK)
(UNK)(UNK)(UNK)(UNK)(UNK)(UNK)(UNK)(UNK)(UNK)(UNK)(UNK)(UNK)(UNK)(UNK)(UNK)(UNK)
(UNK)(UNK)(UNK)(UNK)(UNK)(UNK)(UNK)(UNK)(UNK)(UNK)(UNK)(UNK)(UNK)(UNK)(UNK)(UNK)
(UNK)(UNK)(UNK)(UNK)(UNK)(UNK)(UNK)(UNK)(UNK)(UNK)(UNK)(UNK)(UNK)(UNK)(UNK)(UNK)
(UNK)(UNK)(UNK)(UNK)(UNK)(UNK)(UNK)(UNK)(UNK)(UNK)(UNK)(UNK)(UNK)(UNK)(UNK)(UNK)
(UNK)(UNK)(UNK)(UNK)(UNK)(UNK)(UNK)(UNK)(UNK)(UNK)(UNK)(UNK)(UNK)(UNK)(UNK)(UNK)
(UNK)(UNK)(UNK)(UNK)(UNK)(UNK)(UNK)(UNK)
;
F,H
#
# COMPACT_ATOMS: atom_id res chain seq x y z
N THR A 1 -15.22 -54.67 -23.84
CA THR A 1 -16.28 -53.82 -24.36
C THR A 1 -15.70 -52.59 -25.03
N THR A 2 -14.45 -52.71 -25.46
CA THR A 2 -13.48 -51.64 -25.26
C THR A 2 -14.01 -50.23 -25.53
N ALA A 3 -14.21 -49.85 -26.79
CA ALA A 3 -14.85 -48.58 -27.13
C ALA A 3 -14.77 -48.31 -28.62
N LEU A 4 -15.63 -47.44 -29.15
CA LEU A 4 -15.57 -47.05 -30.55
C LEU A 4 -15.24 -45.56 -30.66
N VAL A 5 -14.24 -45.23 -31.47
CA VAL A 5 -13.84 -43.86 -31.73
C VAL A 5 -14.15 -43.55 -33.18
N CYS A 6 -15.09 -42.63 -33.41
CA CYS A 6 -15.47 -42.21 -34.75
C CYS A 6 -15.15 -40.73 -34.91
N ASP A 7 -14.15 -40.44 -35.76
CA ASP A 7 -13.78 -39.06 -36.08
C ASP A 7 -14.53 -38.66 -37.34
N ASN A 8 -15.61 -37.89 -37.17
CA ASN A 8 -16.46 -37.48 -38.28
C ASN A 8 -16.06 -36.07 -38.70
N GLY A 9 -15.06 -35.99 -39.58
CA GLY A 9 -14.71 -34.76 -40.22
C GLY A 9 -15.29 -34.70 -41.62
N SER A 10 -15.33 -33.50 -42.18
CA SER A 10 -15.64 -33.38 -43.60
C SER A 10 -14.52 -34.03 -44.42
N GLY A 11 -14.91 -34.81 -45.42
CA GLY A 11 -13.94 -35.41 -46.31
C GLY A 11 -13.51 -36.82 -45.96
N LEU A 12 -13.38 -37.13 -44.67
CA LEU A 12 -12.90 -38.43 -44.26
C LEU A 12 -13.54 -38.85 -42.95
N VAL A 13 -14.01 -40.09 -42.89
CA VAL A 13 -14.43 -40.72 -41.65
C VAL A 13 -13.28 -41.60 -41.17
N LYS A 14 -12.75 -41.30 -40.00
CA LYS A 14 -11.71 -42.11 -39.37
C LYS A 14 -12.32 -42.78 -38.15
N ALA A 15 -12.59 -44.08 -38.26
CA ALA A 15 -13.28 -44.83 -37.22
C ALA A 15 -12.52 -46.10 -36.90
N GLY A 16 -12.71 -46.61 -35.69
CA GLY A 16 -12.03 -47.81 -35.25
C GLY A 16 -12.19 -47.98 -33.75
N PHE A 17 -11.63 -49.07 -33.25
CA PHE A 17 -11.73 -49.36 -31.83
C PHE A 17 -10.72 -48.55 -31.03
N ALA A 18 -11.08 -48.27 -29.77
CA ALA A 18 -10.20 -47.54 -28.88
C ALA A 18 -9.01 -48.40 -28.45
N GLY A 19 -7.98 -47.74 -27.96
CA GLY A 19 -6.76 -48.41 -27.57
C GLY A 19 -5.90 -48.91 -28.71
N ASP A 20 -6.33 -48.74 -29.96
CA ASP A 20 -5.53 -49.15 -31.10
C ASP A 20 -4.66 -47.99 -31.58
N ASP A 21 -3.82 -48.28 -32.58
CA ASP A 21 -2.83 -47.32 -33.03
C ASP A 21 -3.31 -46.46 -34.21
N ALA A 22 -4.11 -47.04 -35.10
CA ALA A 22 -4.60 -46.33 -36.27
C ALA A 22 -6.05 -46.70 -36.49
N PRO A 23 -6.85 -45.78 -37.03
CA PRO A 23 -8.22 -46.15 -37.41
C PRO A 23 -8.18 -47.21 -38.50
N ARG A 24 -9.13 -48.15 -38.44
CA ARG A 24 -9.14 -49.24 -39.39
C ARG A 24 -9.95 -48.93 -40.64
N ALA A 25 -11.07 -48.24 -40.49
CA ALA A 25 -11.90 -47.82 -41.61
C ALA A 25 -11.68 -46.33 -41.82
N VAL A 26 -10.97 -45.98 -42.89
CA VAL A 26 -10.72 -44.60 -43.28
C VAL A 26 -11.25 -44.46 -44.70
N PHE A 27 -12.43 -43.86 -44.84
CA PHE A 27 -13.05 -43.70 -46.14
C PHE A 27 -13.72 -42.34 -46.22
N PRO A 28 -13.78 -41.77 -47.41
CA PRO A 28 -14.34 -40.44 -47.59
C PRO A 28 -15.82 -40.39 -47.24
N SER A 29 -16.24 -39.23 -46.73
CA SER A 29 -17.63 -39.01 -46.31
C SER A 29 -18.42 -38.49 -47.50
N ILE A 30 -18.85 -39.41 -48.37
CA ILE A 30 -19.64 -39.02 -49.52
C ILE A 30 -20.79 -40.01 -49.70
N VAL A 31 -21.89 -39.50 -50.23
CA VAL A 31 -23.03 -40.29 -50.63
C VAL A 31 -23.25 -40.03 -52.11
N GLY A 32 -22.72 -40.91 -52.96
CA GLY A 32 -22.92 -40.78 -54.39
C GLY A 32 -24.32 -41.20 -54.80
N ARG A 33 -24.84 -40.49 -55.81
CA ARG A 33 -26.15 -40.82 -56.35
C ARG A 33 -26.06 -40.82 -57.88
N PRO A 34 -26.57 -41.86 -58.54
CA PRO A 34 -26.45 -41.93 -60.00
C PRO A 34 -26.99 -40.66 -60.65
N ARG A 35 -26.16 -40.07 -61.51
CA ARG A 35 -26.57 -38.85 -62.20
C ARG A 35 -27.44 -39.16 -63.42
N HIS A 36 -27.11 -40.21 -64.19
CA HIS A 36 -27.85 -40.59 -65.39
C HIS A 36 -28.75 -41.76 -65.04
N GLN A 37 -30.04 -41.60 -65.26
CA GLN A 37 -30.98 -42.63 -64.84
C GLN A 37 -30.73 -43.88 -65.66
N GLY A 38 -29.87 -44.77 -65.13
CA GLY A 38 -29.46 -45.94 -65.86
C GLY A 38 -30.65 -46.69 -66.39
N VAL A 39 -30.84 -46.66 -67.72
CA VAL A 39 -32.06 -47.17 -68.35
C VAL A 39 -31.82 -48.64 -68.64
N MET A 40 -31.03 -49.27 -67.79
CA MET A 40 -30.69 -50.68 -67.90
C MET A 40 -31.40 -51.48 -66.80
N VAL A 41 -31.38 -52.81 -66.99
CA VAL A 41 -32.02 -53.75 -66.09
C VAL A 41 -30.95 -54.54 -65.36
N GLY A 42 -31.01 -54.55 -64.03
CA GLY A 42 -30.05 -55.26 -63.23
C GLY A 42 -29.03 -54.37 -62.58
N MET A 43 -28.62 -53.30 -63.29
CA MET A 43 -27.61 -52.38 -62.78
C MET A 43 -27.97 -51.93 -61.37
N GLY A 44 -27.15 -52.30 -60.40
CA GLY A 44 -27.39 -51.91 -59.03
C GLY A 44 -28.58 -52.62 -58.40
N GLN A 45 -29.69 -51.91 -58.22
CA GLN A 45 -29.82 -50.53 -58.69
C GLN A 45 -28.95 -49.61 -57.84
N LYS A 46 -28.78 -49.96 -56.57
CA LYS A 46 -27.93 -49.22 -55.64
C LYS A 46 -28.29 -47.74 -55.66
N ASP A 47 -29.54 -47.45 -55.29
CA ASP A 47 -30.04 -46.08 -55.33
C ASP A 47 -29.10 -45.10 -54.64
N SER A 48 -28.33 -45.57 -53.66
CA SER A 48 -27.37 -44.74 -52.96
C SER A 48 -26.07 -45.50 -52.77
N TYR A 49 -24.97 -44.88 -53.20
CA TYR A 49 -23.63 -45.36 -52.92
C TYR A 49 -23.02 -44.49 -51.80
N VAL A 50 -22.12 -45.08 -51.02
CA VAL A 50 -21.55 -44.39 -49.86
C VAL A 50 -20.09 -44.77 -49.73
N GLY A 51 -19.23 -43.77 -49.51
CA GLY A 51 -17.83 -44.04 -49.24
C GLY A 51 -17.10 -44.60 -50.44
N ASP A 52 -16.38 -45.70 -50.21
CA ASP A 52 -15.43 -46.21 -51.20
C ASP A 52 -16.13 -46.68 -52.47
N GLU A 53 -17.30 -47.33 -52.33
CA GLU A 53 -18.06 -47.75 -53.50
C GLU A 53 -18.45 -46.55 -54.35
N ALA A 54 -18.95 -45.50 -53.72
CA ALA A 54 -19.25 -44.28 -54.44
C ALA A 54 -18.00 -43.71 -55.12
N GLN A 55 -16.85 -43.80 -54.45
CA GLN A 55 -15.60 -43.32 -55.03
C GLN A 55 -15.24 -44.06 -56.30
N SER A 56 -15.38 -45.39 -56.26
CA SER A 56 -15.02 -46.19 -57.41
C SER A 56 -15.84 -45.76 -58.63
N LYS A 57 -17.13 -45.49 -58.43
CA LYS A 57 -18.02 -45.05 -59.51
C LYS A 57 -18.25 -43.55 -59.45
N ARG A 58 -17.19 -42.79 -59.70
CA ARG A 58 -17.33 -41.33 -59.69
C ARG A 58 -17.99 -40.82 -60.96
N GLY A 59 -17.68 -41.45 -62.10
CA GLY A 59 -18.20 -40.96 -63.37
C GLY A 59 -19.70 -41.09 -63.51
N ILE A 60 -20.30 -42.04 -62.81
CA ILE A 60 -21.76 -42.19 -62.84
C ILE A 60 -22.43 -41.29 -61.83
N LEU A 61 -21.82 -41.12 -60.66
CA LEU A 61 -22.52 -40.59 -59.50
C LEU A 61 -22.35 -39.10 -59.36
N THR A 62 -23.33 -38.48 -58.70
CA THR A 62 -23.18 -37.16 -58.11
C THR A 62 -22.68 -37.35 -56.68
N LEU A 63 -21.48 -36.87 -56.40
CA LEU A 63 -20.91 -36.98 -55.07
C LEU A 63 -21.39 -35.81 -54.22
N LYS A 64 -21.73 -36.09 -52.96
CA LYS A 64 -22.37 -35.12 -52.09
C LYS A 64 -21.81 -35.26 -50.68
N TYR A 65 -20.97 -34.32 -50.29
CA TYR A 65 -20.46 -34.28 -48.91
C TYR A 65 -21.61 -33.99 -47.96
N PRO A 66 -21.88 -34.84 -46.96
CA PRO A 66 -22.98 -34.59 -46.04
C PRO A 66 -22.68 -33.54 -44.97
N ILE A 67 -21.42 -33.14 -44.82
CA ILE A 67 -20.97 -32.29 -43.72
C ILE A 67 -20.10 -31.18 -44.30
N GLU A 68 -20.53 -29.93 -44.11
CA GLU A 68 -19.89 -28.76 -44.71
C GLU A 68 -19.42 -27.80 -43.62
N GLY A 70 -17.85 -28.54 -40.87
CA GLY A 70 -18.19 -29.07 -39.57
C GLY A 70 -19.68 -29.17 -39.30
N ILE A 71 -20.44 -28.29 -39.95
CA ILE A 71 -21.89 -28.31 -39.79
C ILE A 71 -22.47 -29.46 -40.58
N ILE A 72 -23.35 -30.23 -39.95
CA ILE A 72 -24.07 -31.29 -40.66
C ILE A 72 -25.15 -30.65 -41.53
N THR A 73 -25.03 -30.80 -42.83
CA THR A 73 -26.00 -30.21 -43.75
C THR A 73 -27.20 -31.14 -43.98
N ASN A 74 -26.94 -32.41 -44.29
CA ASN A 74 -27.99 -33.38 -44.58
C ASN A 74 -27.90 -34.52 -43.57
N TRP A 75 -29.01 -34.78 -42.89
CA TRP A 75 -28.97 -35.64 -41.71
C TRP A 75 -29.21 -37.12 -41.98
N ASP A 76 -29.86 -37.48 -43.08
CA ASP A 76 -29.97 -38.88 -43.42
C ASP A 76 -28.80 -39.38 -44.27
N ASP A 77 -28.13 -38.48 -45.00
CA ASP A 77 -26.87 -38.86 -45.62
C ASP A 77 -25.81 -39.15 -44.57
N MET A 78 -25.76 -38.32 -43.52
CA MET A 78 -24.89 -38.63 -42.39
C MET A 78 -25.24 -39.99 -41.79
N GLU A 79 -26.53 -40.19 -41.47
CA GLU A 79 -26.97 -41.50 -41.01
C GLU A 79 -26.50 -42.61 -41.94
N LYS A 80 -26.56 -42.37 -43.25
CA LYS A 80 -26.16 -43.40 -44.20
C LYS A 80 -24.72 -43.84 -43.99
N ILE A 81 -23.80 -42.88 -43.87
CA ILE A 81 -22.38 -43.24 -43.76
C ILE A 81 -22.07 -43.80 -42.38
N TRP A 82 -22.85 -43.41 -41.37
CA TRP A 82 -22.69 -44.03 -40.05
C TRP A 82 -23.11 -45.49 -40.07
N HIS A 83 -24.32 -45.77 -40.56
CA HIS A 83 -24.76 -47.16 -40.68
C HIS A 83 -23.77 -47.98 -41.48
N HIS A 84 -23.30 -47.43 -42.61
CA HIS A 84 -22.32 -48.13 -43.42
C HIS A 84 -21.03 -48.34 -42.64
N THR A 85 -20.65 -47.37 -41.81
CA THR A 85 -19.41 -47.48 -41.05
C THR A 85 -19.48 -48.57 -39.98
N PHE A 86 -20.66 -48.82 -39.43
CA PHE A 86 -20.82 -49.72 -38.29
C PHE A 86 -21.03 -51.17 -38.69
N TYR A 87 -21.54 -51.43 -39.89
CA TYR A 87 -21.92 -52.78 -40.28
C TYR A 87 -21.15 -53.34 -41.46
N ASN A 88 -20.43 -52.51 -42.21
CA ASN A 88 -19.73 -52.98 -43.39
C ASN A 88 -18.22 -52.71 -43.38
N GLU A 89 -17.71 -51.96 -42.42
CA GLU A 89 -16.26 -51.90 -42.16
C GLU A 89 -15.89 -52.31 -40.75
N LEU A 90 -16.60 -51.79 -39.74
CA LEU A 90 -16.33 -52.19 -38.37
C LEU A 90 -17.08 -53.45 -37.98
N ARG A 91 -18.16 -53.79 -38.68
CA ARG A 91 -18.79 -55.11 -38.51
C ARG A 91 -19.37 -55.29 -37.12
N VAL A 92 -19.72 -54.19 -36.46
CA VAL A 92 -19.88 -54.16 -35.01
C VAL A 92 -21.22 -53.56 -34.66
N ALA A 93 -22.01 -54.28 -33.87
CA ALA A 93 -23.24 -53.72 -33.33
C ALA A 93 -22.90 -52.63 -32.32
N PRO A 94 -23.42 -51.41 -32.47
CA PRO A 94 -23.09 -50.35 -31.53
C PRO A 94 -23.60 -50.60 -30.11
N GLU A 95 -24.44 -51.62 -29.91
CA GLU A 95 -24.99 -51.88 -28.59
C GLU A 95 -23.95 -52.43 -27.62
N GLU A 96 -22.87 -53.04 -28.13
CA GLU A 96 -21.83 -53.54 -27.26
C GLU A 96 -20.80 -52.49 -26.87
N HIS A 97 -20.73 -51.37 -27.59
CA HIS A 97 -19.65 -50.43 -27.41
C HIS A 97 -20.15 -49.03 -27.11
N PRO A 98 -19.60 -48.36 -26.11
CA PRO A 98 -19.78 -46.91 -26.00
C PRO A 98 -18.99 -46.23 -27.10
N THR A 99 -19.52 -45.10 -27.58
CA THR A 99 -19.01 -44.46 -28.78
C THR A 99 -18.58 -43.03 -28.47
N LEU A 100 -17.31 -42.75 -28.72
CA LEU A 100 -16.77 -41.39 -28.63
C LEU A 100 -16.84 -40.73 -29.99
N LEU A 101 -17.61 -39.65 -30.09
CA LEU A 101 -17.73 -38.90 -31.34
C LEU A 101 -16.87 -37.64 -31.28
N THR A 102 -16.68 -37.04 -32.45
CA THR A 102 -15.83 -35.88 -32.61
C THR A 102 -16.62 -34.73 -33.23
N GLU A 103 -16.15 -33.51 -32.99
CA GLU A 103 -16.76 -32.33 -33.60
C GLU A 103 -15.81 -31.16 -33.45
N ALA A 104 -16.00 -30.15 -34.29
CA ALA A 104 -15.19 -28.95 -34.24
C ALA A 104 -15.67 -28.03 -33.12
N PRO A 105 -14.78 -27.21 -32.57
CA PRO A 105 -15.20 -26.24 -31.56
C PRO A 105 -16.03 -25.12 -32.15
N LEU A 106 -16.80 -24.47 -31.28
CA LEU A 106 -17.57 -23.28 -31.64
C LEU A 106 -18.60 -23.59 -32.73
N ASN A 107 -19.12 -24.82 -32.72
CA ASN A 107 -20.04 -25.44 -33.67
C ASN A 107 -21.47 -25.31 -33.18
N PRO A 108 -22.41 -24.99 -34.11
CA PRO A 108 -23.83 -24.85 -33.73
C PRO A 108 -24.31 -25.93 -32.78
N LYS A 109 -25.21 -25.58 -31.86
CA LYS A 109 -25.78 -26.56 -30.93
C LYS A 109 -26.68 -27.57 -31.62
N ALA A 110 -26.88 -27.47 -32.94
CA ALA A 110 -27.70 -28.45 -33.64
C ALA A 110 -26.93 -29.72 -33.96
N ASN A 111 -25.59 -29.66 -33.95
CA ASN A 111 -24.80 -30.85 -34.26
C ASN A 111 -24.65 -31.78 -33.06
N ARG A 112 -24.49 -31.25 -31.84
CA ARG A 112 -24.33 -32.17 -30.71
C ARG A 112 -25.64 -32.81 -30.27
N GLU A 113 -26.77 -32.10 -30.43
CA GLU A 113 -28.03 -32.65 -29.94
C GLU A 113 -28.68 -33.59 -30.95
N LYS A 114 -28.63 -33.23 -32.23
CA LYS A 114 -29.13 -34.14 -33.26
C LYS A 114 -28.22 -35.35 -33.42
N MET A 115 -26.92 -35.17 -33.18
CA MET A 115 -25.96 -36.27 -33.33
C MET A 115 -26.17 -37.32 -32.24
N THR A 116 -26.29 -36.87 -31.00
CA THR A 116 -26.55 -37.79 -29.91
C THR A 116 -27.94 -38.41 -30.02
N GLN A 117 -28.93 -37.65 -30.51
CA GLN A 117 -30.28 -38.21 -30.60
C GLN A 117 -30.33 -39.32 -31.65
N ILE A 118 -29.51 -39.22 -32.70
CA ILE A 118 -29.41 -40.30 -33.70
C ILE A 118 -28.63 -41.48 -33.14
N MET A 119 -27.45 -41.22 -32.55
CA MET A 119 -26.61 -42.30 -32.04
C MET A 119 -27.39 -43.17 -31.09
N PHE A 120 -28.34 -42.54 -30.41
CA PHE A 120 -29.01 -43.07 -29.23
C PHE A 120 -30.26 -43.79 -29.61
N GLU A 121 -30.98 -43.22 -30.54
CA GLU A 121 -32.32 -43.68 -30.96
C GLU A 121 -32.34 -44.56 -32.22
N THR A 122 -31.59 -44.19 -33.26
CA THR A 122 -31.56 -45.00 -34.48
C THR A 122 -30.58 -46.15 -34.33
N PHE A 123 -29.31 -45.85 -34.08
CA PHE A 123 -28.46 -46.82 -33.43
C PHE A 123 -28.79 -46.85 -31.94
N ASN A 124 -28.41 -47.95 -31.28
CA ASN A 124 -28.60 -48.05 -29.83
C ASN A 124 -27.23 -48.17 -29.19
N VAL A 125 -26.82 -47.13 -28.47
CA VAL A 125 -25.50 -47.05 -27.85
C VAL A 125 -25.70 -47.03 -26.35
N PRO A 126 -25.00 -47.87 -25.57
CA PRO A 126 -25.08 -47.75 -24.12
C PRO A 126 -24.74 -46.35 -23.61
N ALA A 127 -23.62 -45.79 -24.05
CA ALA A 127 -23.24 -44.44 -23.66
C ALA A 127 -22.34 -43.85 -24.74
N MET A 128 -22.25 -42.52 -24.75
CA MET A 128 -21.49 -41.83 -25.79
C MET A 128 -20.94 -40.52 -25.23
N TYR A 129 -20.03 -39.92 -25.99
CA TYR A 129 -19.42 -38.65 -25.63
C TYR A 129 -19.01 -37.94 -26.92
N VAL A 130 -19.11 -36.62 -26.90
CA VAL A 130 -18.70 -35.78 -28.02
C VAL A 130 -17.59 -34.86 -27.52
N ALA A 131 -16.44 -34.92 -28.18
CA ALA A 131 -15.24 -34.23 -27.72
C ALA A 131 -14.76 -33.23 -28.75
N ILE A 132 -14.14 -32.16 -28.26
CA ILE A 132 -13.61 -31.09 -29.11
C ILE A 132 -12.30 -31.58 -29.73
N GLN A 133 -12.17 -31.40 -31.05
CA GLN A 133 -11.09 -32.05 -31.80
C GLN A 133 -9.72 -31.72 -31.23
N ALA A 134 -9.44 -30.43 -31.02
CA ALA A 134 -8.07 -30.02 -30.73
C ALA A 134 -7.55 -30.63 -29.42
N VAL A 135 -8.44 -30.88 -28.46
CA VAL A 135 -8.01 -31.48 -27.21
C VAL A 135 -7.55 -32.92 -27.43
N LEU A 136 -8.21 -33.63 -28.35
CA LEU A 136 -7.78 -34.99 -28.67
C LEU A 136 -6.42 -35.01 -29.34
N SER A 137 -6.17 -34.06 -30.25
CA SER A 137 -4.85 -33.98 -30.87
C SER A 137 -3.77 -33.69 -29.85
N LEU A 138 -4.09 -32.91 -28.81
CA LEU A 138 -3.12 -32.63 -27.76
C LEU A 138 -2.79 -33.88 -26.96
N TYR A 139 -3.80 -34.72 -26.70
CA TYR A 139 -3.53 -36.02 -26.08
C TYR A 139 -2.61 -36.86 -26.95
N ALA A 140 -2.80 -36.79 -28.27
CA ALA A 140 -1.97 -37.58 -29.18
C ALA A 140 -0.53 -37.13 -29.20
N SER A 141 -0.30 -35.83 -28.97
CA SER A 141 1.06 -35.34 -28.85
C SER A 141 1.71 -35.85 -27.57
N GLY A 142 0.92 -36.26 -26.59
CA GLY A 142 1.43 -36.67 -25.31
C GLY A 142 1.87 -35.47 -24.49
N ARG A 143 0.99 -34.47 -24.42
CA ARG A 143 1.34 -33.19 -23.80
C ARG A 143 0.08 -32.56 -23.24
N THR A 144 0.27 -31.67 -22.26
CA THR A 144 -0.85 -31.00 -21.62
C THR A 144 -0.97 -29.53 -21.96
N THR A 145 0.08 -28.91 -22.51
CA THR A 145 0.07 -27.50 -22.82
C THR A 145 0.46 -27.29 -24.28
N GLY A 146 -0.06 -26.21 -24.87
CA GLY A 146 0.21 -25.89 -26.25
C GLY A 146 -0.98 -25.26 -26.94
N ILE A 147 -0.81 -24.77 -28.15
CA ILE A 147 -1.90 -24.19 -28.94
C ILE A 147 -2.02 -25.01 -30.22
N VAL A 148 -3.17 -25.66 -30.39
CA VAL A 148 -3.38 -26.59 -31.49
C VAL A 148 -3.94 -25.84 -32.69
N LEU A 149 -3.31 -26.03 -33.85
CA LEU A 149 -3.88 -25.64 -35.12
C LEU A 149 -4.31 -26.92 -35.83
N ASP A 150 -5.61 -27.15 -35.89
CA ASP A 150 -6.19 -28.31 -36.57
C ASP A 150 -6.90 -27.84 -37.82
N SER A 151 -6.32 -28.13 -38.98
CA SER A 151 -6.89 -27.78 -40.27
C SER A 151 -7.28 -29.07 -40.98
N GLY A 152 -8.57 -29.34 -41.05
CA GLY A 152 -9.07 -30.49 -41.78
C GLY A 152 -9.68 -30.09 -43.10
N ASP A 153 -10.68 -30.83 -43.57
CA ASP A 153 -11.30 -30.49 -44.84
C ASP A 153 -12.34 -29.39 -44.71
N GLY A 154 -13.03 -29.33 -43.57
CA GLY A 154 -14.07 -28.33 -43.41
C GLY A 154 -13.63 -27.06 -42.72
N VAL A 155 -12.81 -27.19 -41.68
CA VAL A 155 -12.59 -26.10 -40.75
C VAL A 155 -11.15 -26.13 -40.24
N THR A 156 -10.62 -24.95 -39.94
CA THR A 156 -9.33 -24.79 -39.27
C THR A 156 -9.59 -24.14 -37.91
N HIS A 157 -8.98 -24.69 -36.87
CA HIS A 157 -9.16 -24.18 -35.51
C HIS A 157 -7.82 -23.80 -34.90
N ASN A 158 -7.90 -22.89 -33.93
CA ASN A 158 -6.83 -22.63 -32.99
C ASN A 158 -7.43 -22.75 -31.59
N VAL A 159 -6.93 -23.69 -30.81
CA VAL A 159 -7.42 -23.93 -29.45
C VAL A 159 -6.23 -23.84 -28.50
N PRO A 160 -6.03 -22.71 -27.84
CA PRO A 160 -4.97 -22.61 -26.83
C PRO A 160 -5.35 -23.39 -25.59
N ILE A 161 -4.37 -24.09 -25.03
CA ILE A 161 -4.58 -25.03 -23.94
C ILE A 161 -3.41 -24.90 -22.97
N TYR A 162 -3.69 -24.50 -21.73
CA TYR A 162 -2.64 -24.34 -20.74
C TYR A 162 -2.84 -25.29 -19.58
N GLU A 163 -1.86 -26.16 -19.36
CA GLU A 163 -1.78 -27.04 -18.18
C GLU A 163 -3.12 -27.71 -17.88
N GLY A 164 -3.56 -28.54 -18.81
CA GLY A 164 -4.94 -28.95 -18.69
C GLY A 164 -5.74 -27.81 -19.29
N TYR A 165 -6.21 -26.88 -18.46
CA TYR A 165 -7.47 -26.15 -18.60
C TYR A 165 -7.74 -25.74 -20.04
N ALA A 166 -8.71 -24.88 -20.29
CA ALA A 166 -8.81 -24.31 -21.63
C ALA A 166 -9.00 -22.81 -21.52
N LEU A 167 -9.06 -22.17 -22.68
CA LEU A 167 -9.29 -20.72 -22.80
C LEU A 167 -10.34 -20.54 -23.88
N PRO A 168 -11.62 -20.71 -23.53
CA PRO A 168 -12.68 -20.60 -24.54
C PRO A 168 -12.70 -19.27 -25.27
N HIS A 169 -12.38 -18.17 -24.58
CA HIS A 169 -12.42 -16.85 -25.21
C HIS A 169 -11.35 -16.68 -26.28
N ALA A 170 -10.34 -17.55 -26.31
CA ALA A 170 -9.26 -17.47 -27.28
C ALA A 170 -9.36 -18.49 -28.40
N ILE A 171 -10.40 -19.33 -28.38
CA ILE A 171 -10.59 -20.29 -29.46
C ILE A 171 -11.07 -19.56 -30.71
N MET A 172 -10.40 -19.82 -31.82
CA MET A 172 -10.60 -19.06 -33.05
C MET A 172 -10.81 -20.03 -34.20
N ARG A 173 -12.00 -20.03 -34.79
CA ARG A 173 -12.29 -20.90 -35.92
C ARG A 173 -12.30 -20.10 -37.21
N LEU A 174 -11.96 -20.78 -38.30
CA LEU A 174 -11.78 -20.14 -39.60
C LEU A 174 -12.11 -21.16 -40.68
N ASP A 175 -13.03 -20.80 -41.58
CA ASP A 175 -13.44 -21.71 -42.65
C ASP A 175 -12.48 -21.56 -43.83
N LEU A 176 -11.29 -22.12 -43.65
CA LEU A 176 -10.31 -22.33 -44.72
C LEU A 176 -9.79 -23.74 -44.56
N ALA A 177 -9.92 -24.57 -45.59
CA ALA A 177 -9.58 -25.97 -45.44
C ALA A 177 -9.45 -26.62 -46.81
N GLY A 178 -9.14 -27.91 -46.82
CA GLY A 178 -8.88 -28.62 -48.05
C GLY A 178 -9.99 -28.46 -49.08
N ARG A 179 -11.23 -28.32 -48.64
CA ARG A 179 -12.32 -28.13 -49.59
C ARG A 179 -12.25 -26.75 -50.23
N ASP A 180 -11.96 -25.71 -49.43
CA ASP A 180 -11.79 -24.38 -50.00
C ASP A 180 -10.53 -24.30 -50.86
N LEU A 181 -9.48 -25.04 -50.50
CA LEU A 181 -8.25 -24.99 -51.29
C LEU A 181 -8.40 -25.77 -52.60
N THR A 182 -9.18 -26.84 -52.60
CA THR A 182 -9.39 -27.61 -53.83
C THR A 182 -10.28 -26.86 -54.81
N ASP A 183 -11.22 -26.05 -54.30
CA ASP A 183 -12.01 -25.21 -55.19
C ASP A 183 -11.16 -24.08 -55.75
N TYR A 184 -10.33 -23.45 -54.91
CA TYR A 184 -9.44 -22.41 -55.44
C TYR A 184 -8.45 -23.00 -56.44
N LEU A 185 -7.91 -24.18 -56.15
CA LEU A 185 -7.10 -24.88 -57.14
C LEU A 185 -7.90 -25.19 -58.40
N MET A 186 -9.23 -25.26 -58.30
CA MET A 186 -10.06 -25.46 -59.47
C MET A 186 -9.94 -24.29 -60.44
N LYS A 187 -10.31 -23.10 -59.99
CA LYS A 187 -10.34 -21.93 -60.86
C LYS A 187 -8.95 -21.39 -61.17
N ILE A 188 -7.96 -21.69 -60.33
CA ILE A 188 -6.59 -21.34 -60.69
C ILE A 188 -6.04 -22.32 -61.71
N LEU A 189 -6.43 -23.58 -61.62
CA LEU A 189 -5.99 -24.58 -62.59
C LEU A 189 -6.56 -24.29 -63.97
N THR A 190 -7.75 -23.70 -64.04
CA THR A 190 -8.43 -23.48 -65.31
C THR A 190 -7.80 -22.37 -66.14
N GLU A 191 -6.84 -21.60 -65.60
CA GLU A 191 -6.12 -20.65 -66.42
C GLU A 191 -5.11 -21.33 -67.33
N ARG A 192 -4.76 -22.59 -67.05
CA ARG A 192 -3.98 -23.38 -67.97
C ARG A 192 -4.84 -24.05 -69.04
N GLY A 193 -6.16 -23.96 -68.93
CA GLY A 193 -7.07 -24.57 -69.87
C GLY A 193 -7.72 -25.84 -69.39
N TYR A 194 -7.24 -26.44 -68.30
CA TYR A 194 -7.80 -27.68 -67.78
C TYR A 194 -9.09 -27.36 -67.03
N SER A 195 -10.22 -27.76 -67.60
CA SER A 195 -11.52 -27.45 -67.03
C SER A 195 -12.03 -28.65 -66.24
N PHE A 196 -12.19 -28.48 -64.93
CA PHE A 196 -12.80 -29.47 -64.06
C PHE A 196 -14.03 -28.83 -63.43
N VAL A 197 -15.21 -29.22 -63.90
CA VAL A 197 -16.46 -28.58 -63.52
C VAL A 197 -17.22 -29.43 -62.52
N THR A 198 -17.12 -30.75 -62.67
CA THR A 198 -17.98 -31.70 -61.98
C THR A 198 -17.42 -32.08 -60.61
N THR A 199 -18.30 -32.65 -59.78
CA THR A 199 -17.90 -33.07 -58.44
C THR A 199 -16.92 -34.23 -58.51
N ALA A 200 -17.10 -35.15 -59.46
CA ALA A 200 -16.15 -36.25 -59.61
C ALA A 200 -14.75 -35.73 -59.91
N GLU A 201 -14.65 -34.70 -60.77
CA GLU A 201 -13.36 -34.12 -61.08
C GLU A 201 -12.78 -33.34 -59.90
N ARG A 202 -13.64 -32.78 -59.05
CA ARG A 202 -13.16 -32.10 -57.85
C ARG A 202 -12.29 -33.01 -57.00
N GLU A 203 -12.67 -34.28 -56.90
CA GLU A 203 -11.87 -35.22 -56.11
C GLU A 203 -10.60 -35.63 -56.84
N ILE A 204 -10.57 -35.52 -58.16
CA ILE A 204 -9.32 -35.67 -58.89
C ILE A 204 -8.36 -34.55 -58.51
N VAL A 205 -8.82 -33.30 -58.56
CA VAL A 205 -7.96 -32.18 -58.18
C VAL A 205 -7.56 -32.28 -56.71
N ARG A 206 -8.48 -32.77 -55.87
CA ARG A 206 -8.09 -33.06 -54.49
C ARG A 206 -6.90 -34.00 -54.45
N ASP A 207 -6.86 -34.96 -55.38
CA ASP A 207 -5.71 -35.86 -55.48
C ASP A 207 -4.46 -35.10 -55.94
N ILE A 208 -4.60 -34.23 -56.94
CA ILE A 208 -3.47 -33.44 -57.39
C ILE A 208 -2.92 -32.59 -56.26
N LYS A 209 -3.82 -31.97 -55.49
CA LYS A 209 -3.40 -31.14 -54.37
C LYS A 209 -2.63 -31.95 -53.33
N GLU A 210 -3.11 -33.16 -53.03
CA GLU A 210 -2.46 -33.96 -52.00
C GLU A 210 -1.03 -34.33 -52.38
N LYS A 211 -0.79 -34.66 -53.65
CA LYS A 211 0.54 -35.08 -54.06
C LYS A 211 1.47 -33.90 -54.36
N LEU A 212 1.09 -33.06 -55.32
CA LEU A 212 2.05 -32.13 -55.90
C LEU A 212 2.22 -30.87 -55.05
N CYS A 213 1.12 -30.33 -54.52
CA CYS A 213 1.14 -28.99 -53.93
C CYS A 213 2.04 -28.93 -52.71
N TYR A 214 2.62 -27.74 -52.48
CA TYR A 214 3.56 -27.52 -51.39
C TYR A 214 3.52 -26.04 -51.02
N VAL A 215 3.88 -25.74 -49.78
CA VAL A 215 3.83 -24.39 -49.24
C VAL A 215 5.23 -23.79 -49.32
N ALA A 216 5.36 -22.75 -50.12
CA ALA A 216 6.64 -22.07 -50.29
C ALA A 216 7.12 -21.45 -48.98
N LEU A 217 8.42 -21.56 -48.73
CA LEU A 217 9.02 -20.73 -47.69
C LEU A 217 8.79 -19.25 -48.00
N ASP A 218 9.09 -18.85 -49.24
CA ASP A 218 8.70 -17.55 -49.77
C ASP A 218 8.08 -17.75 -51.14
N PHE A 219 6.81 -17.35 -51.27
CA PHE A 219 6.10 -17.56 -52.53
C PHE A 219 6.69 -16.75 -53.67
N GLU A 220 7.17 -15.54 -53.38
CA GLU A 220 7.82 -14.73 -54.39
C GLU A 220 9.05 -15.43 -54.93
N ASN A 221 9.85 -16.04 -54.05
CA ASN A 221 10.98 -16.84 -54.50
C ASN A 221 10.52 -17.97 -55.40
N GLU A 222 9.43 -18.64 -55.02
CA GLU A 222 8.90 -19.72 -55.85
C GLU A 222 8.48 -19.19 -57.21
N MET A 223 7.83 -18.02 -57.23
CA MET A 223 7.43 -17.40 -58.49
C MET A 223 8.64 -17.14 -59.37
N ALA A 224 9.74 -16.62 -58.78
CA ALA A 224 10.94 -16.35 -59.55
C ALA A 224 11.50 -17.62 -60.16
N THR A 225 11.66 -18.67 -59.35
CA THR A 225 12.13 -19.93 -59.91
C THR A 225 11.15 -20.45 -60.97
N ALA A 226 9.86 -20.11 -60.85
CA ALA A 226 8.85 -20.64 -61.77
C ALA A 226 8.92 -19.98 -63.13
N ALA A 227 9.21 -18.67 -63.18
CA ALA A 227 9.24 -17.96 -64.46
C ALA A 227 10.11 -18.70 -65.47
N SER A 228 11.29 -19.14 -65.05
CA SER A 228 12.10 -20.10 -65.80
C SER A 228 11.79 -21.48 -65.22
N SER A 229 10.88 -22.19 -65.87
CA SER A 229 10.21 -23.36 -65.30
C SER A 229 11.14 -24.57 -65.26
N SER A 230 11.88 -24.74 -64.17
CA SER A 230 12.83 -25.85 -64.08
C SER A 230 12.30 -27.02 -63.25
N SER A 231 12.06 -26.81 -61.96
CA SER A 231 11.53 -27.86 -61.10
C SER A 231 10.10 -27.59 -60.67
N LEU A 232 9.59 -26.39 -60.92
CA LEU A 232 8.28 -26.01 -60.42
C LEU A 232 7.13 -26.57 -61.24
N GLU A 233 7.37 -26.91 -62.51
CA GLU A 233 6.35 -27.57 -63.32
C GLU A 233 6.57 -29.07 -63.21
N LYS A 234 5.53 -29.78 -62.77
CA LYS A 234 5.57 -31.23 -62.68
C LYS A 234 4.42 -31.82 -63.48
N SER A 235 4.63 -33.04 -63.95
CA SER A 235 3.65 -33.73 -64.79
C SER A 235 2.85 -34.68 -63.91
N TYR A 236 1.53 -34.46 -63.86
CA TYR A 236 0.60 -35.36 -63.20
C TYR A 236 -0.28 -36.02 -64.25
N GLU A 237 -0.63 -37.28 -64.00
CA GLU A 237 -1.41 -38.08 -64.94
C GLU A 237 -2.77 -38.38 -64.33
N LEU A 238 -3.84 -38.02 -65.05
CA LEU A 238 -5.20 -38.29 -64.63
C LEU A 238 -5.50 -39.78 -64.75
N PRO A 239 -6.68 -40.22 -64.30
CA PRO A 239 -7.10 -41.60 -64.60
C PRO A 239 -7.49 -41.81 -66.05
N ASP A 240 -7.80 -40.74 -66.78
CA ASP A 240 -8.16 -40.85 -68.19
C ASP A 240 -6.93 -41.17 -69.05
N GLY A 241 -5.80 -40.55 -68.74
CA GLY A 241 -4.59 -40.78 -69.52
C GLY A 241 -3.93 -39.49 -69.97
N GLN A 242 -4.64 -38.37 -69.85
CA GLN A 242 -4.10 -37.08 -70.25
C GLN A 242 -3.04 -36.62 -69.26
N VAL A 243 -2.24 -35.64 -69.70
CA VAL A 243 -1.10 -35.15 -68.93
C VAL A 243 -1.34 -33.70 -68.57
N ILE A 244 -1.44 -33.42 -67.26
CA ILE A 244 -1.53 -32.07 -66.74
C ILE A 244 -0.13 -31.62 -66.33
N THR A 245 0.19 -30.36 -66.61
CA THR A 245 1.46 -29.76 -66.22
C THR A 245 1.18 -28.50 -65.43
N ILE A 246 1.51 -28.51 -64.14
CA ILE A 246 1.20 -27.40 -63.24
C ILE A 246 2.49 -26.88 -62.64
N GLY A 247 2.72 -25.58 -62.80
CA GLY A 247 3.93 -24.92 -62.32
C GLY A 247 3.70 -24.15 -61.04
N ASN A 248 3.52 -22.84 -61.15
CA ASN A 248 3.28 -22.02 -59.96
C ASN A 248 1.97 -22.37 -59.26
N GLU A 249 1.00 -22.95 -59.99
CA GLU A 249 -0.23 -23.40 -59.36
C GLU A 249 0.03 -24.41 -58.26
N ARG A 250 1.16 -25.11 -58.32
CA ARG A 250 1.46 -26.11 -57.30
C ARG A 250 1.55 -25.48 -55.92
N PHE A 251 2.19 -24.33 -55.84
CA PHE A 251 2.43 -23.72 -54.55
C PHE A 251 1.43 -22.62 -54.20
N ARG A 252 0.93 -21.87 -55.19
CA ARG A 252 0.00 -20.78 -54.91
C ARG A 252 -1.39 -21.27 -54.46
N CYS A 253 -1.69 -22.57 -54.58
CA CYS A 253 -2.93 -23.08 -53.99
C CYS A 253 -2.85 -23.05 -52.47
N PRO A 254 -1.87 -23.69 -51.83
CA PRO A 254 -1.81 -23.62 -50.36
C PRO A 254 -1.43 -22.24 -49.81
N GLU A 255 -0.88 -21.34 -50.64
CA GLU A 255 -0.64 -19.97 -50.15
C GLU A 255 -1.93 -19.32 -49.67
N THR A 256 -3.08 -19.91 -49.99
CA THR A 256 -4.35 -19.34 -49.57
C THR A 256 -4.52 -19.39 -48.06
N LEU A 257 -3.91 -20.38 -47.39
CA LEU A 257 -4.00 -20.45 -45.95
C LEU A 257 -3.35 -19.24 -45.29
N PHE A 258 -2.30 -18.69 -45.91
CA PHE A 258 -1.59 -17.54 -45.37
C PHE A 258 -2.03 -16.23 -46.01
N GLN A 259 -2.71 -16.29 -47.16
CA GLN A 259 -3.25 -15.12 -47.82
C GLN A 259 -4.69 -15.43 -48.23
N PRO A 260 -5.62 -15.45 -47.27
CA PRO A 260 -7.03 -15.71 -47.61
C PRO A 260 -7.61 -14.70 -48.59
N SER A 261 -6.89 -13.62 -48.90
CA SER A 261 -7.36 -12.65 -49.88
C SER A 261 -7.44 -13.22 -51.29
N PHE A 262 -6.88 -14.42 -51.52
CA PHE A 262 -7.01 -15.05 -52.83
C PHE A 262 -8.39 -15.63 -53.05
N ILE A 263 -9.07 -16.05 -51.98
CA ILE A 263 -10.46 -16.50 -52.07
C ILE A 263 -11.44 -15.36 -51.85
N GLY A 264 -10.96 -14.17 -51.50
CA GLY A 264 -11.85 -13.05 -51.23
C GLY A 264 -12.42 -13.05 -49.83
N MET A 265 -11.64 -13.46 -48.84
CA MET A 265 -12.05 -13.43 -47.44
C MET A 265 -11.13 -12.48 -46.68
N GLU A 266 -11.71 -11.70 -45.77
CA GLU A 266 -10.93 -10.73 -45.00
C GLU A 266 -10.14 -11.38 -43.87
N SER A 267 -10.50 -12.61 -43.47
CA SER A 267 -9.84 -13.24 -42.33
C SER A 267 -8.33 -13.27 -42.54
N ALA A 268 -7.60 -13.01 -41.46
CA ALA A 268 -6.15 -13.10 -41.52
C ALA A 268 -5.71 -14.53 -41.79
N GLY A 269 -4.51 -14.67 -42.33
CA GLY A 269 -3.93 -15.98 -42.55
C GLY A 269 -3.78 -16.76 -41.26
N ILE A 270 -3.55 -18.07 -41.41
CA ILE A 270 -3.48 -18.94 -40.25
C ILE A 270 -2.33 -18.62 -39.31
N HIS A 271 -1.37 -17.81 -39.75
CA HIS A 271 -0.30 -17.39 -38.85
C HIS A 271 -0.67 -16.16 -38.03
N GLU A 272 -1.55 -15.30 -38.55
CA GLU A 272 -2.05 -14.19 -37.76
C GLU A 272 -3.20 -14.59 -36.84
N THR A 273 -3.85 -15.72 -37.11
CA THR A 273 -4.90 -16.21 -36.21
C THR A 273 -4.32 -17.03 -35.05
N THR A 274 -3.26 -17.79 -35.31
CA THR A 274 -2.54 -18.42 -34.21
C THR A 274 -1.79 -17.37 -33.39
N TYR A 275 -1.26 -16.34 -34.05
CA TYR A 275 -0.66 -15.24 -33.32
C TYR A 275 -1.71 -14.47 -32.53
N ASN A 276 -2.85 -14.18 -33.18
CA ASN A 276 -3.91 -13.45 -32.50
C ASN A 276 -4.52 -14.26 -31.35
N SER A 277 -4.57 -15.58 -31.50
CA SER A 277 -5.05 -16.42 -30.41
C SER A 277 -4.13 -16.34 -29.19
N ILE A 278 -2.82 -16.38 -29.42
CA ILE A 278 -1.88 -16.25 -28.32
C ILE A 278 -1.98 -14.86 -27.69
N MET A 279 -2.36 -13.86 -28.49
CA MET A 279 -2.53 -12.51 -27.94
C MET A 279 -3.65 -12.50 -26.90
N LYS A 280 -4.82 -13.04 -27.26
CA LYS A 280 -5.95 -13.03 -26.34
C LYS A 280 -5.68 -13.77 -25.05
N CYS A 281 -4.61 -14.56 -24.99
CA CYS A 281 -4.28 -15.30 -23.78
C CYS A 281 -3.57 -14.41 -22.77
N ASP A 282 -3.64 -14.82 -21.51
CA ASP A 282 -3.05 -14.04 -20.43
C ASP A 282 -1.54 -13.98 -20.60
N ILE A 283 -0.96 -12.84 -20.23
CA ILE A 283 0.45 -12.56 -20.50
C ILE A 283 1.39 -13.64 -19.94
N ASP A 284 0.94 -14.37 -18.94
CA ASP A 284 1.85 -15.31 -18.26
C ASP A 284 2.14 -16.53 -19.12
N ILE A 285 1.13 -17.09 -19.78
CA ILE A 285 1.25 -18.41 -20.39
C ILE A 285 1.62 -18.35 -21.87
N ARG A 286 1.82 -17.16 -22.42
CA ARG A 286 2.05 -17.05 -23.86
C ARG A 286 3.39 -17.66 -24.27
N LYS A 287 4.39 -17.64 -23.40
CA LYS A 287 5.68 -18.21 -23.77
C LYS A 287 5.59 -19.71 -23.98
N ASP A 288 4.72 -20.39 -23.22
CA ASP A 288 4.55 -21.83 -23.42
C ASP A 288 3.76 -22.13 -24.68
N LEU A 289 2.79 -21.28 -25.02
CA LEU A 289 2.02 -21.50 -26.25
C LEU A 289 2.88 -21.25 -27.48
N TYR A 290 3.71 -20.20 -27.46
CA TYR A 290 4.65 -19.96 -28.55
C TYR A 290 5.56 -21.17 -28.76
N ALA A 291 6.00 -21.79 -27.68
CA ALA A 291 6.98 -22.88 -27.79
C ALA A 291 6.34 -24.19 -28.19
N ASN A 292 5.06 -24.40 -27.87
CA ASN A 292 4.45 -25.72 -27.93
C ASN A 292 3.35 -25.85 -28.98
N ASN A 293 3.27 -24.92 -29.94
CA ASN A 293 2.10 -24.94 -30.82
C ASN A 293 2.13 -26.18 -31.70
N VAL A 294 0.99 -26.89 -31.72
CA VAL A 294 0.87 -28.22 -32.31
C VAL A 294 0.08 -28.12 -33.61
N LEU A 295 0.25 -29.13 -34.46
CA LEU A 295 -0.43 -29.18 -35.75
C LEU A 295 -1.09 -30.54 -35.95
N SER A 296 -2.25 -30.50 -36.61
CA SER A 296 -3.05 -31.70 -36.85
C SER A 296 -3.87 -31.50 -38.11
N GLY A 297 -4.32 -32.61 -38.69
CA GLY A 297 -5.27 -32.55 -39.78
C GLY A 297 -4.63 -32.73 -41.15
N GLY A 298 -5.46 -33.16 -42.11
CA GLY A 298 -4.96 -33.40 -43.45
C GLY A 298 -4.41 -32.17 -44.13
N THR A 299 -4.98 -31.00 -43.85
CA THR A 299 -4.53 -29.76 -44.47
C THR A 299 -3.26 -29.21 -43.82
N THR A 300 -2.70 -29.92 -42.85
CA THR A 300 -1.37 -29.62 -42.33
C THR A 300 -0.29 -30.44 -43.02
N MET A 301 -0.65 -31.25 -44.02
CA MET A 301 0.26 -32.21 -44.62
C MET A 301 1.04 -31.65 -45.80
N TYR A 302 0.73 -30.44 -46.27
CA TYR A 302 1.50 -29.86 -47.36
C TYR A 302 2.96 -29.73 -46.95
N PRO A 303 3.90 -30.26 -47.72
CA PRO A 303 5.32 -30.06 -47.40
C PRO A 303 5.68 -28.59 -47.39
N GLY A 304 6.40 -28.17 -46.35
CA GLY A 304 6.84 -26.79 -46.21
C GLY A 304 6.00 -25.94 -45.27
N ILE A 305 4.94 -26.49 -44.70
CA ILE A 305 4.02 -25.69 -43.88
C ILE A 305 4.69 -25.26 -42.58
N ALA A 306 5.30 -26.21 -41.86
CA ALA A 306 5.88 -25.90 -40.56
C ALA A 306 6.96 -24.83 -40.68
N ASP A 307 7.78 -24.89 -41.72
CA ASP A 307 8.84 -23.90 -41.86
C ASP A 307 8.28 -22.51 -42.14
N ARG A 308 7.26 -22.42 -43.01
CA ARG A 308 6.65 -21.12 -43.27
C ARG A 308 5.98 -20.57 -42.02
N MET A 309 5.35 -21.45 -41.24
CA MET A 309 4.77 -21.01 -39.97
C MET A 309 5.84 -20.43 -39.05
N GLN A 310 7.00 -21.08 -38.97
CA GLN A 310 8.05 -20.59 -38.08
C GLN A 310 8.63 -19.27 -38.57
N LYS A 311 8.72 -19.05 -39.88
CA LYS A 311 9.18 -17.75 -40.36
C LYS A 311 8.17 -16.65 -40.06
N GLU A 312 6.88 -16.94 -40.22
CA GLU A 312 5.87 -15.90 -40.12
C GLU A 312 5.47 -15.62 -38.68
N ILE A 313 5.33 -16.66 -37.85
CA ILE A 313 5.03 -16.41 -36.45
C ILE A 313 6.24 -15.81 -35.73
N THR A 314 7.45 -16.17 -36.15
CA THR A 314 8.64 -15.54 -35.59
C THR A 314 8.79 -14.09 -36.03
N ALA A 315 8.11 -13.69 -37.11
CA ALA A 315 8.14 -12.30 -37.55
C ALA A 315 7.09 -11.44 -36.86
N LEU A 316 6.01 -12.04 -36.39
CA LEU A 316 4.99 -11.30 -35.65
C LEU A 316 5.26 -11.29 -34.15
N ALA A 317 5.92 -12.34 -33.62
CA ALA A 317 6.14 -12.40 -32.19
C ALA A 317 7.50 -11.78 -31.83
N PRO A 318 7.61 -11.23 -30.62
CA PRO A 318 8.87 -10.58 -30.22
C PRO A 318 10.03 -11.56 -30.36
N SER A 319 11.07 -11.12 -31.08
CA SER A 319 12.15 -12.02 -31.47
C SER A 319 12.96 -12.54 -30.29
N THR A 320 12.69 -12.09 -29.06
CA THR A 320 13.48 -12.51 -27.91
C THR A 320 13.11 -13.90 -27.39
N MET A 321 12.07 -14.53 -27.92
CA MET A 321 11.59 -15.78 -27.36
C MET A 321 11.46 -16.84 -28.45
N LYS A 322 11.62 -18.10 -28.04
CA LYS A 322 11.78 -19.21 -28.97
C LYS A 322 10.42 -19.75 -29.39
N ILE A 323 10.19 -19.78 -30.70
CA ILE A 323 8.96 -20.34 -31.26
C ILE A 323 9.27 -21.69 -31.88
N LYS A 324 9.11 -22.75 -31.11
CA LYS A 324 9.24 -24.11 -31.62
C LYS A 324 7.88 -24.61 -32.07
N ILE A 325 7.82 -25.16 -33.28
CA ILE A 325 6.59 -25.73 -33.81
C ILE A 325 6.79 -27.24 -33.92
N ILE A 326 5.86 -27.99 -33.35
CA ILE A 326 5.95 -29.44 -33.32
C ILE A 326 4.88 -30.00 -34.24
N ALA A 327 5.32 -30.62 -35.33
CA ALA A 327 4.43 -31.14 -36.36
C ALA A 327 4.90 -32.56 -36.63
N PRO A 328 4.39 -33.54 -35.90
CA PRO A 328 4.87 -34.91 -36.04
C PRO A 328 4.26 -35.58 -37.27
N PRO A 329 5.02 -36.46 -37.91
CA PRO A 329 4.44 -37.36 -38.92
C PRO A 329 3.30 -38.17 -38.32
N GLU A 330 2.35 -38.56 -39.19
CA GLU A 330 1.19 -39.34 -38.78
C GLU A 330 0.10 -38.48 -38.14
N ARG A 331 0.04 -37.20 -38.53
CA ARG A 331 -0.96 -36.29 -37.99
C ARG A 331 -2.36 -36.89 -38.03
N LYS A 332 -2.82 -37.28 -39.22
CA LYS A 332 -4.17 -37.83 -39.35
C LYS A 332 -4.39 -38.97 -38.36
N TYR A 333 -3.39 -39.84 -38.21
CA TYR A 333 -3.45 -40.88 -37.18
C TYR A 333 -3.37 -40.26 -35.80
N SER A 334 -2.60 -39.18 -35.65
CA SER A 334 -2.35 -38.62 -34.33
C SER A 334 -3.64 -38.16 -33.66
N VAL A 335 -4.51 -37.46 -34.40
CA VAL A 335 -5.75 -36.97 -33.82
C VAL A 335 -6.55 -38.12 -33.22
N TRP A 336 -6.60 -39.25 -33.93
CA TRP A 336 -7.34 -40.40 -33.45
C TRP A 336 -6.74 -40.95 -32.14
N ILE A 337 -5.41 -40.91 -32.03
CA ILE A 337 -4.73 -41.51 -30.89
C ILE A 337 -5.10 -40.80 -29.60
N GLY A 338 -5.17 -39.46 -29.64
CA GLY A 338 -5.51 -38.71 -28.45
C GLY A 338 -6.90 -39.05 -27.92
N GLY A 339 -7.86 -39.26 -28.82
CA GLY A 339 -9.17 -39.68 -28.38
C GLY A 339 -9.17 -41.07 -27.80
N SER A 340 -8.39 -41.98 -28.39
CA SER A 340 -8.34 -43.35 -27.92
C SER A 340 -7.76 -43.43 -26.51
N ILE A 341 -6.71 -42.64 -26.23
CA ILE A 341 -6.13 -42.64 -24.89
C ILE A 341 -7.17 -42.23 -23.85
N LEU A 342 -7.98 -41.22 -24.16
CA LEU A 342 -9.00 -40.77 -23.22
C LEU A 342 -10.00 -41.87 -22.92
N ALA A 343 -10.44 -42.60 -23.95
CA ALA A 343 -11.26 -43.80 -23.71
C ALA A 343 -10.49 -44.81 -22.87
N SER A 344 -9.18 -44.94 -23.13
CA SER A 344 -8.36 -45.86 -22.35
C SER A 344 -8.28 -45.43 -20.89
N LEU A 345 -8.30 -44.12 -20.62
CA LEU A 345 -8.04 -43.62 -19.28
C LEU A 345 -9.07 -44.11 -18.28
N SER A 346 -8.60 -44.46 -17.08
CA SER A 346 -9.42 -44.93 -15.97
C SER A 346 -10.08 -43.79 -15.21
N THR A 347 -10.14 -42.61 -15.80
CA THR A 347 -10.79 -41.46 -15.19
C THR A 347 -11.83 -40.81 -16.08
N PHE A 348 -11.83 -41.12 -17.39
CA PHE A 348 -12.82 -40.61 -18.32
C PHE A 348 -14.09 -41.46 -18.37
N GLN A 349 -14.03 -42.70 -17.87
CA GLN A 349 -15.19 -43.57 -17.93
C GLN A 349 -16.36 -43.06 -17.10
N GLN A 350 -16.15 -42.07 -16.23
CA GLN A 350 -17.25 -41.45 -15.53
C GLN A 350 -17.99 -40.43 -16.38
N MET A 351 -17.33 -39.88 -17.40
CA MET A 351 -17.89 -38.78 -18.18
C MET A 351 -18.74 -39.25 -19.36
N TRP A 352 -18.81 -40.54 -19.64
CA TRP A 352 -19.72 -41.02 -20.66
C TRP A 352 -21.13 -40.53 -20.38
N ILE A 353 -21.88 -40.23 -21.45
CA ILE A 353 -23.28 -39.85 -21.34
C ILE A 353 -24.10 -41.10 -21.68
N SER A 354 -24.68 -41.74 -20.66
CA SER A 354 -25.47 -42.94 -20.90
C SER A 354 -26.64 -42.64 -21.83
N LYS A 355 -26.94 -43.60 -22.74
CA LYS A 355 -28.10 -43.48 -23.63
C LYS A 355 -29.38 -43.31 -22.86
N GLN A 356 -29.62 -44.19 -21.89
CA GLN A 356 -30.76 -43.99 -21.01
C GLN A 356 -30.66 -42.63 -20.31
N GLU A 357 -29.48 -42.28 -19.82
CA GLU A 357 -29.29 -40.99 -19.16
C GLU A 357 -29.53 -39.83 -20.12
N TYR A 358 -29.13 -40.00 -21.38
CA TYR A 358 -29.16 -38.89 -22.34
C TYR A 358 -30.57 -38.39 -22.60
N ASP A 359 -31.53 -39.30 -22.75
CA ASP A 359 -32.89 -38.88 -23.01
C ASP A 359 -33.40 -38.00 -21.89
N GLU A 360 -33.15 -38.41 -20.64
CA GLU A 360 -33.49 -37.56 -19.50
C GLU A 360 -32.62 -36.31 -19.48
N ALA A 361 -31.34 -36.46 -19.86
CA ALA A 361 -30.40 -35.35 -19.75
C ALA A 361 -30.73 -34.24 -20.75
N GLY A 362 -31.09 -34.60 -21.97
CA GLY A 362 -31.45 -33.61 -22.97
C GLY A 362 -30.25 -33.09 -23.73
N PRO A 363 -30.48 -32.20 -24.70
CA PRO A 363 -29.34 -31.66 -25.45
C PRO A 363 -28.38 -30.87 -24.59
N SER A 364 -28.91 -30.09 -23.64
CA SER A 364 -28.10 -29.11 -22.92
C SER A 364 -27.00 -29.78 -22.09
N ILE A 365 -27.30 -30.92 -21.47
CA ILE A 365 -26.31 -31.58 -20.62
C ILE A 365 -25.08 -31.95 -21.42
N VAL A 366 -25.27 -32.43 -22.65
CA VAL A 366 -24.15 -32.88 -23.46
C VAL A 366 -23.20 -31.73 -23.74
N HIS A 367 -23.75 -30.55 -24.00
CA HIS A 367 -22.96 -29.35 -24.28
C HIS A 367 -22.39 -28.75 -22.99
N THR B 1 -18.31 33.32 -32.43
CA THR B 1 -17.16 32.45 -32.62
C THR B 1 -17.40 31.11 -31.96
N THR B 2 -18.67 30.77 -31.77
CA THR B 2 -19.12 30.16 -30.52
C THR B 2 -18.19 29.08 -29.97
N ALA B 3 -18.16 27.89 -30.56
CA ALA B 3 -17.19 26.86 -30.18
C ALA B 3 -17.53 25.54 -30.88
N LEU B 4 -16.56 24.64 -30.99
CA LEU B 4 -16.78 23.31 -31.54
C LEU B 4 -16.57 22.25 -30.47
N VAL B 5 -17.55 21.36 -30.32
CA VAL B 5 -17.47 20.25 -29.39
C VAL B 5 -17.43 18.96 -30.20
N CYS B 6 -16.30 18.25 -30.11
CA CYS B 6 -16.10 16.98 -30.81
C CYS B 6 -15.90 15.88 -29.78
N ASP B 7 -16.88 14.99 -29.67
CA ASP B 7 -16.81 13.83 -28.79
C ASP B 7 -16.27 12.66 -29.61
N ASN B 8 -14.99 12.36 -29.44
CA ASN B 8 -14.33 11.31 -30.20
C ASN B 8 -14.28 10.05 -29.34
N GLY B 9 -15.35 9.27 -29.40
CA GLY B 9 -15.37 7.95 -28.81
C GLY B 9 -15.15 6.89 -29.88
N SER B 10 -14.81 5.70 -29.43
CA SER B 10 -14.81 4.56 -30.33
C SER B 10 -16.23 4.28 -30.80
N GLY B 11 -16.40 4.06 -32.10
CA GLY B 11 -17.70 3.71 -32.63
C GLY B 11 -18.52 4.85 -33.19
N LEU B 12 -18.45 6.02 -32.55
CA LEU B 12 -19.26 7.15 -32.99
C LEU B 12 -18.52 8.46 -32.73
N VAL B 13 -18.54 9.34 -33.73
CA VAL B 13 -18.10 10.72 -33.57
C VAL B 13 -19.35 11.58 -33.39
N LYS B 14 -19.45 12.24 -32.25
CA LYS B 14 -20.53 13.18 -31.97
C LYS B 14 -19.94 14.58 -31.93
N ALA B 15 -20.18 15.35 -32.99
CA ALA B 15 -19.59 16.67 -33.15
C ALA B 15 -20.67 17.68 -33.49
N GLY B 16 -20.41 18.93 -33.17
CA GLY B 16 -21.35 20.01 -33.42
C GLY B 16 -20.92 21.27 -32.69
N PHE B 17 -21.70 22.32 -32.88
CA PHE B 17 -21.39 23.60 -32.25
C PHE B 17 -21.82 23.62 -30.80
N ALA B 18 -21.10 24.41 -30.00
CA ALA B 18 -21.44 24.55 -28.59
C ALA B 18 -22.72 25.36 -28.41
N GLY B 19 -23.31 25.23 -27.23
CA GLY B 19 -24.56 25.89 -26.93
C GLY B 19 -25.77 25.28 -27.59
N ASP B 20 -25.61 24.27 -28.42
CA ASP B 20 -26.75 23.62 -29.06
C ASP B 20 -27.24 22.44 -28.20
N ASP B 21 -28.32 21.81 -28.65
CA ASP B 21 -28.98 20.77 -27.86
C ASP B 21 -28.50 19.37 -28.20
N ALA B 22 -28.20 19.11 -29.47
CA ALA B 22 -27.77 17.80 -29.91
C ALA B 22 -26.64 17.96 -30.92
N PRO B 23 -25.71 17.01 -30.96
CA PRO B 23 -24.69 17.04 -32.02
C PRO B 23 -25.35 16.91 -33.38
N ARG B 24 -24.82 17.63 -34.37
CA ARG B 24 -25.44 17.61 -35.69
C ARG B 24 -24.87 16.51 -36.58
N ALA B 25 -23.56 16.25 -36.50
CA ALA B 25 -22.94 15.18 -37.25
C ALA B 25 -22.63 14.04 -36.28
N VAL B 26 -23.41 12.96 -36.40
CA VAL B 26 -23.21 11.75 -35.61
C VAL B 26 -23.02 10.62 -36.60
N PHE B 27 -21.76 10.20 -36.78
CA PHE B 27 -21.45 9.14 -37.72
C PHE B 27 -20.38 8.24 -37.14
N PRO B 28 -20.40 6.98 -37.51
CA PRO B 28 -19.44 6.01 -36.96
C PRO B 28 -18.01 6.35 -37.34
N SER B 29 -17.10 6.02 -36.43
CA SER B 29 -15.66 6.28 -36.61
C SER B 29 -15.04 5.09 -37.31
N ILE B 30 -15.18 5.04 -38.64
CA ILE B 30 -14.58 3.97 -39.42
C ILE B 30 -13.95 4.55 -40.68
N VAL B 31 -12.89 3.89 -41.12
CA VAL B 31 -12.23 4.18 -42.39
C VAL B 31 -12.28 2.89 -43.20
N GLY B 32 -13.27 2.79 -44.09
CA GLY B 32 -13.37 1.63 -44.95
C GLY B 32 -12.35 1.67 -46.07
N ARG B 33 -11.85 0.50 -46.44
CA ARG B 33 -10.91 0.37 -47.54
C ARG B 33 -11.35 -0.78 -48.43
N PRO B 34 -11.41 -0.59 -49.75
CA PRO B 34 -11.88 -1.66 -50.63
C PRO B 34 -11.10 -2.94 -50.40
N ARG B 35 -11.83 -4.03 -50.19
CA ARG B 35 -11.17 -5.32 -49.95
C ARG B 35 -10.78 -5.98 -51.28
N HIS B 36 -11.63 -5.91 -52.30
CA HIS B 36 -11.37 -6.53 -53.60
C HIS B 36 -10.91 -5.45 -54.55
N GLN B 37 -9.72 -5.63 -55.13
CA GLN B 37 -9.15 -4.58 -55.97
C GLN B 37 -10.02 -4.41 -57.19
N GLY B 38 -10.99 -3.50 -57.11
CA GLY B 38 -11.95 -3.31 -58.16
C GLY B 38 -11.27 -3.15 -59.49
N VAL B 39 -11.39 -4.17 -60.36
CA VAL B 39 -10.62 -4.24 -61.60
C VAL B 39 -11.43 -3.52 -62.67
N MET B 40 -12.18 -2.52 -62.24
CA MET B 40 -13.01 -1.71 -63.10
C MET B 40 -12.42 -0.31 -63.28
N VAL B 41 -12.94 0.40 -64.27
CA VAL B 41 -12.49 1.74 -64.63
C VAL B 41 -13.59 2.74 -64.26
N GLY B 42 -13.22 3.75 -63.48
CA GLY B 42 -14.17 4.77 -63.07
C GLY B 42 -14.62 4.60 -61.64
N MET B 43 -14.77 3.36 -61.19
CA MET B 43 -15.23 3.08 -59.83
C MET B 43 -14.42 3.87 -58.82
N GLY B 44 -15.08 4.80 -58.13
CA GLY B 44 -14.40 5.62 -57.14
C GLY B 44 -13.44 6.62 -57.75
N GLN B 45 -12.13 6.37 -57.62
CA GLN B 45 -11.63 5.13 -57.04
C GLN B 45 -11.88 5.12 -55.53
N LYS B 46 -11.87 6.30 -54.92
CA LYS B 46 -12.16 6.47 -53.50
C LYS B 46 -11.31 5.52 -52.66
N ASP B 47 -9.99 5.70 -52.77
CA ASP B 47 -9.06 4.81 -52.09
C ASP B 47 -9.41 4.64 -50.61
N SER B 48 -10.04 5.64 -50.01
CA SER B 48 -10.44 5.57 -48.62
C SER B 48 -11.85 6.12 -48.46
N TYR B 49 -12.73 5.33 -47.85
CA TYR B 49 -14.05 5.75 -47.42
C TYR B 49 -14.03 6.01 -45.91
N VAL B 50 -14.87 6.92 -45.45
CA VAL B 50 -14.87 7.32 -44.04
C VAL B 50 -16.30 7.57 -43.59
N GLY B 51 -16.66 7.04 -42.43
CA GLY B 51 -17.96 7.33 -41.86
C GLY B 51 -19.10 6.73 -42.66
N ASP B 52 -20.10 7.57 -42.96
CA ASP B 52 -21.36 7.09 -43.50
C ASP B 52 -21.19 6.47 -44.88
N GLU B 53 -20.34 7.08 -45.72
CA GLU B 53 -20.08 6.52 -47.04
C GLU B 53 -19.49 5.12 -46.92
N ALA B 54 -18.50 4.94 -46.04
CA ALA B 54 -17.95 3.61 -45.79
C ALA B 54 -19.04 2.66 -45.30
N GLN B 55 -19.96 3.15 -44.46
CA GLN B 55 -21.05 2.32 -43.96
C GLN B 55 -21.93 1.82 -45.08
N SER B 56 -22.28 2.72 -46.01
CA SER B 56 -23.16 2.32 -47.10
C SER B 56 -22.55 1.18 -47.89
N LYS B 57 -21.23 1.24 -48.13
CA LYS B 57 -20.52 0.20 -48.87
C LYS B 57 -19.74 -0.71 -47.91
N ARG B 58 -20.50 -1.47 -47.11
CA ARG B 58 -19.84 -2.39 -46.19
C ARG B 58 -19.36 -3.65 -46.90
N GLY B 59 -20.12 -4.13 -47.89
CA GLY B 59 -19.77 -5.37 -48.55
C GLY B 59 -18.50 -5.30 -49.36
N ILE B 60 -18.12 -4.11 -49.83
CA ILE B 60 -16.88 -3.94 -50.56
C ILE B 60 -15.71 -3.71 -49.62
N LEU B 61 -15.93 -2.98 -48.53
CA LEU B 61 -14.85 -2.40 -47.77
C LEU B 61 -14.43 -3.27 -46.60
N THR B 62 -13.17 -3.11 -46.21
CA THR B 62 -12.69 -3.52 -44.89
C THR B 62 -12.88 -2.34 -43.95
N LEU B 63 -13.73 -2.51 -42.95
CA LEU B 63 -13.97 -1.48 -41.97
C LEU B 63 -12.93 -1.56 -40.86
N LYS B 64 -12.44 -0.39 -40.43
CA LYS B 64 -11.30 -0.33 -39.52
C LYS B 64 -11.53 0.80 -38.52
N TYR B 65 -11.87 0.43 -37.29
CA TYR B 65 -12.00 1.42 -36.21
C TYR B 65 -10.63 2.03 -35.93
N PRO B 66 -10.48 3.37 -36.00
CA PRO B 66 -9.17 3.96 -35.74
C PRO B 66 -8.83 4.07 -34.25
N ILE B 67 -9.79 3.86 -33.36
CA ILE B 67 -9.63 4.10 -31.93
C ILE B 67 -10.15 2.89 -31.17
N GLU B 68 -9.27 2.26 -30.40
CA GLU B 68 -9.57 0.99 -29.71
C GLU B 68 -9.40 1.17 -28.21
N GLY B 70 -10.45 3.64 -26.36
CA GLY B 70 -10.04 4.99 -26.06
C GLY B 70 -8.66 5.35 -26.60
N ILE B 71 -7.80 4.34 -26.72
CA ILE B 71 -6.46 4.56 -27.24
C ILE B 71 -6.53 4.75 -28.75
N ILE B 72 -5.86 5.79 -29.26
CA ILE B 72 -5.76 5.98 -30.70
C ILE B 72 -4.74 4.98 -31.26
N THR B 73 -5.22 4.07 -32.10
CA THR B 73 -4.33 3.07 -32.68
C THR B 73 -3.64 3.56 -33.94
N ASN B 74 -4.40 4.13 -34.88
CA ASN B 74 -3.87 4.61 -36.15
C ASN B 74 -4.12 6.10 -36.26
N TRP B 75 -3.06 6.88 -36.49
CA TRP B 75 -3.14 8.32 -36.33
C TRP B 75 -3.52 9.08 -37.59
N ASP B 76 -3.31 8.53 -38.78
CA ASP B 76 -3.79 9.19 -39.97
C ASP B 76 -5.22 8.78 -40.33
N ASP B 77 -5.67 7.61 -39.89
CA ASP B 77 -7.09 7.30 -39.99
C ASP B 77 -7.91 8.22 -39.10
N MET B 78 -7.42 8.47 -37.88
CA MET B 78 -8.05 9.47 -37.03
C MET B 78 -8.09 10.83 -37.73
N GLU B 79 -6.93 11.29 -38.21
CA GLU B 79 -6.89 12.52 -39.00
C GLU B 79 -7.94 12.50 -40.11
N LYS B 80 -8.10 11.36 -40.77
CA LYS B 80 -9.05 11.27 -41.87
C LYS B 80 -10.47 11.63 -41.43
N ILE B 81 -10.92 11.03 -40.33
CA ILE B 81 -12.30 11.25 -39.90
C ILE B 81 -12.47 12.65 -39.30
N TRP B 82 -11.39 13.22 -38.77
CA TRP B 82 -11.44 14.60 -38.30
C TRP B 82 -11.60 15.56 -39.48
N HIS B 83 -10.71 15.45 -40.47
CA HIS B 83 -10.85 16.29 -41.66
C HIS B 83 -12.22 16.14 -42.29
N HIS B 84 -12.71 14.90 -42.41
CA HIS B 84 -14.04 14.68 -42.96
C HIS B 84 -15.10 15.33 -42.08
N THR B 85 -14.90 15.31 -40.76
CA THR B 85 -15.89 15.88 -39.85
C THR B 85 -15.97 17.39 -39.96
N PHE B 86 -14.86 18.04 -40.29
CA PHE B 86 -14.78 19.50 -40.26
C PHE B 86 -15.21 20.16 -41.58
N TYR B 87 -15.11 19.45 -42.70
CA TYR B 87 -15.34 20.05 -44.00
C TYR B 87 -16.52 19.47 -44.77
N ASN B 88 -17.04 18.31 -44.36
CA ASN B 88 -18.12 17.67 -45.10
C ASN B 88 -19.38 17.42 -44.28
N GLU B 89 -19.35 17.63 -42.97
CA GLU B 89 -20.57 17.68 -42.16
C GLU B 89 -20.73 18.99 -41.42
N LEU B 90 -19.67 19.48 -40.76
CA LEU B 90 -19.75 20.76 -40.07
C LEU B 90 -19.44 21.93 -41.00
N ARG B 91 -18.75 21.68 -42.12
CA ARG B 91 -18.61 22.69 -43.16
C ARG B 91 -17.84 23.91 -42.68
N VAL B 92 -16.97 23.72 -41.69
CA VAL B 92 -16.48 24.81 -40.85
C VAL B 92 -14.96 24.77 -40.80
N ALA B 93 -14.33 25.89 -41.14
CA ALA B 93 -12.89 26.02 -40.95
C ALA B 93 -12.58 26.06 -39.46
N PRO B 94 -11.70 25.18 -38.96
CA PRO B 94 -11.39 25.19 -37.53
C PRO B 94 -10.71 26.46 -37.05
N GLU B 95 -10.27 27.33 -37.97
CA GLU B 95 -9.57 28.54 -37.56
C GLU B 95 -10.48 29.56 -36.91
N GLU B 96 -11.79 29.50 -37.18
CA GLU B 96 -12.71 30.43 -36.54
C GLU B 96 -13.17 29.97 -35.17
N HIS B 97 -13.00 28.69 -34.83
CA HIS B 97 -13.60 28.15 -33.62
C HIS B 97 -12.57 27.50 -32.71
N PRO B 98 -12.59 27.79 -31.42
CA PRO B 98 -11.89 26.95 -30.46
C PRO B 98 -12.61 25.62 -30.33
N THR B 99 -11.83 24.57 -30.10
CA THR B 99 -12.33 23.20 -30.18
C THR B 99 -12.15 22.49 -28.85
N LEU B 100 -13.26 22.02 -28.27
CA LEU B 100 -13.22 21.19 -27.07
C LEU B 100 -13.24 19.72 -27.49
N LEU B 101 -12.18 19.00 -27.16
CA LEU B 101 -12.08 17.58 -27.46
C LEU B 101 -12.40 16.75 -26.22
N THR B 102 -12.62 15.46 -26.45
CA THR B 102 -13.01 14.52 -25.41
C THR B 102 -12.02 13.37 -25.35
N GLU B 103 -11.95 12.72 -24.19
CA GLU B 103 -11.12 11.54 -24.02
C GLU B 103 -11.53 10.83 -22.73
N ALA B 104 -11.19 9.56 -22.65
CA ALA B 104 -11.47 8.77 -21.48
C ALA B 104 -10.45 9.06 -20.38
N PRO B 105 -10.83 8.88 -19.11
CA PRO B 105 -9.88 9.04 -18.02
C PRO B 105 -8.86 7.92 -17.98
N LEU B 106 -7.73 8.21 -17.34
CA LEU B 106 -6.68 7.22 -17.09
C LEU B 106 -6.11 6.66 -18.39
N ASN B 107 -6.09 7.49 -19.43
CA ASN B 107 -5.70 7.23 -20.81
C ASN B 107 -4.24 7.61 -21.04
N PRO B 108 -3.48 6.76 -21.78
CA PRO B 108 -2.06 7.05 -22.06
C PRO B 108 -1.81 8.51 -22.40
N LYS B 109 -0.66 9.04 -21.99
CA LYS B 109 -0.28 10.41 -22.32
C LYS B 109 0.01 10.60 -23.80
N ALA B 110 -0.07 9.55 -24.62
CA ALA B 110 0.16 9.70 -26.05
C ALA B 110 -1.07 10.24 -26.77
N ASN B 111 -2.26 10.11 -26.16
CA ASN B 111 -3.47 10.60 -26.82
C ASN B 111 -3.67 12.10 -26.65
N ARG B 112 -3.35 12.68 -25.48
CA ARG B 112 -3.56 14.12 -25.34
C ARG B 112 -2.49 14.95 -26.06
N GLU B 113 -1.25 14.45 -26.16
CA GLU B 113 -0.20 15.26 -26.76
C GLU B 113 -0.20 15.13 -28.28
N LYS B 114 -0.39 13.93 -28.80
CA LYS B 114 -0.50 13.77 -30.25
C LYS B 114 -1.79 14.38 -30.77
N MET B 115 -2.85 14.35 -29.96
CA MET B 115 -4.15 14.89 -30.38
C MET B 115 -4.10 16.41 -30.51
N THR B 116 -3.55 17.07 -29.51
CA THR B 116 -3.38 18.51 -29.57
C THR B 116 -2.37 18.92 -30.64
N GLN B 117 -1.32 18.12 -30.84
CA GLN B 117 -0.32 18.50 -31.85
C GLN B 117 -0.91 18.42 -33.25
N ILE B 118 -1.87 17.51 -33.48
CA ILE B 118 -2.57 17.45 -34.76
C ILE B 118 -3.58 18.59 -34.90
N MET B 119 -4.41 18.80 -33.86
CA MET B 119 -5.45 19.82 -33.92
C MET B 119 -4.83 21.16 -34.25
N PHE B 120 -3.58 21.32 -33.81
CA PHE B 120 -2.90 22.61 -33.74
C PHE B 120 -2.11 22.87 -34.98
N GLU B 121 -1.47 21.84 -35.46
CA GLU B 121 -0.52 21.91 -36.60
C GLU B 121 -1.12 21.52 -37.96
N THR B 122 -1.89 20.44 -38.03
CA THR B 122 -2.50 20.03 -39.30
C THR B 122 -3.76 20.84 -39.58
N PHE B 123 -4.74 20.75 -38.69
CA PHE B 123 -5.72 21.82 -38.59
C PHE B 123 -5.09 22.98 -37.84
N ASN B 124 -5.67 24.16 -38.01
CA ASN B 124 -5.21 25.34 -37.27
C ASN B 124 -6.34 25.82 -36.38
N VAL B 125 -6.17 25.67 -35.08
CA VAL B 125 -7.19 26.00 -34.09
C VAL B 125 -6.65 27.14 -33.25
N PRO B 126 -7.41 28.23 -33.05
CA PRO B 126 -6.96 29.27 -32.11
C PRO B 126 -6.65 28.72 -30.72
N ALA B 127 -7.56 27.95 -30.14
CA ALA B 127 -7.32 27.35 -28.83
C ALA B 127 -8.18 26.09 -28.71
N MET B 128 -7.78 25.22 -27.80
CA MET B 128 -8.46 23.93 -27.63
C MET B 128 -8.35 23.48 -26.19
N TYR B 129 -9.15 22.45 -25.86
CA TYR B 129 -9.16 21.86 -24.54
C TYR B 129 -9.56 20.39 -24.67
N VAL B 130 -9.00 19.55 -23.81
CA VAL B 130 -9.32 18.14 -23.75
C VAL B 130 -9.89 17.85 -22.36
N ALA B 131 -11.10 17.31 -22.32
CA ALA B 131 -11.83 17.15 -21.07
C ALA B 131 -12.15 15.67 -20.82
N ILE B 132 -12.20 15.32 -19.54
CA ILE B 132 -12.50 13.95 -19.12
C ILE B 132 -13.99 13.71 -19.27
N GLN B 133 -14.35 12.58 -19.90
CA GLN B 133 -15.72 12.36 -20.34
C GLN B 133 -16.73 12.49 -19.19
N ALA B 134 -16.47 11.80 -18.08
CA ALA B 134 -17.49 11.67 -17.05
C ALA B 134 -17.87 13.01 -16.44
N VAL B 135 -16.94 13.97 -16.40
CA VAL B 135 -17.26 15.29 -15.86
C VAL B 135 -18.25 16.01 -16.77
N LEU B 136 -18.11 15.82 -18.08
CA LEU B 136 -19.06 16.43 -19.01
C LEU B 136 -20.45 15.83 -18.86
N SER B 137 -20.55 14.52 -18.65
CA SER B 137 -21.85 13.91 -18.44
C SER B 137 -22.50 14.42 -17.16
N LEU B 138 -21.68 14.74 -16.14
CA LEU B 138 -22.21 15.28 -14.91
C LEU B 138 -22.78 16.68 -15.12
N TYR B 139 -22.11 17.50 -15.95
CA TYR B 139 -22.67 18.78 -16.33
C TYR B 139 -24.02 18.61 -17.03
N ALA B 140 -24.13 17.58 -17.87
CA ALA B 140 -25.36 17.34 -18.62
C ALA B 140 -26.51 16.94 -17.71
N SER B 141 -26.21 16.26 -16.60
CA SER B 141 -27.23 15.95 -15.63
C SER B 141 -27.71 17.20 -14.91
N GLY B 142 -26.91 18.26 -14.93
CA GLY B 142 -27.23 19.48 -14.21
C GLY B 142 -26.99 19.28 -12.72
N ARG B 143 -25.83 18.74 -12.36
CA ARG B 143 -25.54 18.36 -10.99
C ARG B 143 -24.05 18.48 -10.76
N THR B 144 -23.67 18.62 -9.48
CA THR B 144 -22.27 18.75 -9.11
C THR B 144 -21.71 17.54 -8.38
N THR B 145 -22.57 16.66 -7.86
CA THR B 145 -22.12 15.51 -7.11
C THR B 145 -22.74 14.24 -7.69
N GLY B 146 -22.02 13.14 -7.55
CA GLY B 146 -22.46 11.86 -8.05
C GLY B 146 -21.31 11.00 -8.55
N ILE B 147 -21.58 9.75 -8.89
CA ILE B 147 -20.57 8.84 -9.44
C ILE B 147 -21.03 8.41 -10.82
N VAL B 148 -20.28 8.78 -11.85
CA VAL B 148 -20.67 8.57 -13.23
C VAL B 148 -20.16 7.21 -13.70
N LEU B 149 -21.08 6.41 -14.26
CA LEU B 149 -20.71 5.22 -15.02
C LEU B 149 -20.95 5.54 -16.49
N ASP B 150 -19.86 5.73 -17.23
CA ASP B 150 -19.92 6.01 -18.67
C ASP B 150 -19.39 4.79 -19.40
N SER B 151 -20.29 4.07 -20.06
CA SER B 151 -19.94 2.90 -20.86
C SER B 151 -20.22 3.22 -22.32
N GLY B 152 -19.16 3.42 -23.09
CA GLY B 152 -19.29 3.65 -24.52
C GLY B 152 -18.90 2.41 -25.31
N ASP B 153 -18.38 2.61 -26.51
CA ASP B 153 -17.98 1.46 -27.32
C ASP B 153 -16.62 0.92 -26.94
N GLY B 154 -15.70 1.78 -26.50
CA GLY B 154 -14.37 1.34 -26.17
C GLY B 154 -14.16 1.00 -24.71
N VAL B 155 -14.71 1.82 -23.82
CA VAL B 155 -14.30 1.80 -22.42
C VAL B 155 -15.48 2.13 -21.52
N THR B 156 -15.48 1.55 -20.33
CA THR B 156 -16.42 1.87 -19.27
C THR B 156 -15.65 2.50 -18.11
N HIS B 157 -16.16 3.62 -17.59
CA HIS B 157 -15.51 4.32 -16.50
C HIS B 157 -16.44 4.45 -15.31
N ASN B 158 -15.81 4.60 -14.14
CA ASN B 158 -16.48 5.08 -12.94
C ASN B 158 -15.65 6.26 -12.42
N VAL B 159 -16.26 7.43 -12.37
CA VAL B 159 -15.60 8.65 -11.91
C VAL B 159 -16.42 9.23 -10.77
N PRO B 160 -16.04 8.98 -9.52
CA PRO B 160 -16.73 9.61 -8.40
C PRO B 160 -16.38 11.09 -8.32
N ILE B 161 -17.40 11.91 -8.04
CA ILE B 161 -17.28 13.35 -8.09
C ILE B 161 -18.07 13.94 -6.92
N TYR B 162 -17.39 14.63 -6.01
CA TYR B 162 -18.06 15.22 -4.86
C TYR B 162 -17.95 16.73 -4.88
N GLU B 163 -19.10 17.40 -4.91
CA GLU B 163 -19.21 18.84 -4.75
C GLU B 163 -18.18 19.60 -5.58
N GLY B 164 -18.29 19.46 -6.90
CA GLY B 164 -17.16 19.91 -7.68
C GLY B 164 -16.18 18.76 -7.62
N TYR B 165 -15.22 18.82 -6.68
CA TYR B 165 -13.85 18.33 -6.82
C TYR B 165 -13.79 16.98 -7.53
N ALA B 166 -12.65 16.29 -7.51
CA ALA B 166 -12.68 14.92 -7.98
C ALA B 166 -11.93 14.04 -6.99
N LEU B 167 -11.92 12.74 -7.29
CA LEU B 167 -11.22 11.74 -6.49
C LEU B 167 -10.45 10.87 -7.47
N PRO B 168 -9.27 11.33 -7.91
CA PRO B 168 -8.51 10.55 -8.90
C PRO B 168 -8.18 9.14 -8.46
N HIS B 169 -7.92 8.93 -7.16
CA HIS B 169 -7.56 7.60 -6.68
C HIS B 169 -8.70 6.61 -6.77
N ALA B 170 -9.93 7.08 -6.94
CA ALA B 170 -11.11 6.22 -7.02
C ALA B 170 -11.63 6.05 -8.43
N ILE B 171 -11.00 6.67 -9.42
CA ILE B 171 -11.41 6.49 -10.81
C ILE B 171 -11.01 5.10 -11.28
N MET B 172 -11.96 4.37 -11.85
CA MET B 172 -11.79 2.96 -12.17
C MET B 172 -12.22 2.74 -13.61
N ARG B 173 -11.28 2.36 -14.47
CA ARG B 173 -11.58 2.09 -15.87
C ARG B 173 -11.58 0.59 -16.12
N LEU B 174 -12.39 0.18 -17.10
CA LEU B 174 -12.61 -1.24 -17.38
C LEU B 174 -12.94 -1.38 -18.86
N ASP B 175 -12.18 -2.23 -19.56
CA ASP B 175 -12.39 -2.42 -20.99
C ASP B 175 -13.46 -3.48 -21.21
N LEU B 176 -14.71 -3.05 -20.98
CA LEU B 176 -15.91 -3.79 -21.36
C LEU B 176 -16.86 -2.78 -21.99
N ALA B 177 -17.27 -3.02 -23.22
CA ALA B 177 -18.05 -2.02 -23.92
C ALA B 177 -18.72 -2.66 -25.14
N GLY B 178 -19.46 -1.84 -25.88
CA GLY B 178 -20.24 -2.34 -27.00
C GLY B 178 -19.42 -3.16 -27.99
N ARG B 179 -18.14 -2.83 -28.14
CA ARG B 179 -17.31 -3.60 -29.06
C ARG B 179 -17.02 -4.99 -28.49
N ASP B 180 -16.72 -5.07 -27.19
CA ASP B 180 -16.53 -6.37 -26.56
C ASP B 180 -17.84 -7.17 -26.51
N LEU B 181 -18.97 -6.49 -26.34
CA LEU B 181 -20.25 -7.18 -26.27
C LEU B 181 -20.69 -7.67 -27.65
N THR B 182 -20.37 -6.92 -28.70
CA THR B 182 -20.74 -7.35 -30.05
C THR B 182 -19.89 -8.52 -30.53
N ASP B 183 -18.63 -8.59 -30.07
CA ASP B 183 -17.83 -9.77 -30.37
C ASP B 183 -18.32 -10.98 -29.60
N TYR B 184 -18.65 -10.80 -28.32
CA TYR B 184 -19.21 -11.93 -27.57
C TYR B 184 -20.54 -12.38 -28.15
N LEU B 185 -21.38 -11.42 -28.56
CA LEU B 185 -22.59 -11.77 -29.27
C LEU B 185 -22.27 -12.47 -30.59
N MET B 186 -21.07 -12.27 -31.13
CA MET B 186 -20.67 -12.97 -32.33
C MET B 186 -20.57 -14.48 -32.09
N LYS B 187 -19.70 -14.88 -31.17
CA LYS B 187 -19.46 -16.29 -30.93
C LYS B 187 -20.59 -16.97 -30.16
N ILE B 188 -21.41 -16.21 -29.43
CA ILE B 188 -22.60 -16.80 -28.84
C ILE B 188 -23.69 -16.98 -29.89
N LEU B 189 -23.77 -16.05 -30.85
CA LEU B 189 -24.74 -16.17 -31.92
C LEU B 189 -24.44 -17.38 -32.81
N THR B 190 -23.17 -17.75 -32.95
CA THR B 190 -22.76 -18.81 -33.86
C THR B 190 -23.13 -20.20 -33.36
N GLU B 191 -23.60 -20.33 -32.12
CA GLU B 191 -24.09 -21.62 -31.67
C GLU B 191 -25.46 -21.94 -32.26
N ARG B 192 -26.16 -20.93 -32.78
CA ARG B 192 -27.37 -21.16 -33.54
C ARG B 192 -27.08 -21.50 -35.00
N GLY B 193 -25.82 -21.38 -35.43
CA GLY B 193 -25.44 -21.65 -36.81
C GLY B 193 -25.20 -20.41 -37.64
N TYR B 194 -25.60 -19.24 -37.17
CA TYR B 194 -25.42 -18.00 -37.93
C TYR B 194 -23.97 -17.55 -37.80
N SER B 195 -23.22 -17.65 -38.90
CA SER B 195 -21.79 -17.33 -38.89
C SER B 195 -21.58 -15.92 -39.42
N PHE B 196 -21.07 -15.03 -38.58
CA PHE B 196 -20.69 -13.69 -38.98
C PHE B 196 -19.19 -13.54 -38.68
N VAL B 197 -18.37 -13.57 -39.73
CA VAL B 197 -16.92 -13.63 -39.59
C VAL B 197 -16.32 -12.26 -39.88
N THR B 198 -16.92 -11.53 -40.81
CA THR B 198 -16.32 -10.34 -41.39
C THR B 198 -16.65 -9.09 -40.57
N THR B 199 -15.86 -8.04 -40.82
CA THR B 199 -16.07 -6.77 -40.13
C THR B 199 -17.39 -6.12 -40.53
N ALA B 200 -17.78 -6.24 -41.81
CA ALA B 200 -19.06 -5.71 -42.23
C ALA B 200 -20.21 -6.36 -41.47
N GLU B 201 -20.13 -7.68 -41.26
CA GLU B 201 -21.17 -8.38 -40.52
C GLU B 201 -21.13 -8.03 -39.04
N ARG B 202 -19.95 -7.69 -38.50
CA ARG B 202 -19.87 -7.25 -37.11
C ARG B 202 -20.79 -6.07 -36.84
N GLU B 203 -20.88 -5.14 -37.79
CA GLU B 203 -21.76 -3.99 -37.60
C GLU B 203 -23.22 -4.37 -37.78
N ILE B 204 -23.51 -5.44 -38.51
CA ILE B 204 -24.87 -5.99 -38.52
C ILE B 204 -25.25 -6.47 -37.14
N VAL B 205 -24.40 -7.29 -36.52
CA VAL B 205 -24.67 -7.79 -35.17
C VAL B 205 -24.73 -6.63 -34.18
N ARG B 206 -23.89 -5.61 -34.38
CA ARG B 206 -24.02 -4.40 -33.57
C ARG B 206 -25.43 -3.84 -33.68
N ASP B 207 -26.03 -3.93 -34.86
CA ASP B 207 -27.42 -3.50 -35.04
C ASP B 207 -28.38 -4.41 -34.30
N ILE B 208 -28.17 -5.72 -34.38
CA ILE B 208 -29.02 -6.66 -33.64
C ILE B 208 -28.94 -6.38 -32.15
N LYS B 209 -27.73 -6.15 -31.65
CA LYS B 209 -27.55 -5.86 -30.23
C LYS B 209 -28.30 -4.60 -29.82
N GLU B 210 -28.24 -3.56 -30.65
CA GLU B 210 -28.87 -2.29 -30.29
C GLU B 210 -30.39 -2.44 -30.16
N LYS B 211 -31.01 -3.20 -31.05
CA LYS B 211 -32.47 -3.32 -31.02
C LYS B 211 -32.94 -4.38 -30.02
N LEU B 212 -32.53 -5.62 -30.20
CA LEU B 212 -33.19 -6.72 -29.52
C LEU B 212 -32.69 -6.91 -28.09
N CYS B 213 -31.38 -6.78 -27.87
CA CYS B 213 -30.79 -7.21 -26.60
C CYS B 213 -31.30 -6.37 -25.42
N TYR B 214 -31.34 -7.01 -24.26
CA TYR B 214 -31.86 -6.39 -23.04
C TYR B 214 -31.21 -7.06 -21.85
N VAL B 215 -31.15 -6.34 -20.73
CA VAL B 215 -30.48 -6.80 -19.52
C VAL B 215 -31.55 -7.34 -18.58
N ALA B 216 -31.48 -8.64 -18.31
CA ALA B 216 -32.42 -9.28 -17.42
C ALA B 216 -32.34 -8.72 -16.00
N LEU B 217 -33.50 -8.55 -15.37
CA LEU B 217 -33.51 -8.33 -13.93
C LEU B 217 -32.84 -9.51 -13.22
N ASP B 218 -33.24 -10.73 -13.58
CA ASP B 218 -32.55 -11.96 -13.19
C ASP B 218 -32.37 -12.82 -14.42
N PHE B 219 -31.11 -13.10 -14.77
CA PHE B 219 -30.83 -13.87 -15.98
C PHE B 219 -31.34 -15.30 -15.88
N GLU B 220 -31.27 -15.88 -14.69
CA GLU B 220 -31.81 -17.23 -14.49
C GLU B 220 -33.29 -17.27 -14.76
N ASN B 221 -34.03 -16.25 -14.30
CA ASN B 221 -35.45 -16.15 -14.64
C ASN B 221 -35.64 -16.07 -16.14
N GLU B 222 -34.81 -15.28 -16.81
CA GLU B 222 -34.91 -15.18 -18.27
C GLU B 222 -34.65 -16.52 -18.92
N MET B 223 -33.65 -17.25 -18.42
CA MET B 223 -33.35 -18.58 -18.94
C MET B 223 -34.57 -19.50 -18.78
N ALA B 224 -35.22 -19.45 -17.62
CA ALA B 224 -36.40 -20.30 -17.40
C ALA B 224 -37.50 -19.97 -18.39
N THR B 225 -37.83 -18.68 -18.54
CA THR B 225 -38.84 -18.33 -19.52
C THR B 225 -38.39 -18.73 -20.92
N ALA B 226 -37.07 -18.77 -21.17
CA ALA B 226 -36.56 -19.07 -22.50
C ALA B 226 -36.69 -20.53 -22.87
N ALA B 227 -36.49 -21.43 -21.90
CA ALA B 227 -36.57 -22.87 -22.19
C ALA B 227 -37.86 -23.22 -22.93
N SER B 228 -38.98 -22.69 -22.47
CA SER B 228 -40.23 -22.68 -23.23
C SER B 228 -40.31 -21.33 -23.94
N SER B 229 -39.90 -21.30 -25.20
CA SER B 229 -39.57 -20.06 -25.92
C SER B 229 -40.84 -19.32 -26.31
N SER B 230 -41.32 -18.44 -25.44
CA SER B 230 -42.55 -17.70 -25.74
C SER B 230 -42.31 -16.29 -26.25
N SER B 231 -41.72 -15.42 -25.42
CA SER B 231 -41.42 -14.05 -25.83
C SER B 231 -39.93 -13.81 -25.98
N LEU B 232 -39.10 -14.75 -25.55
CA LEU B 232 -37.66 -14.52 -25.55
C LEU B 232 -37.02 -14.71 -26.90
N GLU B 233 -37.64 -15.48 -27.80
CA GLU B 233 -37.16 -15.59 -29.17
C GLU B 233 -37.86 -14.54 -30.02
N LYS B 234 -37.08 -13.69 -30.66
CA LYS B 234 -37.60 -12.68 -31.57
C LYS B 234 -36.97 -12.83 -32.94
N SER B 235 -37.70 -12.42 -33.95
CA SER B 235 -37.26 -12.55 -35.34
C SER B 235 -36.67 -11.21 -35.77
N TYR B 236 -35.39 -11.23 -36.15
CA TYR B 236 -34.72 -10.08 -36.75
C TYR B 236 -34.40 -10.39 -38.21
N GLU B 237 -34.48 -9.37 -39.04
CA GLU B 237 -34.28 -9.52 -40.48
C GLU B 237 -33.02 -8.77 -40.89
N LEU B 238 -32.09 -9.48 -41.53
CA LEU B 238 -30.85 -8.90 -42.04
C LEU B 238 -31.14 -8.00 -43.24
N PRO B 239 -30.13 -7.31 -43.76
CA PRO B 239 -30.32 -6.61 -45.05
C PRO B 239 -30.37 -7.55 -46.24
N ASP B 240 -29.88 -8.78 -46.09
CA ASP B 240 -29.93 -9.75 -47.18
C ASP B 240 -31.34 -10.28 -47.40
N GLY B 241 -32.08 -10.52 -46.31
CA GLY B 241 -33.42 -11.04 -46.43
C GLY B 241 -33.67 -12.25 -45.56
N GLN B 242 -32.59 -12.84 -45.04
CA GLN B 242 -32.71 -14.01 -44.19
C GLN B 242 -33.28 -13.65 -42.83
N VAL B 243 -33.75 -14.65 -42.10
CA VAL B 243 -34.43 -14.46 -40.82
C VAL B 243 -33.60 -15.11 -39.72
N ILE B 244 -33.11 -14.29 -38.79
CA ILE B 244 -32.43 -14.77 -37.59
C ILE B 244 -33.43 -14.84 -36.45
N THR B 245 -33.34 -15.88 -35.64
CA THR B 245 -34.19 -16.06 -34.47
C THR B 245 -33.28 -16.26 -33.26
N ILE B 246 -33.30 -15.29 -32.34
CA ILE B 246 -32.41 -15.31 -31.18
C ILE B 246 -33.26 -15.27 -29.91
N GLY B 247 -33.03 -16.26 -29.05
CA GLY B 247 -33.77 -16.39 -27.80
C GLY B 247 -32.99 -15.90 -26.60
N ASN B 248 -32.37 -16.83 -25.86
CA ASN B 248 -31.60 -16.44 -24.69
C ASN B 248 -30.38 -15.59 -25.06
N GLU B 249 -29.88 -15.72 -26.29
CA GLU B 249 -28.78 -14.87 -26.73
C GLU B 249 -29.13 -13.39 -26.64
N ARG B 250 -30.42 -13.05 -26.66
CA ARG B 250 -30.81 -11.66 -26.58
C ARG B 250 -30.35 -11.02 -25.28
N PHE B 251 -30.50 -11.75 -24.19
CA PHE B 251 -30.21 -11.17 -22.89
C PHE B 251 -28.82 -11.56 -22.37
N ARG B 252 -28.33 -12.77 -22.67
CA ARG B 252 -27.03 -13.19 -22.17
C ARG B 252 -25.84 -12.46 -22.80
N CYS B 253 -26.06 -11.67 -23.88
CA CYS B 253 -25.00 -10.82 -24.39
C CYS B 253 -24.70 -9.69 -23.41
N PRO B 254 -25.67 -8.86 -23.02
CA PRO B 254 -25.37 -7.79 -22.06
C PRO B 254 -25.09 -8.28 -20.65
N GLU B 255 -25.45 -9.54 -20.31
CA GLU B 255 -25.06 -10.07 -18.99
C GLU B 255 -23.55 -10.04 -18.82
N THR B 256 -22.80 -9.82 -19.88
CA THR B 256 -21.35 -9.80 -19.78
C THR B 256 -20.86 -8.61 -18.97
N LEU B 257 -21.61 -7.50 -18.97
CA LEU B 257 -21.24 -6.35 -18.17
C LEU B 257 -21.24 -6.68 -16.68
N PHE B 258 -22.12 -7.57 -16.25
CA PHE B 258 -22.23 -7.95 -14.85
C PHE B 258 -21.52 -9.26 -14.55
N GLN B 259 -21.17 -10.04 -15.58
CA GLN B 259 -20.41 -11.28 -15.42
C GLN B 259 -19.32 -11.30 -16.49
N PRO B 260 -18.27 -10.48 -16.31
CA PRO B 260 -17.17 -10.49 -17.28
C PRO B 260 -16.50 -11.84 -17.45
N SER B 261 -16.85 -12.83 -16.60
CA SER B 261 -16.29 -14.17 -16.75
C SER B 261 -16.75 -14.86 -18.03
N PHE B 262 -17.74 -14.31 -18.73
CA PHE B 262 -18.15 -14.89 -20.00
C PHE B 262 -17.15 -14.59 -21.12
N ILE B 263 -16.45 -13.45 -21.03
CA ILE B 263 -15.38 -13.14 -21.97
C ILE B 263 -14.02 -13.65 -21.48
N GLY B 264 -13.95 -14.19 -20.27
CA GLY B 264 -12.69 -14.65 -19.73
C GLY B 264 -11.84 -13.55 -19.12
N MET B 265 -12.48 -12.58 -18.47
CA MET B 265 -11.77 -11.52 -17.76
C MET B 265 -12.09 -11.61 -16.27
N GLU B 266 -11.07 -11.39 -15.44
CA GLU B 266 -11.24 -11.47 -13.99
C GLU B 266 -11.94 -10.25 -13.41
N SER B 267 -11.95 -9.13 -14.13
CA SER B 267 -12.52 -7.90 -13.59
C SER B 267 -13.94 -8.14 -13.10
N ALA B 268 -14.27 -7.53 -11.96
CA ALA B 268 -15.62 -7.61 -11.44
C ALA B 268 -16.60 -6.92 -12.38
N GLY B 269 -17.86 -7.32 -12.30
CA GLY B 269 -18.91 -6.67 -13.08
C GLY B 269 -19.02 -5.20 -12.75
N ILE B 270 -19.74 -4.48 -13.62
CA ILE B 270 -19.84 -3.03 -13.47
C ILE B 270 -20.56 -2.61 -12.21
N HIS B 271 -21.24 -3.53 -11.51
CA HIS B 271 -21.85 -3.18 -10.23
C HIS B 271 -20.88 -3.34 -9.07
N GLU B 272 -19.89 -4.23 -9.18
CA GLU B 272 -18.86 -4.31 -8.15
C GLU B 272 -17.75 -3.28 -8.35
N THR B 273 -17.63 -2.71 -9.55
CA THR B 273 -16.66 -1.65 -9.77
C THR B 273 -17.20 -0.28 -9.38
N THR B 274 -18.49 -0.05 -9.60
CA THR B 274 -19.12 1.15 -9.05
C THR B 274 -19.23 1.05 -7.53
N TYR B 275 -19.50 -0.16 -7.02
CA TYR B 275 -19.48 -0.35 -5.57
C TYR B 275 -18.06 -0.20 -5.02
N ASN B 276 -17.07 -0.79 -5.70
CA ASN B 276 -15.70 -0.69 -5.24
C ASN B 276 -15.18 0.75 -5.34
N SER B 277 -15.65 1.50 -6.35
CA SER B 277 -15.25 2.90 -6.45
C SER B 277 -15.77 3.71 -5.27
N ILE B 278 -17.03 3.48 -4.88
CA ILE B 278 -17.59 4.18 -3.72
C ILE B 278 -16.85 3.75 -2.45
N MET B 279 -16.33 2.52 -2.41
CA MET B 279 -15.57 2.09 -1.26
C MET B 279 -14.31 2.94 -1.09
N LYS B 280 -13.51 3.08 -2.15
CA LYS B 280 -12.28 3.85 -2.07
C LYS B 280 -12.51 5.30 -1.67
N CYS B 281 -13.74 5.79 -1.71
CA CYS B 281 -14.02 7.16 -1.34
C CYS B 281 -14.11 7.30 0.18
N ASP B 282 -13.90 8.53 0.64
CA ASP B 282 -13.91 8.81 2.07
C ASP B 282 -15.30 8.54 2.65
N ILE B 283 -15.34 8.04 3.88
CA ILE B 283 -16.57 7.57 4.50
C ILE B 283 -17.66 8.62 4.52
N ASP B 284 -17.30 9.90 4.44
CA ASP B 284 -18.30 10.96 4.61
C ASP B 284 -19.20 11.08 3.39
N ILE B 285 -18.63 11.01 2.18
CA ILE B 285 -19.36 11.40 0.97
C ILE B 285 -20.02 10.21 0.27
N ARG B 286 -19.89 9.00 0.81
CA ARG B 286 -20.40 7.82 0.11
C ARG B 286 -21.91 7.82 0.01
N LYS B 287 -22.61 8.40 0.99
CA LYS B 287 -24.08 8.40 0.92
C LYS B 287 -24.59 9.23 -0.25
N ASP B 288 -23.87 10.29 -0.61
CA ASP B 288 -24.27 11.09 -1.77
C ASP B 288 -23.96 10.38 -3.08
N LEU B 289 -22.85 9.63 -3.12
CA LEU B 289 -22.52 8.89 -4.34
C LEU B 289 -23.49 7.73 -4.56
N TYR B 290 -23.86 7.02 -3.49
CA TYR B 290 -24.87 5.98 -3.60
C TYR B 290 -26.18 6.54 -4.16
N ALA B 291 -26.55 7.74 -3.73
CA ALA B 291 -27.85 8.29 -4.11
C ALA B 291 -27.84 8.88 -5.51
N ASN B 292 -26.68 9.35 -5.99
CA ASN B 292 -26.62 10.20 -7.18
C ASN B 292 -25.92 9.55 -8.36
N ASN B 293 -25.72 8.23 -8.37
CA ASN B 293 -24.88 7.64 -9.40
C ASN B 293 -25.55 7.78 -10.77
N VAL B 294 -24.78 8.29 -11.73
CA VAL B 294 -25.28 8.72 -13.03
C VAL B 294 -24.84 7.72 -14.09
N LEU B 295 -25.56 7.72 -15.21
CA LEU B 295 -25.25 6.81 -16.32
C LEU B 295 -25.18 7.58 -17.63
N SER B 296 -24.28 7.14 -18.50
CA SER B 296 -24.04 7.79 -19.79
C SER B 296 -23.52 6.74 -20.77
N GLY B 297 -23.64 7.05 -22.05
CA GLY B 297 -23.01 6.25 -23.08
C GLY B 297 -23.98 5.29 -23.77
N GLY B 298 -23.60 4.88 -24.98
CA GLY B 298 -24.45 4.00 -25.76
C GLY B 298 -24.66 2.65 -25.11
N THR B 299 -23.65 2.14 -24.40
CA THR B 299 -23.76 0.83 -23.75
C THR B 299 -24.56 0.89 -22.45
N THR B 300 -25.10 2.05 -22.09
CA THR B 300 -26.07 2.17 -21.02
C THR B 300 -27.51 2.10 -21.53
N MET B 301 -27.70 1.90 -22.84
CA MET B 301 -29.01 2.00 -23.45
C MET B 301 -29.78 0.69 -23.48
N TYR B 302 -29.18 -0.43 -23.08
CA TYR B 302 -29.90 -1.68 -23.03
C TYR B 302 -31.09 -1.55 -22.08
N PRO B 303 -32.31 -1.85 -22.50
CA PRO B 303 -33.45 -1.82 -21.58
C PRO B 303 -33.24 -2.81 -20.43
N GLY B 304 -33.50 -2.33 -19.21
CA GLY B 304 -33.37 -3.14 -18.02
C GLY B 304 -32.09 -2.93 -17.23
N ILE B 305 -31.19 -2.06 -17.70
CA ILE B 305 -29.89 -1.90 -17.05
C ILE B 305 -30.05 -1.24 -15.69
N ALA B 306 -30.77 -0.11 -15.63
CA ALA B 306 -30.88 0.63 -14.38
C ALA B 306 -31.49 -0.22 -13.28
N ASP B 307 -32.51 -1.03 -13.61
CA ASP B 307 -33.15 -1.85 -12.58
C ASP B 307 -32.20 -2.92 -12.06
N ARG B 308 -31.45 -3.57 -12.95
CA ARG B 308 -30.48 -4.57 -12.50
C ARG B 308 -29.39 -3.93 -11.65
N MET B 309 -28.95 -2.73 -12.03
CA MET B 309 -27.98 -2.01 -11.21
C MET B 309 -28.53 -1.77 -9.81
N GLN B 310 -29.79 -1.36 -9.71
CA GLN B 310 -30.37 -1.07 -8.39
C GLN B 310 -30.52 -2.33 -7.55
N LYS B 311 -30.82 -3.47 -8.17
CA LYS B 311 -30.89 -4.71 -7.40
C LYS B 311 -29.51 -5.12 -6.90
N GLU B 312 -28.49 -4.98 -7.74
CA GLU B 312 -27.18 -5.51 -7.41
C GLU B 312 -26.39 -4.57 -6.51
N ILE B 313 -26.44 -3.26 -6.76
CA ILE B 313 -25.76 -2.34 -5.86
C ILE B 313 -26.47 -2.26 -4.51
N THR B 314 -27.80 -2.43 -4.50
CA THR B 314 -28.51 -2.48 -3.23
C THR B 314 -28.23 -3.76 -2.47
N ALA B 315 -27.72 -4.80 -3.14
CA ALA B 315 -27.35 -6.04 -2.46
C ALA B 315 -25.94 -6.00 -1.90
N LEU B 316 -25.06 -5.19 -2.49
CA LEU B 316 -23.70 -5.04 -1.97
C LEU B 316 -23.60 -3.94 -0.93
N ALA B 317 -24.45 -2.88 -1.03
CA ALA B 317 -24.34 -1.78 -0.10
C ALA B 317 -25.26 -1.98 1.10
N PRO B 318 -24.89 -1.44 2.26
CA PRO B 318 -25.70 -1.63 3.47
C PRO B 318 -27.14 -1.19 3.22
N SER B 319 -28.08 -2.08 3.51
CA SER B 319 -29.47 -1.86 3.12
C SER B 319 -30.12 -0.68 3.83
N THR B 320 -29.43 -0.02 4.77
CA THR B 320 -30.03 1.07 5.52
C THR B 320 -30.08 2.38 4.75
N MET B 321 -29.48 2.47 3.56
CA MET B 321 -29.37 3.73 2.86
C MET B 321 -29.88 3.60 1.42
N LYS B 322 -30.39 4.71 0.90
CA LYS B 322 -31.15 4.73 -0.34
C LYS B 322 -30.21 4.84 -1.54
N ILE B 323 -30.31 3.88 -2.46
CA ILE B 323 -29.53 3.89 -3.68
C ILE B 323 -30.44 4.27 -4.84
N LYS B 324 -30.50 5.56 -5.16
CA LYS B 324 -31.23 6.05 -6.32
C LYS B 324 -30.27 6.11 -7.51
N ILE B 325 -30.69 5.55 -8.63
CA ILE B 325 -29.91 5.60 -9.86
C ILE B 325 -30.66 6.48 -10.85
N ILE B 326 -29.96 7.46 -11.40
CA ILE B 326 -30.55 8.42 -12.33
C ILE B 326 -30.01 8.14 -13.72
N ALA B 327 -30.88 7.69 -14.60
CA ALA B 327 -30.49 7.31 -15.96
C ALA B 327 -31.49 7.99 -16.87
N PRO B 328 -31.20 9.21 -17.31
CA PRO B 328 -32.17 9.97 -18.11
C PRO B 328 -32.14 9.51 -19.56
N PRO B 329 -33.30 9.54 -20.23
CA PRO B 329 -33.32 9.39 -21.69
C PRO B 329 -32.45 10.45 -22.36
N GLU B 330 -31.93 10.10 -23.53
CA GLU B 330 -31.07 11.00 -24.31
C GLU B 330 -29.63 10.99 -23.80
N ARG B 331 -29.20 9.87 -23.20
CA ARG B 331 -27.84 9.77 -22.69
C ARG B 331 -26.80 10.21 -23.70
N LYS B 332 -26.80 9.58 -24.88
CA LYS B 332 -25.81 9.93 -25.90
C LYS B 332 -25.80 11.43 -26.15
N TYR B 333 -26.98 12.04 -26.23
CA TYR B 333 -27.06 13.50 -26.32
C TYR B 333 -26.59 14.15 -25.03
N SER B 334 -26.86 13.51 -23.89
CA SER B 334 -26.58 14.14 -22.61
C SER B 334 -25.10 14.42 -22.43
N VAL B 335 -24.24 13.46 -22.78
CA VAL B 335 -22.80 13.67 -22.62
C VAL B 335 -22.35 14.92 -23.37
N TRP B 336 -22.88 15.12 -24.58
CA TRP B 336 -22.50 16.29 -25.37
C TRP B 336 -22.94 17.58 -24.69
N ILE B 337 -24.11 17.56 -24.03
CA ILE B 337 -24.67 18.77 -23.46
C ILE B 337 -23.79 19.31 -22.35
N GLY B 338 -23.26 18.42 -21.52
CA GLY B 338 -22.39 18.85 -20.43
C GLY B 338 -21.16 19.57 -20.91
N GLY B 339 -20.56 19.08 -22.00
CA GLY B 339 -19.42 19.77 -22.57
C GLY B 339 -19.80 21.12 -23.15
N SER B 340 -20.97 21.20 -23.80
CA SER B 340 -21.39 22.45 -24.41
C SER B 340 -21.62 23.53 -23.35
N ILE B 341 -22.22 23.17 -22.22
CA ILE B 341 -22.44 24.14 -21.15
C ILE B 341 -21.11 24.73 -20.68
N LEU B 342 -20.08 23.90 -20.54
CA LEU B 342 -18.79 24.38 -20.09
C LEU B 342 -18.21 25.40 -21.07
N ALA B 343 -18.32 25.12 -22.37
CA ALA B 343 -17.95 26.11 -23.37
C ALA B 343 -18.81 27.36 -23.22
N SER B 344 -20.10 27.18 -22.91
CA SER B 344 -20.99 28.30 -22.70
C SER B 344 -20.58 29.13 -21.50
N LEU B 345 -20.03 28.49 -20.46
CA LEU B 345 -19.77 29.16 -19.20
C LEU B 345 -18.78 30.31 -19.36
N SER B 346 -19.06 31.42 -18.66
CA SER B 346 -18.24 32.62 -18.65
C SER B 346 -17.05 32.51 -17.70
N THR B 347 -16.71 31.29 -17.29
CA THR B 347 -15.57 31.04 -16.42
C THR B 347 -14.60 30.01 -16.97
N PHE B 348 -15.01 29.22 -17.97
CA PHE B 348 -14.15 28.25 -18.61
C PHE B 348 -13.32 28.84 -19.75
N GLN B 349 -13.70 30.01 -20.25
CA GLN B 349 -12.97 30.62 -21.36
C GLN B 349 -11.54 30.99 -21.01
N GLN B 350 -11.18 31.00 -19.73
CA GLN B 350 -9.79 31.20 -19.35
C GLN B 350 -8.97 29.94 -19.49
N MET B 351 -9.60 28.76 -19.46
CA MET B 351 -8.88 27.50 -19.43
C MET B 351 -8.55 26.96 -20.82
N TRP B 352 -9.01 27.60 -21.90
CA TRP B 352 -8.59 27.19 -23.23
C TRP B 352 -7.07 27.16 -23.31
N ILE B 353 -6.55 26.22 -24.08
CA ILE B 353 -5.11 26.15 -24.36
C ILE B 353 -4.90 26.74 -25.74
N SER B 354 -4.38 27.97 -25.80
CA SER B 354 -4.14 28.62 -27.08
C SER B 354 -3.18 27.80 -27.95
N LYS B 355 -3.47 27.74 -29.27
CA LYS B 355 -2.59 27.06 -30.21
C LYS B 355 -1.19 27.62 -30.18
N GLN B 356 -1.06 28.95 -30.28
CA GLN B 356 0.24 29.56 -30.09
C GLN B 356 0.81 29.20 -28.72
N GLU B 357 -0.03 29.27 -27.68
CA GLU B 357 0.41 28.92 -26.33
C GLU B 357 0.83 27.46 -26.23
N TYR B 358 0.12 26.58 -26.95
CA TYR B 358 0.33 25.14 -26.80
C TYR B 358 1.72 24.70 -27.21
N ASP B 359 2.23 25.25 -28.32
CA ASP B 359 3.56 24.85 -28.78
C ASP B 359 4.59 25.18 -27.72
N GLU B 360 4.50 26.37 -27.12
CA GLU B 360 5.38 26.71 -26.00
C GLU B 360 5.03 25.86 -24.79
N ALA B 361 3.74 25.59 -24.58
CA ALA B 361 3.31 24.89 -23.37
C ALA B 361 3.77 23.44 -23.37
N GLY B 362 3.70 22.76 -24.51
CA GLY B 362 4.15 21.39 -24.61
C GLY B 362 3.07 20.40 -24.21
N PRO B 363 3.38 19.09 -24.30
CA PRO B 363 2.37 18.10 -23.91
C PRO B 363 1.99 18.18 -22.45
N SER B 364 2.97 18.45 -21.58
CA SER B 364 2.74 18.30 -20.13
C SER B 364 1.70 19.29 -19.62
N ILE B 365 1.71 20.51 -20.13
CA ILE B 365 0.77 21.53 -19.64
C ILE B 365 -0.66 21.08 -19.85
N VAL B 366 -0.94 20.47 -21.00
CA VAL B 366 -2.31 20.07 -21.34
C VAL B 366 -2.82 19.06 -20.33
N HIS B 367 -1.96 18.13 -19.92
CA HIS B 367 -2.29 17.09 -18.96
C HIS B 367 -2.31 17.64 -17.53
N THR C 1 14.15 -30.00 20.14
CA THR C 1 12.76 -29.65 19.92
C THR C 1 12.63 -28.27 19.32
N THR C 2 13.71 -27.82 18.67
CA THR C 2 14.19 -26.45 18.83
C THR C 2 13.09 -25.40 18.84
N ALA C 3 12.50 -25.07 17.69
CA ALA C 3 11.34 -24.18 17.63
C ALA C 3 11.01 -23.83 16.18
N LEU C 4 9.79 -23.38 15.92
CA LEU C 4 9.38 -22.93 14.59
C LEU C 4 9.06 -21.45 14.62
N VAL C 5 9.66 -20.70 13.70
CA VAL C 5 9.40 -19.27 13.55
C VAL C 5 8.70 -19.05 12.23
N CYS C 6 7.45 -18.61 12.27
CA CYS C 6 6.66 -18.33 11.08
C CYS C 6 6.31 -16.84 11.05
N ASP C 7 6.91 -16.12 10.10
CA ASP C 7 6.63 -14.71 9.89
C ASP C 7 5.54 -14.60 8.83
N ASN C 8 4.30 -14.36 9.28
CA ASN C 8 3.15 -14.31 8.39
C ASN C 8 2.85 -12.83 8.08
N GLY C 9 3.53 -12.31 7.07
CA GLY C 9 3.21 -11.01 6.54
C GLY C 9 2.38 -11.15 5.27
N SER C 10 1.76 -10.05 4.88
CA SER C 10 1.13 -10.01 3.56
C SER C 10 2.22 -10.09 2.49
N GLY C 11 1.99 -10.92 1.49
CA GLY C 11 2.91 -11.01 0.38
C GLY C 11 3.94 -12.11 0.47
N LEU C 12 4.44 -12.40 1.66
CA LEU C 12 5.48 -13.40 1.82
C LEU C 12 5.34 -14.10 3.16
N VAL C 13 5.44 -15.43 3.14
CA VAL C 13 5.58 -16.23 4.35
C VAL C 13 7.05 -16.58 4.51
N LYS C 14 7.65 -16.13 5.61
CA LYS C 14 9.03 -16.45 5.95
C LYS C 14 9.01 -17.38 7.16
N ALA C 15 9.26 -18.66 6.93
CA ALA C 15 9.17 -19.67 7.97
C ALA C 15 10.43 -20.51 7.99
N GLY C 16 10.71 -21.11 9.14
CA GLY C 16 11.89 -21.93 9.31
C GLY C 16 12.12 -22.21 10.77
N PHE C 17 13.17 -23.00 11.04
CA PHE C 17 13.49 -23.37 12.41
C PHE C 17 14.22 -22.24 13.12
N ALA C 18 14.04 -22.19 14.45
CA ALA C 18 14.71 -21.20 15.26
C ALA C 18 16.20 -21.50 15.36
N GLY C 19 16.96 -20.49 15.76
CA GLY C 19 18.40 -20.61 15.86
C GLY C 19 19.13 -20.64 14.54
N ASP C 20 18.43 -20.62 13.41
CA ASP C 20 19.07 -20.60 12.11
C ASP C 20 19.29 -19.16 11.63
N ASP C 21 19.94 -19.03 10.48
CA ASP C 21 20.35 -17.71 9.99
C ASP C 21 19.33 -17.09 9.04
N ALA C 22 18.68 -17.91 8.23
CA ALA C 22 17.71 -17.42 7.25
C ALA C 22 16.52 -18.36 7.22
N PRO C 23 15.32 -17.84 6.95
CA PRO C 23 14.17 -18.73 6.76
C PRO C 23 14.41 -19.63 5.56
N ARG C 24 13.96 -20.88 5.66
CA ARG C 24 14.20 -21.84 4.59
C ARG C 24 13.09 -21.84 3.55
N ALA C 25 11.84 -21.69 3.98
CA ALA C 25 10.70 -21.61 3.07
C ALA C 25 10.25 -20.14 3.01
N VAL C 26 10.53 -19.49 1.89
CA VAL C 26 10.11 -18.12 1.64
C VAL C 26 9.29 -18.15 0.36
N PHE C 27 7.97 -18.11 0.50
CA PHE C 27 7.08 -18.15 -0.65
C PHE C 27 5.93 -17.20 -0.45
N PRO C 28 5.40 -16.65 -1.53
CA PRO C 28 4.32 -15.67 -1.44
C PRO C 28 3.05 -16.27 -0.84
N SER C 29 2.32 -15.43 -0.12
CA SER C 29 1.08 -15.83 0.55
C SER C 29 -0.08 -15.63 -0.42
N ILE C 30 -0.27 -16.60 -1.30
CA ILE C 30 -1.37 -16.54 -2.26
C ILE C 30 -2.03 -17.90 -2.38
N VAL C 31 -3.33 -17.88 -2.64
CA VAL C 31 -4.11 -19.06 -2.94
C VAL C 31 -4.71 -18.85 -4.32
N GLY C 32 -4.06 -19.40 -5.35
CA GLY C 32 -4.58 -19.30 -6.69
C GLY C 32 -5.74 -20.24 -6.92
N ARG C 33 -6.71 -19.78 -7.72
CA ARG C 33 -7.85 -20.60 -8.07
C ARG C 33 -8.09 -20.50 -9.57
N PRO C 34 -8.25 -21.62 -10.26
CA PRO C 34 -8.42 -21.56 -11.73
C PRO C 34 -9.53 -20.61 -12.12
N ARG C 35 -9.21 -19.70 -13.03
CA ARG C 35 -10.22 -18.73 -13.48
C ARG C 35 -11.12 -19.33 -14.56
N HIS C 36 -10.56 -20.09 -15.49
CA HIS C 36 -11.31 -20.70 -16.59
C HIS C 36 -11.57 -22.16 -16.25
N GLN C 37 -12.83 -22.54 -16.23
CA GLN C 37 -13.17 -23.90 -15.79
C GLN C 37 -12.61 -24.89 -16.79
N GLY C 38 -11.38 -25.36 -16.53
CA GLY C 38 -10.68 -26.21 -17.46
C GLY C 38 -11.54 -27.37 -17.87
N VAL C 39 -12.01 -27.36 -19.13
CA VAL C 39 -13.02 -28.30 -19.61
C VAL C 39 -12.30 -29.54 -20.11
N MET C 40 -11.19 -29.83 -19.46
CA MET C 40 -10.37 -30.97 -19.79
C MET C 40 -10.40 -32.04 -18.71
N VAL C 41 -9.88 -33.20 -19.08
CA VAL C 41 -9.87 -34.37 -18.21
C VAL C 41 -8.44 -34.66 -17.79
N GLY C 42 -8.21 -34.74 -16.49
CA GLY C 42 -6.90 -35.03 -15.95
C GLY C 42 -6.23 -33.82 -15.38
N MET C 43 -6.44 -32.66 -16.02
CA MET C 43 -5.81 -31.42 -15.56
C MET C 43 -6.02 -31.21 -14.07
N GLY C 44 -4.93 -31.24 -13.31
CA GLY C 44 -5.02 -31.06 -11.87
C GLY C 44 -5.68 -32.22 -11.16
N GLN C 45 -6.91 -32.06 -10.70
CA GLN C 45 -7.68 -30.84 -10.97
C GLN C 45 -7.11 -29.67 -10.16
N LYS C 46 -6.55 -29.98 -9.00
CA LYS C 46 -5.90 -28.99 -8.14
C LYS C 46 -6.83 -27.79 -7.91
N ASP C 47 -7.98 -28.09 -7.29
CA ASP C 47 -8.99 -27.04 -7.09
C ASP C 47 -8.39 -25.79 -6.45
N SER C 48 -7.32 -25.95 -5.67
CA SER C 48 -6.66 -24.81 -5.05
C SER C 48 -5.16 -24.96 -5.17
N TYR C 49 -4.51 -23.93 -5.70
CA TYR C 49 -3.07 -23.80 -5.71
C TYR C 49 -2.65 -22.81 -4.62
N VAL C 50 -1.45 -23.00 -4.08
CA VAL C 50 -0.98 -22.19 -2.95
C VAL C 50 0.51 -21.93 -3.11
N GLY C 51 0.91 -20.67 -2.91
CA GLY C 51 2.33 -20.34 -2.92
C GLY C 51 2.96 -20.48 -4.29
N ASP C 52 4.09 -21.19 -4.32
CA ASP C 52 4.93 -21.21 -5.51
C ASP C 52 4.24 -21.88 -6.69
N GLU C 53 3.51 -22.96 -6.44
CA GLU C 53 2.76 -23.61 -7.51
C GLU C 53 1.75 -22.65 -8.13
N ALA C 54 1.00 -21.93 -7.30
CA ALA C 54 0.08 -20.92 -7.80
C ALA C 54 0.83 -19.86 -8.60
N GLN C 55 2.04 -19.48 -8.15
CA GLN C 55 2.83 -18.49 -8.86
C GLN C 55 3.21 -18.96 -10.26
N SER C 56 3.61 -20.21 -10.37
CA SER C 56 4.02 -20.74 -11.65
C SER C 56 2.87 -20.64 -12.66
N LYS C 57 1.66 -20.95 -12.21
CA LYS C 57 0.46 -20.89 -13.06
C LYS C 57 -0.34 -19.62 -12.76
N ARG C 58 0.25 -18.47 -13.10
CA ARG C 58 -0.47 -17.20 -12.89
C ARG C 58 -1.52 -16.97 -13.95
N GLY C 59 -1.23 -17.36 -15.19
CA GLY C 59 -2.14 -17.08 -16.29
C GLY C 59 -3.46 -17.83 -16.19
N ILE C 60 -3.46 -18.97 -15.52
CA ILE C 60 -4.71 -19.71 -15.33
C ILE C 60 -5.48 -19.23 -14.11
N LEU C 61 -4.75 -18.86 -13.05
CA LEU C 61 -5.36 -18.73 -11.73
C LEU C 61 -5.77 -17.30 -11.43
N THR C 62 -6.77 -17.19 -10.55
CA THR C 62 -7.04 -15.95 -9.83
C THR C 62 -6.22 -15.99 -8.55
N LEU C 63 -5.29 -15.06 -8.41
CA LEU C 63 -4.47 -14.98 -7.21
C LEU C 63 -5.19 -14.15 -6.16
N LYS C 64 -5.12 -14.61 -4.90
CA LYS C 64 -5.91 -14.04 -3.82
C LYS C 64 -5.06 -13.99 -2.56
N TYR C 65 -4.60 -12.80 -2.20
CA TYR C 65 -3.89 -12.61 -0.93
C TYR C 65 -4.84 -12.88 0.23
N PRO C 66 -4.52 -13.80 1.14
CA PRO C 66 -5.43 -14.08 2.26
C PRO C 66 -5.36 -13.05 3.38
N ILE C 67 -4.36 -12.17 3.37
CA ILE C 67 -4.08 -11.26 4.48
C ILE C 67 -3.88 -9.87 3.91
N GLU C 68 -4.72 -8.92 4.32
CA GLU C 68 -4.75 -7.56 3.77
C GLU C 68 -4.49 -6.54 4.89
N GLY C 70 -2.23 -6.67 7.21
CA GLY C 70 -2.05 -7.35 8.48
C GLY C 70 -3.28 -8.07 8.97
N ILE C 71 -4.46 -7.57 8.58
CA ILE C 71 -5.71 -8.20 8.98
C ILE C 71 -5.92 -9.46 8.15
N ILE C 72 -6.27 -10.56 8.82
CA ILE C 72 -6.63 -11.78 8.12
C ILE C 72 -8.03 -11.63 7.54
N THR C 73 -8.12 -11.65 6.22
CA THR C 73 -9.42 -11.49 5.56
C THR C 73 -10.15 -12.82 5.42
N ASN C 74 -9.48 -13.84 4.91
CA ASN C 74 -10.09 -15.15 4.68
C ASN C 74 -9.34 -16.19 5.50
N TRP C 75 -10.07 -16.94 6.33
CA TRP C 75 -9.46 -17.74 7.37
C TRP C 75 -9.12 -19.17 6.95
N ASP C 76 -9.79 -19.72 5.95
CA ASP C 76 -9.38 -21.03 5.46
C ASP C 76 -8.31 -20.95 4.37
N ASP C 77 -8.23 -19.82 3.66
CA ASP C 77 -7.08 -19.61 2.79
C ASP C 77 -5.81 -19.46 3.60
N MET C 78 -5.88 -18.74 4.73
CA MET C 78 -4.75 -18.70 5.64
C MET C 78 -4.39 -20.10 6.11
N GLU C 79 -5.38 -20.85 6.62
CA GLU C 79 -5.16 -22.24 6.98
C GLU C 79 -4.48 -23.01 5.85
N LYS C 80 -4.90 -22.75 4.61
CA LYS C 80 -4.32 -23.48 3.48
C LYS C 80 -2.81 -23.29 3.40
N ILE C 81 -2.36 -22.04 3.47
CA ILE C 81 -0.93 -21.76 3.30
C ILE C 81 -0.14 -22.20 4.53
N TRP C 82 -0.79 -22.24 5.70
CA TRP C 82 -0.13 -22.78 6.88
C TRP C 82 0.08 -24.27 6.74
N HIS C 83 -0.99 -25.02 6.44
CA HIS C 83 -0.84 -26.45 6.22
C HIS C 83 0.21 -26.74 5.16
N HIS C 84 0.17 -26.00 4.06
CA HIS C 84 1.17 -26.19 3.00
C HIS C 84 2.56 -25.88 3.53
N THR C 85 2.68 -24.88 4.40
CA THR C 85 3.99 -24.48 4.92
C THR C 85 4.58 -25.54 5.84
N PHE C 86 3.74 -26.29 6.54
CA PHE C 86 4.20 -27.23 7.57
C PHE C 86 4.52 -28.61 7.03
N TYR C 87 3.92 -29.01 5.92
CA TYR C 87 4.03 -30.38 5.43
C TYR C 87 4.72 -30.51 4.07
N ASN C 88 4.87 -29.41 3.32
CA ASN C 88 5.45 -29.49 1.99
C ASN C 88 6.68 -28.62 1.78
N GLU C 89 7.04 -27.76 2.73
CA GLU C 89 8.35 -27.11 2.75
C GLU C 89 9.13 -27.39 4.02
N LEU C 90 8.51 -27.27 5.19
CA LEU C 90 9.18 -27.57 6.44
C LEU C 90 9.11 -29.05 6.78
N ARG C 91 8.14 -29.78 6.23
CA ARG C 91 8.14 -31.24 6.33
C ARG C 91 7.98 -31.71 7.77
N VAL C 92 7.36 -30.90 8.62
CA VAL C 92 7.50 -31.00 10.07
C VAL C 92 6.13 -31.04 10.71
N ALA C 93 5.89 -32.05 11.52
CA ALA C 93 4.67 -32.09 12.32
C ALA C 93 4.74 -31.00 13.39
N PRO C 94 3.75 -30.11 13.48
CA PRO C 94 3.81 -29.05 14.49
C PRO C 94 3.74 -29.55 15.92
N GLU C 95 3.46 -30.84 16.13
CA GLU C 95 3.35 -31.36 17.48
C GLU C 95 4.69 -31.47 18.18
N GLU C 96 5.79 -31.55 17.43
CA GLU C 96 7.11 -31.60 18.05
C GLU C 96 7.68 -30.24 18.39
N HIS C 97 7.14 -29.16 17.81
CA HIS C 97 7.76 -27.86 17.92
C HIS C 97 6.81 -26.81 18.48
N PRO C 98 7.23 -26.03 19.45
CA PRO C 98 6.51 -24.79 19.77
C PRO C 98 6.72 -23.79 18.64
N THR C 99 5.69 -22.97 18.41
CA THR C 99 5.64 -22.12 17.23
C THR C 99 5.51 -20.66 17.63
N LEU C 100 6.48 -19.85 17.21
CA LEU C 100 6.43 -18.40 17.39
C LEU C 100 5.82 -17.77 16.15
N LEU C 101 4.67 -17.11 16.32
CA LEU C 101 4.01 -16.43 15.21
C LEU C 101 4.27 -14.93 15.29
N THR C 102 3.96 -14.25 14.18
CA THR C 102 4.22 -12.83 14.02
C THR C 102 2.93 -12.10 13.70
N GLU C 103 2.90 -10.81 14.00
CA GLU C 103 1.76 -9.97 13.66
C GLU C 103 2.17 -8.51 13.80
N ALA C 104 1.42 -7.65 13.14
CA ALA C 104 1.66 -6.22 13.20
C ALA C 104 1.10 -5.63 14.49
N PRO C 105 1.67 -4.54 14.98
CA PRO C 105 1.11 -3.88 16.16
C PRO C 105 -0.20 -3.19 15.86
N LEU C 106 -0.97 -2.96 16.92
CA LEU C 106 -2.21 -2.20 16.86
C LEU C 106 -3.23 -2.85 15.92
N ASN C 107 -3.20 -4.19 15.86
CA ASN C 107 -3.96 -5.10 15.01
C ASN C 107 -5.19 -5.60 15.74
N PRO C 108 -6.35 -5.67 15.04
CA PRO C 108 -7.59 -6.15 15.66
C PRO C 108 -7.39 -7.37 16.54
N LYS C 109 -8.14 -7.48 17.63
CA LYS C 109 -8.06 -8.65 18.51
C LYS C 109 -8.59 -9.91 17.86
N ALA C 110 -9.09 -9.85 16.63
CA ALA C 110 -9.56 -11.05 15.95
C ALA C 110 -8.43 -11.87 15.35
N ASN C 111 -7.26 -11.25 15.14
CA ASN C 111 -6.15 -11.97 14.56
C ASN C 111 -5.38 -12.82 15.58
N ARG C 112 -5.20 -12.32 16.82
CA ARG C 112 -4.46 -13.13 17.78
C ARG C 112 -5.29 -14.28 18.35
N GLU C 113 -6.61 -14.12 18.48
CA GLU C 113 -7.41 -15.16 19.09
C GLU C 113 -7.81 -16.24 18.09
N LYS C 114 -8.19 -15.84 16.88
CA LYS C 114 -8.47 -16.82 15.84
C LYS C 114 -7.21 -17.53 15.39
N MET C 115 -6.07 -16.83 15.42
CA MET C 115 -4.81 -17.41 14.97
C MET C 115 -4.34 -18.50 15.94
N THR C 116 -4.36 -18.20 17.23
CA THR C 116 -4.01 -19.20 18.23
C THR C 116 -5.03 -20.34 18.28
N GLN C 117 -6.30 -20.04 18.06
CA GLN C 117 -7.30 -21.12 18.13
C GLN C 117 -7.12 -22.09 16.97
N ILE C 118 -6.64 -21.62 15.82
CA ILE C 118 -6.31 -22.50 14.70
C ILE C 118 -5.04 -23.28 14.95
N MET C 119 -3.97 -22.58 15.38
CA MET C 119 -2.67 -23.21 15.59
C MET C 119 -2.83 -24.36 16.54
N PHE C 120 -3.79 -24.22 17.45
CA PHE C 120 -3.93 -25.05 18.64
C PHE C 120 -4.83 -26.20 18.39
N GLU C 121 -5.90 -25.94 17.68
CA GLU C 121 -6.99 -26.91 17.44
C GLU C 121 -6.91 -27.66 16.09
N THR C 122 -6.61 -26.97 15.00
CA THR C 122 -6.50 -27.62 13.69
C THR C 122 -5.13 -28.28 13.54
N PHE C 123 -4.08 -27.48 13.61
CA PHE C 123 -2.78 -28.03 13.97
C PHE C 123 -2.76 -28.26 15.48
N ASN C 124 -1.85 -29.12 15.92
CA ASN C 124 -1.68 -29.35 17.36
C ASN C 124 -0.27 -28.92 17.74
N VAL C 125 -0.18 -27.83 18.50
CA VAL C 125 1.09 -27.24 18.90
C VAL C 125 1.21 -27.37 20.41
N PRO C 126 2.33 -27.87 20.93
CA PRO C 126 2.50 -27.87 22.40
C PRO C 126 2.35 -26.48 23.01
N ALA C 127 3.03 -25.47 22.46
CA ALA C 127 2.90 -24.11 22.95
C ALA C 127 3.25 -23.15 21.82
N MET C 128 2.78 -21.90 21.95
CA MET C 128 2.97 -20.91 20.91
C MET C 128 3.05 -19.52 21.52
N TYR C 129 3.47 -18.56 20.70
CA TYR C 129 3.58 -17.16 21.11
C TYR C 129 3.38 -16.30 19.87
N VAL C 130 2.77 -15.13 20.07
CA VAL C 130 2.57 -14.15 19.02
C VAL C 130 3.28 -12.88 19.43
N ALA C 131 4.20 -12.41 18.58
CA ALA C 131 5.09 -11.31 18.93
C ALA C 131 4.91 -10.15 17.96
N ILE C 132 5.12 -8.94 18.47
CA ILE C 132 4.99 -7.72 17.68
C ILE C 132 6.22 -7.58 16.79
N GLN C 133 6.00 -7.31 15.50
CA GLN C 133 7.06 -7.41 14.51
C GLN C 133 8.27 -6.56 14.87
N ALA C 134 8.05 -5.28 15.20
CA ALA C 134 9.17 -4.34 15.31
C ALA C 134 10.14 -4.73 16.42
N VAL C 135 9.65 -5.38 17.47
CA VAL C 135 10.54 -5.80 18.55
C VAL C 135 11.48 -6.90 18.07
N LEU C 136 10.99 -7.78 17.20
CA LEU C 136 11.85 -8.82 16.64
C LEU C 136 12.94 -8.23 15.75
N SER C 137 12.59 -7.23 14.94
CA SER C 137 13.60 -6.57 14.11
C SER C 137 14.66 -5.90 14.97
N LEU C 138 14.27 -5.38 16.15
CA LEU C 138 15.24 -4.76 17.04
C LEU C 138 16.20 -5.79 17.61
N TYR C 139 15.70 -6.98 17.93
CA TYR C 139 16.58 -8.08 18.33
C TYR C 139 17.57 -8.42 17.22
N ALA C 140 17.11 -8.37 15.97
CA ALA C 140 17.97 -8.71 14.84
C ALA C 140 19.06 -7.68 14.64
N SER C 141 18.79 -6.42 14.98
CA SER C 141 19.85 -5.41 14.93
C SER C 141 20.89 -5.65 16.01
N GLY C 142 20.54 -6.41 17.05
CA GLY C 142 21.43 -6.61 18.17
C GLY C 142 21.50 -5.38 19.05
N ARG C 143 20.34 -4.84 19.39
CA ARG C 143 20.26 -3.56 20.09
C ARG C 143 19.00 -3.56 20.94
N THR C 144 19.00 -2.71 21.98
CA THR C 144 17.87 -2.61 22.87
C THR C 144 17.09 -1.29 22.74
N THR C 145 17.67 -0.28 22.11
CA THR C 145 17.02 1.01 21.98
C THR C 145 16.99 1.43 20.51
N GLY C 146 15.97 2.20 20.16
CA GLY C 146 15.80 2.68 18.81
C GLY C 146 14.34 2.78 18.42
N ILE C 147 14.05 3.35 17.26
CA ILE C 147 12.68 3.45 16.75
C ILE C 147 12.64 2.72 15.41
N VAL C 148 11.85 1.66 15.35
CA VAL C 148 11.80 0.77 14.20
C VAL C 148 10.76 1.26 13.22
N LEU C 149 11.15 1.41 11.95
CA LEU C 149 10.23 1.58 10.85
C LEU C 149 10.22 0.27 10.07
N ASP C 150 9.14 -0.49 10.20
CA ASP C 150 8.96 -1.76 9.49
C ASP C 150 7.87 -1.55 8.44
N SER C 151 8.27 -1.53 7.18
CA SER C 151 7.35 -1.40 6.06
C SER C 151 7.39 -2.71 5.27
N GLY C 152 6.32 -3.48 5.38
CA GLY C 152 6.19 -4.71 4.61
C GLY C 152 5.23 -4.54 3.46
N ASP C 153 4.54 -5.61 3.08
CA ASP C 153 3.58 -5.51 1.98
C ASP C 153 2.23 -4.95 2.43
N GLY C 154 1.82 -5.24 3.66
CA GLY C 154 0.53 -4.77 4.12
C GLY C 154 0.55 -3.47 4.88
N VAL C 155 1.55 -3.29 5.74
CA VAL C 155 1.50 -2.24 6.75
C VAL C 155 2.90 -1.70 7.01
N THR C 156 2.96 -0.42 7.36
CA THR C 156 4.18 0.25 7.82
C THR C 156 3.97 0.66 9.27
N HIS C 157 4.95 0.37 10.12
CA HIS C 157 4.86 0.70 11.54
C HIS C 157 6.02 1.58 11.96
N ASN C 158 5.78 2.32 13.04
CA ASN C 158 6.83 2.97 13.81
C ASN C 158 6.63 2.55 15.26
N VAL C 159 7.61 1.87 15.83
CA VAL C 159 7.55 1.40 17.20
C VAL C 159 8.77 1.93 17.94
N PRO C 160 8.62 3.01 18.70
CA PRO C 160 9.74 3.50 19.51
C PRO C 160 9.97 2.58 20.70
N ILE C 161 11.24 2.33 20.99
CA ILE C 161 11.65 1.34 21.98
C ILE C 161 12.84 1.91 22.75
N TYR C 162 12.68 2.10 24.06
CA TYR C 162 13.77 2.65 24.86
C TYR C 162 14.20 1.64 25.92
N GLU C 163 15.47 1.26 25.86
CA GLU C 163 16.14 0.44 26.89
C GLU C 163 15.28 -0.73 27.32
N GLY C 164 15.03 -1.64 26.38
CA GLY C 164 13.98 -2.59 26.69
C GLY C 164 12.70 -1.88 26.37
N TYR C 165 12.08 -1.26 27.38
CA TYR C 165 10.63 -1.12 27.54
C TYR C 165 9.93 -0.80 26.23
N ALA C 166 8.65 -0.42 26.26
CA ALA C 166 8.07 0.12 25.04
C ALA C 166 7.32 1.40 25.36
N LEU C 167 6.76 2.01 24.32
CA LEU C 167 5.96 3.22 24.43
C LEU C 167 4.72 2.98 23.57
N PRO C 168 3.72 2.29 24.10
CA PRO C 168 2.52 1.98 23.30
C PRO C 168 1.81 3.21 22.77
N HIS C 169 1.80 4.31 23.53
CA HIS C 169 1.11 5.51 23.08
C HIS C 169 1.77 6.17 21.88
N ALA C 170 3.02 5.81 21.57
CA ALA C 170 3.74 6.39 20.44
C ALA C 170 3.84 5.45 19.25
N ILE C 171 3.26 4.26 19.33
CA ILE C 171 3.25 3.35 18.19
C ILE C 171 2.27 3.86 17.14
N MET C 172 2.74 3.97 15.90
CA MET C 172 2.01 4.63 14.83
C MET C 172 1.99 3.70 13.62
N ARG C 173 0.79 3.24 13.24
CA ARG C 173 0.65 2.37 12.08
C ARG C 173 0.06 3.15 10.92
N LEU C 174 0.41 2.73 9.71
CA LEU C 174 0.05 3.43 8.49
C LEU C 174 -0.06 2.43 7.36
N ASP C 175 -1.20 2.41 6.68
CA ASP C 175 -1.42 1.45 5.59
C ASP C 175 -0.88 2.05 4.30
N LEU C 176 0.46 2.03 4.20
CA LEU C 176 1.19 2.30 2.96
C LEU C 176 2.26 1.23 2.86
N ALA C 177 2.27 0.47 1.77
CA ALA C 177 3.17 -0.67 1.68
C ALA C 177 3.26 -1.14 0.24
N GLY C 178 4.07 -2.18 0.02
CA GLY C 178 4.32 -2.66 -1.33
C GLY C 178 3.06 -2.93 -2.13
N ARG C 179 1.98 -3.35 -1.46
CA ARG C 179 0.75 -3.59 -2.19
C ARG C 179 0.12 -2.28 -2.65
N ASP C 180 0.12 -1.25 -1.79
CA ASP C 180 -0.37 0.06 -2.20
C ASP C 180 0.54 0.70 -3.25
N LEU C 181 1.84 0.45 -3.17
CA LEU C 181 2.76 1.04 -4.14
C LEU C 181 2.67 0.34 -5.49
N THR C 182 2.40 -0.97 -5.49
CA THR C 182 2.28 -1.69 -6.76
C THR C 182 0.99 -1.35 -7.47
N ASP C 183 -0.07 -1.03 -6.72
CA ASP C 183 -1.30 -0.56 -7.35
C ASP C 183 -1.12 0.85 -7.90
N TYR C 184 -0.46 1.74 -7.14
CA TYR C 184 -0.19 3.07 -7.68
C TYR C 184 0.72 3.00 -8.89
N LEU C 185 1.74 2.14 -8.85
CA LEU C 185 2.54 1.89 -10.04
C LEU C 185 1.70 1.32 -11.17
N MET C 186 0.56 0.70 -10.86
CA MET C 186 -0.33 0.21 -11.90
C MET C 186 -0.90 1.37 -12.71
N LYS C 187 -1.63 2.27 -12.06
CA LYS C 187 -2.30 3.36 -12.76
C LYS C 187 -1.35 4.45 -13.23
N ILE C 188 -0.17 4.56 -12.61
CA ILE C 188 0.84 5.48 -13.16
C ILE C 188 1.52 4.86 -14.37
N LEU C 189 1.70 3.54 -14.37
CA LEU C 189 2.29 2.87 -15.51
C LEU C 189 1.39 2.95 -16.74
N THR C 190 0.07 2.99 -16.53
CA THR C 190 -0.89 2.97 -17.63
C THR C 190 -0.95 4.28 -18.41
N GLU C 191 -0.29 5.33 -17.94
CA GLU C 191 -0.20 6.55 -18.75
C GLU C 191 0.79 6.39 -19.89
N ARG C 192 1.67 5.39 -19.83
CA ARG C 192 2.50 5.03 -20.96
C ARG C 192 1.78 4.12 -21.95
N GLY C 193 0.59 3.64 -21.61
CA GLY C 193 -0.16 2.75 -22.45
C GLY C 193 -0.13 1.29 -22.03
N TYR C 194 0.76 0.92 -21.13
CA TYR C 194 0.87 -0.46 -20.68
C TYR C 194 -0.25 -0.75 -19.69
N SER C 195 -1.22 -1.57 -20.11
CA SER C 195 -2.40 -1.86 -19.29
C SER C 195 -2.20 -3.20 -18.59
N PHE C 196 -2.14 -3.17 -17.25
CA PHE C 196 -2.11 -4.36 -16.43
C PHE C 196 -3.33 -4.32 -15.52
N VAL C 197 -4.32 -5.16 -15.83
CA VAL C 197 -5.62 -5.12 -15.17
C VAL C 197 -5.75 -6.25 -14.17
N THR C 198 -5.15 -7.40 -14.51
CA THR C 198 -5.40 -8.65 -13.81
C THR C 198 -4.47 -8.81 -12.61
N THR C 199 -4.86 -9.74 -11.72
CA THR C 199 -4.05 -10.03 -10.54
C THR C 199 -2.72 -10.65 -10.91
N ALA C 200 -2.71 -11.52 -11.92
CA ALA C 200 -1.45 -12.11 -12.36
C ALA C 200 -0.47 -11.03 -12.83
N GLU C 201 -0.97 -10.02 -13.55
CA GLU C 201 -0.12 -8.94 -14.01
C GLU C 201 0.32 -8.05 -12.85
N ARG C 202 -0.50 -7.93 -11.80
CA ARG C 202 -0.09 -7.16 -10.63
C ARG C 202 1.22 -7.67 -10.05
N GLU C 203 1.42 -8.99 -10.05
CA GLU C 203 2.67 -9.53 -9.53
C GLU C 203 3.82 -9.33 -10.51
N ILE C 204 3.52 -9.17 -11.80
CA ILE C 204 4.56 -8.74 -12.74
C ILE C 204 5.04 -7.34 -12.39
N VAL C 205 4.12 -6.40 -12.20
CA VAL C 205 4.50 -5.04 -11.83
C VAL C 205 5.20 -5.03 -10.47
N ARG C 206 4.76 -5.90 -9.55
CA ARG C 206 5.49 -6.06 -8.30
C ARG C 206 6.95 -6.41 -8.59
N ASP C 207 7.19 -7.22 -9.62
CA ASP C 207 8.55 -7.54 -10.03
C ASP C 207 9.27 -6.32 -10.58
N ILE C 208 8.59 -5.55 -11.43
CA ILE C 208 9.18 -4.33 -11.97
C ILE C 208 9.56 -3.39 -10.84
N LYS C 209 8.67 -3.23 -9.87
CA LYS C 209 8.93 -2.35 -8.74
C LYS C 209 10.16 -2.81 -7.96
N GLU C 210 10.29 -4.12 -7.74
CA GLU C 210 11.40 -4.62 -6.94
C GLU C 210 12.74 -4.33 -7.59
N LYS C 211 12.83 -4.47 -8.91
CA LYS C 211 14.12 -4.28 -9.59
C LYS C 211 14.39 -2.80 -9.89
N LEU C 212 13.52 -2.16 -10.67
CA LEU C 212 13.89 -0.88 -11.27
C LEU C 212 13.70 0.28 -10.31
N CYS C 213 12.60 0.29 -9.54
CA CYS C 213 12.20 1.49 -8.80
C CYS C 213 13.24 1.86 -7.75
N TYR C 214 13.32 3.17 -7.47
CA TYR C 214 14.29 3.73 -6.54
C TYR C 214 13.73 5.02 -5.98
N VAL C 215 14.20 5.40 -4.80
CA VAL C 215 13.71 6.58 -4.09
C VAL C 215 14.70 7.70 -4.32
N ALA C 216 14.23 8.74 -5.00
CA ALA C 216 15.06 9.91 -5.30
C ALA C 216 15.50 10.61 -4.02
N LEU C 217 16.76 11.05 -4.01
CA LEU C 217 17.18 12.01 -2.99
C LEU C 217 16.31 13.27 -3.07
N ASP C 218 16.16 13.80 -4.27
CA ASP C 218 15.18 14.85 -4.57
C ASP C 218 14.43 14.46 -5.82
N PHE C 219 13.11 14.31 -5.69
CA PHE C 219 12.30 13.87 -6.83
C PHE C 219 12.27 14.90 -7.95
N GLU C 220 12.26 16.17 -7.58
CA GLU C 220 12.31 17.24 -8.58
C GLU C 220 13.58 17.15 -9.41
N ASN C 221 14.71 16.89 -8.75
CA ASN C 221 15.96 16.67 -9.49
C ASN C 221 15.82 15.48 -10.43
N GLU C 222 15.20 14.40 -9.96
CA GLU C 222 14.99 13.24 -10.82
C GLU C 222 14.11 13.60 -12.01
N MET C 223 13.07 14.38 -11.77
CA MET C 223 12.21 14.84 -12.86
C MET C 223 12.99 15.63 -13.89
N ALA C 224 13.88 16.52 -13.43
CA ALA C 224 14.69 17.31 -14.36
C ALA C 224 15.57 16.42 -15.21
N THR C 225 16.30 15.50 -14.57
CA THR C 225 17.12 14.59 -15.36
C THR C 225 16.24 13.75 -16.29
N ALA C 226 14.98 13.50 -15.91
CA ALA C 226 14.11 12.65 -16.71
C ALA C 226 13.62 13.33 -17.97
N ALA C 227 13.34 14.64 -17.90
CA ALA C 227 12.83 15.35 -19.07
C ALA C 227 13.69 15.10 -20.30
N SER C 228 15.00 15.17 -20.14
CA SER C 228 15.95 14.68 -21.13
C SER C 228 16.36 13.27 -20.69
N SER C 229 15.70 12.26 -21.26
CA SER C 229 15.69 10.90 -20.73
C SER C 229 17.01 10.20 -21.01
N SER C 230 17.96 10.31 -20.08
CA SER C 230 19.27 9.70 -20.29
C SER C 230 19.44 8.38 -19.55
N SER C 231 19.41 8.40 -18.21
CA SER C 231 19.53 7.20 -17.41
C SER C 231 18.24 6.82 -16.72
N LEU C 232 17.25 7.70 -16.73
CA LEU C 232 16.04 7.47 -15.97
C LEU C 232 15.07 6.52 -16.65
N GLU C 233 15.16 6.37 -17.98
CA GLU C 233 14.36 5.37 -18.68
C GLU C 233 15.17 4.10 -18.80
N LYS C 234 14.63 3.01 -18.28
CA LYS C 234 15.26 1.70 -18.38
C LYS C 234 14.31 0.72 -19.04
N SER C 235 14.89 -0.27 -19.70
CA SER C 235 14.13 -1.28 -20.44
C SER C 235 13.98 -2.50 -19.56
N TYR C 236 12.73 -2.87 -19.26
CA TYR C 236 12.39 -4.10 -18.58
C TYR C 236 11.65 -5.03 -19.53
N GLU C 237 11.91 -6.33 -19.39
CA GLU C 237 11.33 -7.34 -20.28
C GLU C 237 10.38 -8.21 -19.49
N LEU C 238 9.13 -8.30 -19.97
CA LEU C 238 8.11 -9.13 -19.37
C LEU C 238 8.41 -10.61 -19.61
N PRO C 239 7.63 -11.52 -19.04
CA PRO C 239 7.76 -12.94 -19.44
C PRO C 239 7.20 -13.22 -20.82
N ASP C 240 6.33 -12.35 -21.34
CA ASP C 240 5.78 -12.54 -22.68
C ASP C 240 6.82 -12.28 -23.77
N GLY C 241 7.65 -11.25 -23.57
CA GLY C 241 8.66 -10.91 -24.56
C GLY C 241 8.64 -9.45 -24.95
N GLN C 242 7.57 -8.75 -24.58
CA GLN C 242 7.44 -7.33 -24.89
C GLN C 242 8.42 -6.51 -24.05
N VAL C 243 8.64 -5.26 -24.49
CA VAL C 243 9.62 -4.38 -23.87
C VAL C 243 8.89 -3.18 -23.29
N ILE C 244 8.96 -3.02 -21.96
CA ILE C 244 8.45 -1.86 -21.27
C ILE C 244 9.59 -0.88 -21.04
N THR C 245 9.31 0.41 -21.21
CA THR C 245 10.29 1.46 -20.97
C THR C 245 9.68 2.46 -19.99
N ILE C 246 10.24 2.53 -18.79
CA ILE C 246 9.70 3.36 -17.72
C ILE C 246 10.77 4.36 -17.28
N GLY C 247 10.42 5.64 -17.32
CA GLY C 247 11.33 6.72 -16.96
C GLY C 247 11.07 7.26 -15.57
N ASN C 248 10.35 8.38 -15.49
CA ASN C 248 10.06 8.97 -14.18
C ASN C 248 9.18 8.06 -13.32
N GLU C 249 8.41 7.17 -13.94
CA GLU C 249 7.61 6.22 -13.18
C GLU C 249 8.47 5.36 -12.28
N ARG C 250 9.76 5.20 -12.60
CA ARG C 250 10.63 4.38 -11.79
C ARG C 250 10.74 4.92 -10.37
N PHE C 251 10.87 6.24 -10.26
CA PHE C 251 11.11 6.83 -8.96
C PHE C 251 9.84 7.39 -8.32
N ARG C 252 8.88 7.91 -9.11
CA ARG C 252 7.67 8.49 -8.53
C ARG C 252 6.73 7.44 -7.92
N CYS C 253 6.95 6.14 -8.15
CA CYS C 253 6.18 5.13 -7.43
C CYS C 253 6.54 5.13 -5.95
N PRO C 254 7.81 4.93 -5.57
CA PRO C 254 8.15 4.95 -4.14
C PRO C 254 8.04 6.34 -3.50
N GLU C 255 8.00 7.43 -4.28
CA GLU C 255 7.75 8.74 -3.67
C GLU C 255 6.44 8.77 -2.90
N THR C 256 5.59 7.76 -3.10
CA THR C 256 4.31 7.73 -2.41
C THR C 256 4.49 7.54 -0.90
N LEU C 257 5.57 6.88 -0.48
CA LEU C 257 5.81 6.71 0.94
C LEU C 257 6.04 8.05 1.63
N PHE C 258 6.63 9.01 0.91
CA PHE C 258 6.91 10.34 1.46
C PHE C 258 5.86 11.36 1.07
N GLN C 259 5.03 11.08 0.07
CA GLN C 259 3.94 11.94 -0.35
C GLN C 259 2.69 11.07 -0.55
N PRO C 260 2.08 10.61 0.55
CA PRO C 260 0.85 9.81 0.42
C PRO C 260 -0.27 10.52 -0.31
N SER C 261 -0.13 11.82 -0.60
CA SER C 261 -1.14 12.53 -1.36
C SER C 261 -1.26 12.05 -2.80
N PHE C 262 -0.33 11.21 -3.27
CA PHE C 262 -0.46 10.65 -4.61
C PHE C 262 -1.51 9.54 -4.66
N ILE C 263 -1.73 8.84 -3.55
CA ILE C 263 -2.80 7.85 -3.46
C ILE C 263 -4.09 8.46 -2.94
N GLY C 264 -4.07 9.73 -2.53
CA GLY C 264 -5.25 10.36 -1.98
C GLY C 264 -5.48 10.05 -0.51
N MET C 265 -4.41 9.95 0.27
CA MET C 265 -4.51 9.77 1.71
C MET C 265 -3.91 10.98 2.42
N GLU C 266 -4.56 11.39 3.51
CA GLU C 266 -4.10 12.56 4.26
C GLU C 266 -2.90 12.26 5.14
N SER C 267 -2.65 10.98 5.44
CA SER C 267 -1.56 10.64 6.36
C SER C 267 -0.25 11.25 5.90
N ALA C 268 0.52 11.74 6.87
CA ALA C 268 1.83 12.28 6.56
C ALA C 268 2.75 11.18 6.04
N GLY C 269 3.77 11.58 5.29
CA GLY C 269 4.76 10.64 4.81
C GLY C 269 5.47 9.94 5.95
N ILE C 270 6.18 8.87 5.60
CA ILE C 270 6.84 8.04 6.62
C ILE C 270 7.93 8.77 7.38
N HIS C 271 8.36 9.94 6.89
CA HIS C 271 9.34 10.72 7.65
C HIS C 271 8.66 11.65 8.66
N GLU C 272 7.43 12.08 8.41
CA GLU C 272 6.70 12.85 9.42
C GLU C 272 6.04 11.95 10.45
N THR C 273 5.85 10.67 10.15
CA THR C 273 5.30 9.75 11.14
C THR C 273 6.37 9.20 12.07
N THR C 274 7.58 8.96 11.55
CA THR C 274 8.70 8.65 12.42
C THR C 274 9.11 9.88 13.23
N TYR C 275 9.04 11.06 12.62
CA TYR C 275 9.27 12.28 13.38
C TYR C 275 8.19 12.51 14.42
N ASN C 276 6.92 12.32 14.02
CA ASN C 276 5.82 12.50 14.96
C ASN C 276 5.85 11.46 16.07
N SER C 277 6.30 10.24 15.77
CA SER C 277 6.43 9.23 16.82
C SER C 277 7.47 9.63 17.86
N ILE C 278 8.61 10.16 17.41
CA ILE C 278 9.62 10.63 18.35
C ILE C 278 9.10 11.82 19.15
N MET C 279 8.19 12.61 18.56
CA MET C 279 7.61 13.72 19.30
C MET C 279 6.82 13.23 20.50
N LYS C 280 5.92 12.26 20.29
CA LYS C 280 5.09 11.74 21.37
C LYS C 280 5.91 11.13 22.50
N CYS C 281 7.19 10.86 22.28
CA CYS C 281 8.02 10.27 23.31
C CYS C 281 8.50 11.34 24.29
N ASP C 282 8.87 10.88 25.48
CA ASP C 282 9.31 11.79 26.54
C ASP C 282 10.59 12.48 26.12
N ILE C 283 10.73 13.76 26.53
CA ILE C 283 11.82 14.60 26.06
C ILE C 283 13.19 14.00 26.32
N ASP C 284 13.31 13.10 27.28
CA ASP C 284 14.63 12.60 27.67
C ASP C 284 15.21 11.66 26.63
N ILE C 285 14.39 10.74 26.09
CA ILE C 285 14.91 9.63 25.31
C ILE C 285 14.92 9.91 23.80
N ARG C 286 14.49 11.10 23.38
CA ARG C 286 14.36 11.35 21.95
C ARG C 286 15.71 11.38 21.24
N LYS C 287 16.78 11.79 21.93
CA LYS C 287 18.08 11.83 21.28
C LYS C 287 18.57 10.45 20.90
N ASP C 288 18.22 9.42 21.69
CA ASP C 288 18.61 8.07 21.35
C ASP C 288 17.77 7.50 20.22
N LEU C 289 16.49 7.89 20.15
CA LEU C 289 15.64 7.42 19.05
C LEU C 289 16.05 8.07 17.73
N TYR C 290 16.38 9.36 17.76
CA TYR C 290 16.89 10.02 16.56
C TYR C 290 18.15 9.32 16.05
N ALA C 291 19.03 8.89 16.95
CA ALA C 291 20.30 8.32 16.54
C ALA C 291 20.18 6.88 16.10
N ASN C 292 19.19 6.14 16.60
CA ASN C 292 19.16 4.69 16.48
C ASN C 292 18.03 4.16 15.61
N ASN C 293 17.37 5.00 14.81
CA ASN C 293 16.17 4.54 14.14
C ASN C 293 16.51 3.46 13.12
N VAL C 294 15.78 2.35 13.20
CA VAL C 294 16.08 1.11 12.48
C VAL C 294 15.08 0.94 11.35
N LEU C 295 15.47 0.13 10.36
CA LEU C 295 14.62 -0.15 9.21
C LEU C 295 14.52 -1.65 8.96
N SER C 296 13.34 -2.08 8.51
CA SER C 296 13.07 -3.49 8.26
C SER C 296 11.99 -3.60 7.19
N GLY C 297 11.92 -4.76 6.56
CA GLY C 297 10.83 -5.06 5.66
C GLY C 297 11.20 -4.90 4.19
N GLY C 298 10.43 -5.59 3.34
CA GLY C 298 10.70 -5.54 1.91
C GLY C 298 10.55 -4.16 1.31
N THR C 299 9.62 -3.36 1.83
CA THR C 299 9.40 -2.02 1.30
C THR C 299 10.45 -1.01 1.79
N THR C 300 11.43 -1.46 2.56
CA THR C 300 12.59 -0.65 2.88
C THR C 300 13.76 -0.91 1.92
N MET C 301 13.55 -1.75 0.91
CA MET C 301 14.62 -2.21 0.04
C MET C 301 14.85 -1.33 -1.17
N TYR C 302 14.00 -0.35 -1.42
CA TYR C 302 14.22 0.56 -2.54
C TYR C 302 15.56 1.27 -2.37
N PRO C 303 16.45 1.22 -3.35
CA PRO C 303 17.70 1.99 -3.25
C PRO C 303 17.42 3.48 -3.12
N GLY C 304 18.12 4.11 -2.18
CA GLY C 304 17.98 5.54 -1.93
C GLY C 304 17.08 5.91 -0.78
N ILE C 305 16.48 4.94 -0.10
CA ILE C 305 15.51 5.24 0.96
C ILE C 305 16.20 5.86 2.17
N ALA C 306 17.27 5.22 2.65
CA ALA C 306 17.93 5.69 3.86
C ALA C 306 18.43 7.12 3.70
N ASP C 307 18.97 7.46 2.54
CA ASP C 307 19.49 8.81 2.34
C ASP C 307 18.38 9.84 2.34
N ARG C 308 17.26 9.53 1.68
CA ARG C 308 16.13 10.46 1.68
C ARG C 308 15.57 10.62 3.09
N MET C 309 15.52 9.52 3.85
CA MET C 309 15.08 9.63 5.25
C MET C 309 15.98 10.56 6.03
N GLN C 310 17.30 10.45 5.83
CA GLN C 310 18.22 11.31 6.59
C GLN C 310 18.11 12.77 6.18
N LYS C 311 17.83 13.06 4.91
CA LYS C 311 17.61 14.45 4.53
C LYS C 311 16.35 15.00 5.13
N GLU C 312 15.27 14.21 5.16
CA GLU C 312 13.97 14.73 5.55
C GLU C 312 13.80 14.75 7.06
N ILE C 313 14.27 13.71 7.77
CA ILE C 313 14.18 13.75 9.22
C ILE C 313 15.17 14.77 9.79
N THR C 314 16.30 14.97 9.13
CA THR C 314 17.22 16.01 9.57
C THR C 314 16.69 17.41 9.29
N ALA C 315 15.69 17.54 8.40
CA ALA C 315 15.07 18.83 8.13
C ALA C 315 13.94 19.14 9.09
N LEU C 316 13.30 18.11 9.66
CA LEU C 316 12.24 18.32 10.64
C LEU C 316 12.79 18.39 12.06
N ALA C 317 13.91 17.70 12.35
CA ALA C 317 14.43 17.67 13.70
C ALA C 317 15.47 18.77 13.91
N PRO C 318 15.59 19.27 15.14
CA PRO C 318 16.53 20.36 15.40
C PRO C 318 17.93 19.98 14.94
N SER C 319 18.53 20.85 14.12
CA SER C 319 19.78 20.50 13.44
C SER C 319 20.96 20.32 14.40
N THR C 320 20.78 20.56 15.70
CA THR C 320 21.89 20.46 16.64
C THR C 320 22.22 19.02 17.04
N MET C 321 21.44 18.04 16.61
CA MET C 321 21.63 16.67 17.08
C MET C 321 21.73 15.70 15.90
N LYS C 322 22.46 14.62 16.12
CA LYS C 322 22.87 13.71 15.05
C LYS C 322 21.78 12.67 14.79
N ILE C 323 21.31 12.60 13.55
CA ILE C 323 20.33 11.61 13.14
C ILE C 323 21.03 10.54 12.31
N LYS C 324 21.47 9.48 12.95
CA LYS C 324 22.04 8.33 12.26
C LYS C 324 20.92 7.32 11.99
N ILE C 325 20.84 6.85 10.75
CA ILE C 325 19.87 5.84 10.36
C ILE C 325 20.63 4.57 10.03
N ILE C 326 20.24 3.46 10.66
CA ILE C 326 20.90 2.18 10.49
C ILE C 326 19.98 1.27 9.68
N ALA C 327 20.41 0.95 8.48
CA ALA C 327 19.61 0.14 7.56
C ALA C 327 20.55 -0.93 7.03
N PRO C 328 20.63 -2.07 7.71
CA PRO C 328 21.58 -3.10 7.32
C PRO C 328 21.07 -3.91 6.14
N PRO C 329 21.97 -4.36 5.27
CA PRO C 329 21.60 -5.37 4.27
C PRO C 329 21.04 -6.62 4.94
N GLU C 330 20.17 -7.32 4.21
CA GLU C 330 19.53 -8.55 4.70
C GLU C 330 18.35 -8.25 5.62
N ARG C 331 17.69 -7.10 5.41
CA ARG C 331 16.55 -6.72 6.22
C ARG C 331 15.53 -7.85 6.34
N LYS C 332 15.04 -8.35 5.21
CA LYS C 332 14.03 -9.40 5.23
C LYS C 332 14.50 -10.57 6.10
N TYR C 333 15.77 -10.95 5.96
CA TYR C 333 16.35 -11.96 6.85
C TYR C 333 16.46 -11.42 8.27
N SER C 334 16.73 -10.13 8.42
CA SER C 334 17.00 -9.58 9.74
C SER C 334 15.80 -9.73 10.67
N VAL C 335 14.60 -9.43 10.17
CA VAL C 335 13.40 -9.53 11.01
C VAL C 335 13.27 -10.94 11.59
N TRP C 336 13.55 -11.96 10.76
CA TRP C 336 13.45 -13.33 11.22
C TRP C 336 14.47 -13.63 12.32
N ILE C 337 15.67 -13.04 12.21
CA ILE C 337 16.75 -13.36 13.14
C ILE C 337 16.39 -12.92 14.56
N GLY C 338 15.78 -11.74 14.68
CA GLY C 338 15.41 -11.24 16.01
C GLY C 338 14.44 -12.17 16.72
N GLY C 339 13.47 -12.71 15.98
CA GLY C 339 12.56 -13.67 16.57
C GLY C 339 13.25 -14.96 16.97
N SER C 340 14.18 -15.42 16.13
CA SER C 340 14.89 -16.67 16.42
C SER C 340 15.72 -16.55 17.69
N ILE C 341 16.39 -15.41 17.88
CA ILE C 341 17.18 -15.22 19.10
C ILE C 341 16.31 -15.34 20.34
N LEU C 342 15.11 -14.75 20.30
CA LEU C 342 14.22 -14.81 21.44
C LEU C 342 13.83 -16.25 21.77
N ALA C 343 13.52 -17.05 20.75
CA ALA C 343 13.32 -18.48 20.97
C ALA C 343 14.59 -19.12 21.52
N SER C 344 15.75 -18.67 21.05
CA SER C 344 17.02 -19.19 21.55
C SER C 344 17.22 -18.84 23.02
N LEU C 345 16.73 -17.67 23.45
CA LEU C 345 17.03 -17.16 24.78
C LEU C 345 16.51 -18.08 25.87
N SER C 346 17.33 -18.26 26.92
CA SER C 346 17.01 -19.08 28.08
C SER C 346 16.11 -18.37 29.09
N THR C 347 15.46 -17.29 28.66
CA THR C 347 14.55 -16.54 29.51
C THR C 347 13.17 -16.35 28.89
N PHE C 348 13.03 -16.58 27.58
CA PHE C 348 11.74 -16.49 26.90
C PHE C 348 10.95 -17.79 26.95
N GLN C 349 11.60 -18.91 27.28
CA GLN C 349 10.91 -20.20 27.31
C GLN C 349 9.82 -20.25 28.38
N GLN C 350 9.80 -19.32 29.32
CA GLN C 350 8.71 -19.24 30.27
C GLN C 350 7.47 -18.59 29.68
N MET C 351 7.63 -17.76 28.65
CA MET C 351 6.52 -16.97 28.12
C MET C 351 5.71 -17.70 27.05
N TRP C 352 6.11 -18.89 26.63
CA TRP C 352 5.28 -19.67 25.72
C TRP C 352 3.88 -19.81 26.30
N ILE C 353 2.89 -19.82 25.41
CA ILE C 353 1.50 -20.07 25.80
C ILE C 353 1.20 -21.53 25.45
N SER C 354 1.16 -22.39 26.45
CA SER C 354 0.88 -23.81 26.21
C SER C 354 -0.48 -23.99 25.54
N LYS C 355 -0.54 -24.94 24.57
CA LYS C 355 -1.80 -25.28 23.91
C LYS C 355 -2.86 -25.70 24.90
N GLN C 356 -2.52 -26.64 25.78
CA GLN C 356 -3.43 -26.98 26.86
C GLN C 356 -3.75 -25.75 27.70
N GLU C 357 -2.74 -24.94 28.02
CA GLU C 357 -2.95 -23.72 28.80
C GLU C 357 -3.83 -22.72 28.04
N TYR C 358 -3.68 -22.67 26.73
CA TYR C 358 -4.35 -21.63 25.94
C TYR C 358 -5.85 -21.75 25.98
N ASP C 359 -6.38 -22.97 25.88
CA ASP C 359 -7.82 -23.15 25.90
C ASP C 359 -8.39 -22.61 27.20
N GLU C 360 -7.75 -22.95 28.33
CA GLU C 360 -8.16 -22.36 29.60
C GLU C 360 -7.88 -20.87 29.63
N ALA C 361 -6.75 -20.45 29.03
CA ALA C 361 -6.34 -19.05 29.11
C ALA C 361 -7.28 -18.14 28.34
N GLY C 362 -7.72 -18.56 27.15
CA GLY C 362 -8.64 -17.78 26.36
C GLY C 362 -7.93 -16.77 25.48
N PRO C 363 -8.71 -16.01 24.68
CA PRO C 363 -8.05 -15.01 23.83
C PRO C 363 -7.34 -13.93 24.61
N SER C 364 -7.93 -13.49 25.73
CA SER C 364 -7.46 -12.29 26.42
C SER C 364 -6.04 -12.47 26.95
N ILE C 365 -5.72 -13.66 27.47
CA ILE C 365 -4.40 -13.88 28.06
C ILE C 365 -3.31 -13.66 27.02
N VAL C 366 -3.54 -14.11 25.79
CA VAL C 366 -2.52 -14.03 24.74
C VAL C 366 -2.20 -12.57 24.46
N HIS C 367 -3.22 -11.72 24.45
CA HIS C 367 -3.06 -10.30 24.19
C HIS C 367 -2.52 -9.56 25.42
N THR D 1 -25.89 48.83 23.32
CA THR D 1 -24.55 48.53 22.83
C THR D 1 -24.07 47.18 23.34
N THR D 2 -25.03 46.33 23.70
CA THR D 2 -24.94 45.54 24.92
C THR D 2 -23.56 44.93 25.17
N ALA D 3 -23.17 43.88 24.44
CA ALA D 3 -21.82 43.34 24.52
C ALA D 3 -21.73 42.04 23.72
N LEU D 4 -20.52 41.63 23.35
CA LEU D 4 -20.29 40.35 22.67
C LEU D 4 -19.47 39.44 23.55
N VAL D 5 -19.94 38.21 23.75
CA VAL D 5 -19.23 37.19 24.51
C VAL D 5 -18.84 36.08 23.55
N CYS D 6 -17.53 35.91 23.35
CA CYS D 6 -16.98 34.88 22.48
C CYS D 6 -16.16 33.92 23.31
N ASP D 7 -16.65 32.68 23.47
CA ASP D 7 -15.93 31.63 24.18
C ASP D 7 -15.14 30.83 23.14
N ASN D 8 -13.84 31.09 23.05
CA ASN D 8 -12.98 30.46 22.06
C ASN D 8 -12.26 29.29 22.74
N GLY D 9 -12.91 28.14 22.76
CA GLY D 9 -12.27 26.92 23.17
C GLY D 9 -11.88 26.09 21.96
N SER D 10 -11.00 25.13 22.19
CA SER D 10 -10.72 24.14 21.16
C SER D 10 -11.98 23.30 20.91
N GLY D 11 -12.30 23.09 19.64
CA GLY D 11 -13.43 22.25 19.30
C GLY D 11 -14.74 22.97 19.04
N LEU D 12 -15.01 24.03 19.79
CA LEU D 12 -16.28 24.73 19.64
C LEU D 12 -16.10 26.22 19.94
N VAL D 13 -16.68 27.05 19.08
CA VAL D 13 -16.80 28.48 19.33
C VAL D 13 -18.23 28.73 19.82
N LYS D 14 -18.35 29.24 21.04
CA LYS D 14 -19.64 29.61 21.61
C LYS D 14 -19.66 31.13 21.72
N ALA D 15 -20.41 31.77 20.83
CA ALA D 15 -20.45 33.22 20.74
C ALA D 15 -21.89 33.70 20.72
N GLY D 16 -22.09 34.94 21.14
CA GLY D 16 -23.42 35.52 21.19
C GLY D 16 -23.40 36.81 21.99
N PHE D 17 -24.56 37.45 22.06
CA PHE D 17 -24.66 38.72 22.78
C PHE D 17 -24.76 38.48 24.28
N ALA D 18 -24.27 39.46 25.05
CA ALA D 18 -24.33 39.39 26.50
C ALA D 18 -25.77 39.57 26.98
N GLY D 19 -26.01 39.17 28.23
CA GLY D 19 -27.32 39.23 28.81
C GLY D 19 -28.30 38.19 28.29
N ASP D 20 -27.92 37.37 27.33
CA ASP D 20 -28.80 36.33 26.82
C ASP D 20 -28.58 35.03 27.58
N ASP D 21 -29.39 34.02 27.25
CA ASP D 21 -29.40 32.77 28.00
C ASP D 21 -28.48 31.71 27.41
N ALA D 22 -28.36 31.66 26.09
CA ALA D 22 -27.53 30.67 25.42
C ALA D 22 -26.80 31.34 24.26
N PRO D 23 -25.59 30.87 23.95
CA PRO D 23 -24.92 31.37 22.74
C PRO D 23 -25.73 31.03 21.51
N ARG D 24 -25.75 31.94 20.55
CA ARG D 24 -26.56 31.73 19.36
C ARG D 24 -25.79 31.02 18.25
N ALA D 25 -24.51 31.33 18.08
CA ALA D 25 -23.67 30.66 17.10
C ALA D 25 -22.74 29.70 17.86
N VAL D 26 -23.02 28.41 17.74
CA VAL D 26 -22.19 27.35 18.33
C VAL D 26 -21.76 26.46 17.18
N PHE D 27 -20.52 26.62 16.74
CA PHE D 27 -20.01 25.84 15.64
C PHE D 27 -18.57 25.44 15.91
N PRO D 28 -18.15 24.30 15.39
CA PRO D 28 -16.80 23.81 15.65
C PRO D 28 -15.73 24.73 15.08
N SER D 29 -14.59 24.77 15.77
CA SER D 29 -13.47 25.62 15.39
C SER D 29 -12.57 24.83 14.44
N ILE D 30 -12.94 24.80 13.17
CA ILE D 30 -12.14 24.11 12.17
C ILE D 30 -12.07 24.95 10.90
N VAL D 31 -10.95 24.82 10.21
CA VAL D 31 -10.73 25.41 8.90
C VAL D 31 -10.44 24.25 7.96
N GLY D 32 -11.46 23.79 7.24
CA GLY D 32 -11.25 22.74 6.26
C GLY D 32 -10.60 23.26 5.00
N ARG D 33 -9.75 22.41 4.42
CA ARG D 33 -9.08 22.75 3.17
C ARG D 33 -9.18 21.56 2.23
N PRO D 34 -9.59 21.76 0.98
CA PRO D 34 -9.76 20.63 0.05
C PRO D 34 -8.50 19.80 -0.01
N ARG D 35 -8.66 18.49 0.18
CA ARG D 35 -7.52 17.59 0.13
C ARG D 35 -7.16 17.21 -1.31
N HIS D 36 -8.16 16.96 -2.17
CA HIS D 36 -7.95 16.56 -3.55
C HIS D 36 -8.17 17.79 -4.43
N GLN D 37 -7.16 18.14 -5.21
CA GLN D 37 -7.24 19.37 -6.00
C GLN D 37 -8.34 19.21 -7.03
N GLY D 38 -9.55 19.64 -6.67
CA GLY D 38 -10.70 19.44 -7.51
C GLY D 38 -10.43 19.93 -8.91
N VAL D 39 -10.31 19.00 -9.86
CA VAL D 39 -9.83 19.31 -11.21
C VAL D 39 -11.05 19.69 -12.04
N MET D 40 -12.01 20.29 -11.37
CA MET D 40 -13.24 20.73 -12.00
C MET D 40 -13.34 22.25 -12.07
N VAL D 41 -14.31 22.69 -12.85
CA VAL D 41 -14.55 24.10 -13.11
C VAL D 41 -15.85 24.51 -12.44
N GLY D 42 -15.78 25.54 -11.61
CA GLY D 42 -16.94 26.06 -10.93
C GLY D 42 -16.99 25.65 -9.47
N MET D 43 -16.53 24.43 -9.18
CA MET D 43 -16.54 23.94 -7.80
C MET D 43 -15.93 24.95 -6.84
N GLY D 44 -16.75 25.48 -5.94
CA GLY D 44 -16.28 26.45 -4.98
C GLY D 44 -15.94 27.79 -5.60
N GLN D 45 -14.66 28.11 -5.73
CA GLN D 45 -13.59 27.18 -5.40
C GLN D 45 -13.51 26.99 -3.89
N LYS D 46 -13.85 28.04 -3.15
CA LYS D 46 -13.88 28.01 -1.69
C LYS D 46 -12.57 27.47 -1.14
N ASP D 47 -11.48 28.19 -1.44
CA ASP D 47 -10.15 27.75 -1.04
C ASP D 47 -10.10 27.38 0.44
N SER D 48 -10.94 28.00 1.26
CA SER D 48 -10.98 27.69 2.68
C SER D 48 -12.43 27.60 3.14
N TYR D 49 -12.76 26.49 3.78
CA TYR D 49 -14.03 26.30 4.48
C TYR D 49 -13.80 26.47 5.98
N VAL D 50 -14.82 26.92 6.69
CA VAL D 50 -14.69 27.22 8.12
C VAL D 50 -15.99 26.83 8.83
N GLY D 51 -15.85 26.14 9.96
CA GLY D 51 -17.01 25.84 10.77
C GLY D 51 -17.95 24.84 10.11
N ASP D 52 -19.23 25.20 10.09
CA ASP D 52 -20.28 24.26 9.72
C ASP D 52 -20.16 23.84 8.25
N GLU D 53 -19.83 24.77 7.37
CA GLU D 53 -19.64 24.44 5.96
C GLU D 53 -18.52 23.41 5.80
N ALA D 54 -17.39 23.63 6.48
CA ALA D 54 -16.31 22.64 6.47
C ALA D 54 -16.79 21.31 7.00
N GLN D 55 -17.65 21.32 8.04
CA GLN D 55 -18.17 20.08 8.61
C GLN D 55 -19.00 19.32 7.60
N SER D 56 -19.84 20.02 6.87
CA SER D 56 -20.70 19.35 5.90
C SER D 56 -19.86 18.60 4.87
N LYS D 57 -18.76 19.22 4.42
CA LYS D 57 -17.86 18.61 3.44
C LYS D 57 -16.60 18.07 4.14
N ARG D 58 -16.80 17.03 4.96
CA ARG D 58 -15.65 16.42 5.63
C ARG D 58 -14.86 15.53 4.70
N GLY D 59 -15.55 14.81 3.80
CA GLY D 59 -14.88 13.86 2.93
C GLY D 59 -13.93 14.50 1.94
N ILE D 60 -14.18 15.75 1.58
CA ILE D 60 -13.28 16.46 0.67
C ILE D 60 -12.14 17.12 1.42
N LEU D 61 -12.41 17.64 2.61
CA LEU D 61 -11.52 18.59 3.25
C LEU D 61 -10.56 17.92 4.21
N THR D 62 -9.41 18.58 4.40
CA THR D 62 -8.56 18.35 5.56
C THR D 62 -9.01 19.29 6.67
N LEU D 63 -9.49 18.73 7.77
CA LEU D 63 -9.92 19.54 8.89
C LEU D 63 -8.74 19.86 9.78
N LYS D 64 -8.67 21.09 10.27
CA LYS D 64 -7.50 21.60 10.98
C LYS D 64 -7.96 22.47 12.14
N TYR D 65 -7.86 21.94 13.35
CA TYR D 65 -8.15 22.73 14.55
C TYR D 65 -7.12 23.85 14.68
N PRO D 66 -7.53 25.12 14.75
CA PRO D 66 -6.55 26.21 14.86
C PRO D 66 -5.99 26.38 16.26
N ILE D 67 -6.58 25.74 17.27
CA ILE D 67 -6.24 25.98 18.67
C ILE D 67 -6.06 24.63 19.35
N GLU D 68 -4.87 24.38 19.88
CA GLU D 68 -4.48 23.08 20.45
C GLU D 68 -4.08 23.25 21.91
N GLY D 70 -5.64 24.96 24.20
CA GLY D 70 -5.76 26.35 24.59
C GLY D 70 -4.79 27.27 23.89
N ILE D 71 -3.64 26.74 23.49
CA ILE D 71 -2.64 27.52 22.78
C ILE D 71 -3.10 27.72 21.34
N ILE D 72 -3.02 28.96 20.87
CA ILE D 72 -3.30 29.25 19.47
C ILE D 72 -2.11 28.79 18.63
N THR D 73 -2.34 27.81 17.76
CA THR D 73 -1.26 27.30 16.93
C THR D 73 -1.10 28.10 15.64
N ASN D 74 -2.20 28.33 14.92
CA ASN D 74 -2.18 29.04 13.65
C ASN D 74 -3.03 30.29 13.77
N TRP D 75 -2.45 31.45 13.46
CA TRP D 75 -3.06 32.72 13.82
C TRP D 75 -3.97 33.30 12.75
N ASP D 76 -3.79 32.95 11.47
CA ASP D 76 -4.75 33.40 10.47
C ASP D 76 -5.93 32.44 10.31
N ASP D 77 -5.77 31.17 10.67
CA ASP D 77 -6.93 30.29 10.78
C ASP D 77 -7.84 30.74 11.90
N MET D 78 -7.25 31.13 13.04
CA MET D 78 -8.06 31.73 14.10
C MET D 78 -8.77 32.97 13.60
N GLU D 79 -8.03 33.90 12.99
CA GLU D 79 -8.65 35.06 12.37
C GLU D 79 -9.80 34.66 11.45
N LYS D 80 -9.62 33.58 10.68
CA LYS D 80 -10.66 33.16 9.76
C LYS D 80 -11.97 32.87 10.47
N ILE D 81 -11.91 32.08 11.55
CA ILE D 81 -13.15 31.69 12.23
C ILE D 81 -13.73 32.85 13.02
N TRP D 82 -12.89 33.80 13.43
CA TRP D 82 -13.40 35.01 14.08
C TRP D 82 -14.18 35.86 13.07
N HIS D 83 -13.54 36.18 11.93
CA HIS D 83 -14.24 36.94 10.90
C HIS D 83 -15.54 36.25 10.50
N HIS D 84 -15.50 34.94 10.31
CA HIS D 84 -16.70 34.19 9.97
C HIS D 84 -17.73 34.29 11.08
N THR D 85 -17.28 34.30 12.34
CA THR D 85 -18.19 34.36 13.47
C THR D 85 -18.91 35.70 13.56
N PHE D 86 -18.25 36.78 13.13
CA PHE D 86 -18.77 38.13 13.33
C PHE D 86 -19.68 38.60 12.20
N TYR D 87 -19.53 38.05 11.00
CA TYR D 87 -20.25 38.56 9.84
C TYR D 87 -21.22 37.56 9.22
N ASN D 88 -21.14 36.28 9.56
CA ASN D 88 -21.99 35.28 8.93
C ASN D 88 -22.84 34.49 9.92
N GLU D 89 -22.64 34.63 11.21
CA GLU D 89 -23.59 34.13 12.22
C GLU D 89 -24.10 35.23 13.13
N LEU D 90 -23.22 36.07 13.67
CA LEU D 90 -23.66 37.17 14.51
C LEU D 90 -24.05 38.40 13.70
N ARG D 91 -23.56 38.52 12.46
CA ARG D 91 -24.06 39.54 11.54
C ARG D 91 -23.76 40.95 12.04
N VAL D 92 -22.70 41.10 12.84
CA VAL D 92 -22.53 42.26 13.70
C VAL D 92 -21.16 42.86 13.49
N ALA D 93 -21.12 44.15 13.20
CA ALA D 93 -19.85 44.86 13.16
C ALA D 93 -19.28 44.97 14.57
N PRO D 94 -18.04 44.51 14.81
CA PRO D 94 -17.48 44.59 16.16
C PRO D 94 -17.28 46.01 16.66
N GLU D 95 -17.43 47.02 15.81
CA GLU D 95 -17.20 48.39 16.23
C GLU D 95 -18.30 48.91 17.15
N GLU D 96 -19.50 48.31 17.11
CA GLU D 96 -20.56 48.74 17.99
C GLU D 96 -20.51 48.06 19.36
N HIS D 97 -19.77 46.97 19.50
CA HIS D 97 -19.84 46.18 20.71
C HIS D 97 -18.47 45.98 21.35
N PRO D 98 -18.35 46.18 22.65
CA PRO D 98 -17.18 45.67 23.37
C PRO D 98 -17.26 44.15 23.45
N THR D 99 -16.09 43.52 23.41
CA THR D 99 -16.01 42.07 23.24
C THR D 99 -15.28 41.44 24.42
N LEU D 100 -15.96 40.52 25.12
CA LEU D 100 -15.36 39.73 26.18
C LEU D 100 -14.85 38.41 25.58
N LEU D 101 -13.55 38.20 25.64
CA LEU D 101 -12.96 36.96 25.15
C LEU D 101 -12.64 36.03 26.31
N THR D 102 -12.36 34.77 25.97
CA THR D 102 -12.13 33.71 26.93
C THR D 102 -10.77 33.07 26.68
N GLU D 103 -10.21 32.47 27.72
CA GLU D 103 -8.95 31.74 27.61
C GLU D 103 -8.78 30.87 28.84
N ALA D 104 -7.93 29.85 28.69
CA ALA D 104 -7.62 28.96 29.79
C ALA D 104 -6.60 29.60 30.73
N PRO D 105 -6.62 29.23 32.01
CA PRO D 105 -5.61 29.73 32.94
C PRO D 105 -4.23 29.14 32.67
N LEU D 106 -3.22 29.85 33.14
CA LEU D 106 -1.83 29.38 33.09
C LEU D 106 -1.36 29.17 31.65
N ASN D 107 -1.89 29.98 30.73
CA ASN D 107 -1.72 29.98 29.28
C ASN D 107 -0.62 30.94 28.86
N PRO D 108 0.24 30.51 27.91
CA PRO D 108 1.33 31.39 27.43
C PRO D 108 0.91 32.83 27.23
N LYS D 109 1.80 33.78 27.51
CA LYS D 109 1.52 35.19 27.30
C LYS D 109 1.39 35.56 25.82
N ALA D 110 1.59 34.61 24.90
CA ALA D 110 1.43 34.91 23.48
C ALA D 110 -0.03 34.90 23.06
N ASN D 111 -0.91 34.27 23.83
CA ASN D 111 -2.33 34.23 23.46
C ASN D 111 -3.08 35.50 23.84
N ARG D 112 -2.78 36.11 25.00
CA ARG D 112 -3.53 37.32 25.36
C ARG D 112 -3.06 38.54 24.58
N GLU D 113 -1.77 38.61 24.22
CA GLU D 113 -1.28 39.82 23.55
C GLU D 113 -1.53 39.78 22.05
N LYS D 114 -1.34 38.62 21.42
CA LYS D 114 -1.67 38.50 20.00
C LYS D 114 -3.17 38.53 19.79
N MET D 115 -3.94 38.02 20.76
CA MET D 115 -5.39 37.98 20.63
C MET D 115 -5.98 39.39 20.68
N THR D 116 -5.56 40.17 21.66
CA THR D 116 -6.01 41.56 21.75
C THR D 116 -5.49 42.39 20.58
N GLN D 117 -4.27 42.12 20.11
CA GLN D 117 -3.74 42.93 19.01
C GLN D 117 -4.52 42.68 17.72
N ILE D 118 -5.05 41.45 17.54
CA ILE D 118 -5.92 41.16 16.40
C ILE D 118 -7.30 41.77 16.58
N MET D 119 -7.91 41.57 17.76
CA MET D 119 -9.27 42.07 18.01
C MET D 119 -9.32 43.55 17.75
N PHE D 120 -8.19 44.21 17.98
CA PHE D 120 -8.09 45.65 18.10
C PHE D 120 -7.74 46.27 16.79
N GLU D 121 -6.85 45.63 16.08
CA GLU D 121 -6.28 46.14 14.83
C GLU D 121 -6.91 45.60 13.54
N THR D 122 -7.19 44.30 13.47
CA THR D 122 -7.83 43.73 12.27
C THR D 122 -9.33 43.95 12.31
N PHE D 123 -9.99 43.42 13.34
CA PHE D 123 -11.27 43.96 13.74
C PHE D 123 -11.03 45.26 14.51
N ASN D 124 -12.06 46.09 14.59
CA ASN D 124 -11.97 47.32 15.38
C ASN D 124 -12.99 47.24 16.50
N VAL D 125 -12.51 47.11 17.73
CA VAL D 125 -13.36 46.94 18.91
C VAL D 125 -13.17 48.17 19.79
N PRO D 126 -14.23 48.82 20.25
CA PRO D 126 -14.05 49.91 21.21
C PRO D 126 -13.28 49.49 22.45
N ALA D 127 -13.65 48.37 23.08
CA ALA D 127 -12.94 47.88 24.24
C ALA D 127 -13.16 46.37 24.34
N MET D 128 -12.27 45.70 25.06
CA MET D 128 -12.32 44.25 25.17
C MET D 128 -11.75 43.82 26.51
N TYR D 129 -11.97 42.54 26.84
CA TYR D 129 -11.48 41.93 28.06
C TYR D 129 -11.27 40.44 27.82
N VAL D 130 -10.25 39.88 28.45
CA VAL D 130 -9.96 38.46 28.39
C VAL D 130 -10.05 37.90 29.80
N ALA D 131 -10.91 36.90 29.98
CA ALA D 131 -11.24 36.39 31.31
C ALA D 131 -10.88 34.91 31.42
N ILE D 132 -10.52 34.50 32.63
CA ILE D 132 -10.15 33.13 32.92
C ILE D 132 -11.41 32.28 32.99
N GLN D 133 -11.40 31.13 32.29
CA GLN D 133 -12.63 30.38 32.07
C GLN D 133 -13.34 30.03 33.37
N ALA D 134 -12.60 29.46 34.33
CA ALA D 134 -13.26 28.87 35.50
C ALA D 134 -14.01 29.90 36.33
N VAL D 135 -13.56 31.15 36.33
CA VAL D 135 -14.27 32.19 37.07
C VAL D 135 -15.63 32.47 36.45
N LEU D 136 -15.71 32.41 35.11
CA LEU D 136 -16.98 32.61 34.44
C LEU D 136 -17.96 31.48 34.75
N SER D 137 -17.47 30.23 34.79
CA SER D 137 -18.34 29.12 35.16
C SER D 137 -18.85 29.27 36.57
N LEU D 138 -18.05 29.85 37.47
CA LEU D 138 -18.49 30.06 38.84
C LEU D 138 -19.60 31.10 38.90
N TYR D 139 -19.51 32.15 38.08
CA TYR D 139 -20.61 33.10 37.97
C TYR D 139 -21.88 32.42 37.48
N ALA D 140 -21.73 31.47 36.55
CA ALA D 140 -22.89 30.77 36.00
C ALA D 140 -23.56 29.88 37.03
N SER D 141 -22.78 29.34 37.98
CA SER D 141 -23.38 28.59 39.06
C SER D 141 -24.16 29.50 40.00
N GLY D 142 -23.88 30.79 39.98
CA GLY D 142 -24.51 31.72 40.90
C GLY D 142 -23.91 31.58 42.29
N ARG D 143 -22.60 31.57 42.37
CA ARG D 143 -21.90 31.28 43.62
C ARG D 143 -20.56 32.00 43.61
N THR D 144 -20.02 32.24 44.81
CA THR D 144 -18.75 32.92 44.95
C THR D 144 -17.61 32.02 45.42
N THR D 145 -17.91 30.85 45.96
CA THR D 145 -16.90 29.95 46.48
C THR D 145 -17.05 28.57 45.85
N GLY D 146 -15.93 27.87 45.73
CA GLY D 146 -15.92 26.55 45.15
C GLY D 146 -14.66 26.28 44.36
N ILE D 147 -14.45 25.05 43.92
CA ILE D 147 -13.30 24.68 43.10
C ILE D 147 -13.83 24.15 41.77
N VAL D 148 -13.51 24.85 40.69
CA VAL D 148 -14.06 24.55 39.37
C VAL D 148 -13.16 23.55 38.67
N LEU D 149 -13.76 22.47 38.16
CA LEU D 149 -13.11 21.58 37.22
C LEU D 149 -13.75 21.83 35.86
N ASP D 150 -13.01 22.49 34.97
CA ASP D 150 -13.47 22.79 33.62
C ASP D 150 -12.66 21.94 32.65
N SER D 151 -13.30 20.93 32.06
CA SER D 151 -12.69 20.05 31.08
C SER D 151 -13.36 20.29 29.74
N GLY D 152 -12.65 20.96 28.83
CA GLY D 152 -13.15 21.17 27.49
C GLY D 152 -12.48 20.25 26.50
N ASP D 153 -12.33 20.71 25.25
CA ASP D 153 -11.68 19.87 24.25
C ASP D 153 -10.16 19.93 24.33
N GLY D 154 -9.62 21.08 24.71
CA GLY D 154 -8.17 21.22 24.76
C GLY D 154 -7.55 20.94 26.10
N VAL D 155 -8.19 21.41 27.17
CA VAL D 155 -7.53 21.51 28.47
C VAL D 155 -8.54 21.27 29.59
N THR D 156 -8.05 20.68 30.68
CA THR D 156 -8.81 20.54 31.92
C THR D 156 -8.14 21.38 33.00
N HIS D 157 -8.94 22.15 33.74
CA HIS D 157 -8.40 23.02 34.78
C HIS D 157 -9.04 22.70 36.12
N ASN D 158 -8.31 23.04 37.17
CA ASN D 158 -8.85 23.14 38.52
C ASN D 158 -8.48 24.53 39.04
N VAL D 159 -9.49 25.34 39.34
CA VAL D 159 -9.29 26.69 39.83
C VAL D 159 -10.03 26.82 41.15
N PRO D 160 -9.33 26.70 42.28
CA PRO D 160 -9.98 26.95 43.58
C PRO D 160 -10.24 28.43 43.78
N ILE D 161 -11.43 28.73 44.30
CA ILE D 161 -11.90 30.11 44.43
C ILE D 161 -12.61 30.24 45.77
N TYR D 162 -12.10 31.11 46.64
CA TYR D 162 -12.70 31.30 47.95
C TYR D 162 -13.22 32.72 48.11
N GLU D 163 -14.52 32.84 48.36
CA GLU D 163 -15.17 34.09 48.71
C GLU D 163 -14.72 35.22 47.79
N GLY D 164 -15.01 35.11 46.51
CA GLY D 164 -14.39 36.08 45.65
C GLY D 164 -13.05 35.55 45.21
N TYR D 165 -12.02 35.82 46.02
CA TYR D 165 -10.62 35.97 45.67
C TYR D 165 -10.13 34.81 44.81
N ALA D 166 -8.84 34.67 44.58
CA ALA D 166 -8.41 33.43 43.96
C ALA D 166 -7.19 32.90 44.70
N LEU D 167 -6.72 31.74 44.24
CA LEU D 167 -5.53 31.10 44.78
C LEU D 167 -4.69 30.67 43.58
N PRO D 168 -3.92 31.60 43.01
CA PRO D 168 -3.13 31.27 41.81
C PRO D 168 -2.17 30.11 42.02
N HIS D 169 -1.58 29.97 43.21
CA HIS D 169 -0.63 28.91 43.45
C HIS D 169 -1.27 27.52 43.44
N ALA D 170 -2.60 27.44 43.54
CA ALA D 170 -3.30 26.17 43.55
C ALA D 170 -4.00 25.86 42.23
N ILE D 171 -3.88 26.73 41.23
CA ILE D 171 -4.47 26.45 39.93
C ILE D 171 -3.65 25.38 39.23
N MET D 172 -4.31 24.35 38.74
CA MET D 172 -3.66 23.16 38.22
C MET D 172 -4.25 22.83 36.85
N ARG D 173 -3.43 22.93 35.80
CA ARG D 173 -3.88 22.61 34.45
C ARG D 173 -3.33 21.27 34.02
N LEU D 174 -4.08 20.61 33.15
CA LEU D 174 -3.77 19.23 32.73
C LEU D 174 -4.30 19.05 31.32
N ASP D 175 -3.43 18.61 30.41
CA ASP D 175 -3.83 18.42 29.01
C ASP D 175 -4.41 17.02 28.85
N LEU D 176 -5.64 16.86 29.34
CA LEU D 176 -6.49 15.71 29.08
C LEU D 176 -7.87 16.25 28.75
N ALA D 177 -8.40 15.91 27.58
CA ALA D 177 -9.64 16.53 27.15
C ALA D 177 -10.22 15.73 25.99
N GLY D 178 -11.38 16.18 25.50
CA GLY D 178 -12.09 15.46 24.46
C GLY D 178 -11.24 15.11 23.26
N ARG D 179 -10.26 15.95 22.93
CA ARG D 179 -9.39 15.64 21.80
C ARG D 179 -8.46 14.47 22.14
N ASP D 180 -7.90 14.47 23.35
CA ASP D 180 -7.07 13.34 23.77
C ASP D 180 -7.90 12.07 23.94
N LEU D 181 -9.16 12.20 24.38
CA LEU D 181 -10.00 11.02 24.57
C LEU D 181 -10.48 10.46 23.24
N THR D 182 -10.71 11.33 22.25
CA THR D 182 -11.15 10.85 20.94
C THR D 182 -10.01 10.16 20.19
N ASP D 183 -8.77 10.60 20.42
CA ASP D 183 -7.64 9.89 19.83
C ASP D 183 -7.43 8.55 20.52
N TYR D 184 -7.52 8.50 21.84
CA TYR D 184 -7.41 7.23 22.53
C TYR D 184 -8.54 6.28 22.13
N LEU D 185 -9.76 6.81 22.01
CA LEU D 185 -10.85 6.02 21.46
C LEU D 185 -10.55 5.58 20.03
N MET D 186 -9.68 6.29 19.33
CA MET D 186 -9.28 5.88 17.99
C MET D 186 -8.54 4.54 18.03
N LYS D 187 -7.41 4.50 18.73
CA LYS D 187 -6.57 3.31 18.75
C LYS D 187 -7.14 2.18 19.60
N ILE D 188 -8.04 2.50 20.55
CA ILE D 188 -8.73 1.44 21.25
C ILE D 188 -9.85 0.87 20.38
N LEU D 189 -10.49 1.72 19.58
CA LEU D 189 -11.54 1.24 18.68
C LEU D 189 -10.97 0.32 17.60
N THR D 190 -9.71 0.53 17.20
CA THR D 190 -9.11 -0.23 16.11
C THR D 190 -8.76 -1.66 16.49
N GLU D 191 -8.87 -2.03 17.77
CA GLU D 191 -8.70 -3.43 18.13
C GLU D 191 -9.92 -4.27 17.74
N ARG D 192 -11.05 -3.62 17.47
CA ARG D 192 -12.19 -4.31 16.90
C ARG D 192 -12.10 -4.43 15.38
N GLY D 193 -11.11 -3.78 14.77
CA GLY D 193 -10.95 -3.79 13.33
C GLY D 193 -11.40 -2.53 12.63
N TYR D 194 -12.14 -1.65 13.30
CA TYR D 194 -12.63 -0.43 12.69
C TYR D 194 -11.49 0.58 12.63
N SER D 195 -11.01 0.86 11.41
CA SER D 195 -9.87 1.74 11.22
C SER D 195 -10.36 3.13 10.83
N PHE D 196 -10.09 4.12 11.69
CA PHE D 196 -10.36 5.52 11.41
C PHE D 196 -9.04 6.26 11.47
N VAL D 197 -8.51 6.61 10.30
CA VAL D 197 -7.17 7.18 10.18
C VAL D 197 -7.23 8.69 9.97
N THR D 198 -8.26 9.13 9.26
CA THR D 198 -8.31 10.49 8.73
C THR D 198 -8.95 11.46 9.74
N THR D 199 -8.73 12.75 9.51
CA THR D 199 -9.29 13.78 10.37
C THR D 199 -10.81 13.82 10.29
N ALA D 200 -11.36 13.60 9.09
CA ALA D 200 -12.81 13.57 8.96
C ALA D 200 -13.41 12.46 9.81
N GLU D 201 -12.77 11.29 9.84
CA GLU D 201 -13.26 10.18 10.65
C GLU D 201 -13.06 10.46 12.14
N ARG D 202 -12.04 11.24 12.50
CA ARG D 202 -11.85 11.61 13.91
C ARG D 202 -13.10 12.28 14.47
N GLU D 203 -13.74 13.13 13.67
CA GLU D 203 -14.96 13.78 14.15
C GLU D 203 -16.15 12.84 14.18
N ILE D 204 -16.12 11.78 13.38
CA ILE D 204 -17.12 10.72 13.53
C ILE D 204 -16.97 10.05 14.88
N VAL D 205 -15.75 9.65 15.24
CA VAL D 205 -15.54 9.02 16.54
C VAL D 205 -15.84 10.00 17.67
N ARG D 206 -15.54 11.28 17.46
CA ARG D 206 -15.97 12.29 18.42
C ARG D 206 -17.49 12.21 18.63
N ASP D 207 -18.23 11.93 17.55
CA ASP D 207 -19.67 11.75 17.67
C ASP D 207 -20.01 10.48 18.44
N ILE D 208 -19.31 9.38 18.16
CA ILE D 208 -19.54 8.15 18.91
C ILE D 208 -19.27 8.37 20.39
N LYS D 209 -18.19 9.06 20.71
CA LYS D 209 -17.86 9.34 22.10
C LYS D 209 -18.94 10.15 22.78
N GLU D 210 -19.49 11.16 22.09
CA GLU D 210 -20.48 12.02 22.71
C GLU D 210 -21.75 11.24 23.08
N LYS D 211 -22.18 10.33 22.21
CA LYS D 211 -23.43 9.61 22.47
C LYS D 211 -23.22 8.40 23.39
N LEU D 212 -22.38 7.45 22.98
CA LEU D 212 -22.38 6.15 23.63
C LEU D 212 -21.57 6.14 24.93
N CYS D 213 -20.41 6.78 24.94
CA CYS D 213 -19.46 6.59 26.02
C CYS D 213 -20.00 7.08 27.36
N TYR D 214 -19.55 6.43 28.43
CA TYR D 214 -20.01 6.73 29.78
C TYR D 214 -18.91 6.34 30.76
N VAL D 215 -18.92 6.97 31.92
CA VAL D 215 -17.89 6.78 32.94
C VAL D 215 -18.43 5.80 33.97
N ALA D 216 -17.79 4.64 34.06
CA ALA D 216 -18.19 3.62 35.01
C ALA D 216 -18.05 4.09 36.45
N LEU D 217 -19.03 3.74 37.28
CA LEU D 217 -18.82 3.87 38.73
C LEU D 217 -17.61 3.05 39.16
N ASP D 218 -17.55 1.79 38.72
CA ASP D 218 -16.36 0.95 38.83
C ASP D 218 -16.10 0.30 37.49
N PHE D 219 -14.93 0.59 36.90
CA PHE D 219 -14.63 0.06 35.57
C PHE D 219 -14.49 -1.44 35.58
N GLU D 220 -13.94 -2.00 36.65
CA GLU D 220 -13.83 -3.45 36.77
C GLU D 220 -15.21 -4.10 36.75
N ASN D 221 -16.17 -3.52 37.45
CA ASN D 221 -17.55 -4.00 37.38
C ASN D 221 -18.06 -3.95 35.95
N GLU D 222 -17.77 -2.85 35.25
CA GLU D 222 -18.20 -2.73 33.86
C GLU D 222 -17.56 -3.81 33.01
N MET D 223 -16.27 -4.07 33.24
CA MET D 223 -15.58 -5.13 32.51
C MET D 223 -16.25 -6.48 32.75
N ALA D 224 -16.62 -6.77 34.01
CA ALA D 224 -17.28 -8.04 34.31
C ALA D 224 -18.60 -8.16 33.57
N THR D 225 -19.44 -7.13 33.64
CA THR D 225 -20.69 -7.18 32.90
C THR D 225 -20.41 -7.30 31.40
N ALA D 226 -19.27 -6.78 30.94
CA ALA D 226 -18.97 -6.77 29.51
C ALA D 226 -18.57 -8.13 28.98
N ALA D 227 -17.84 -8.91 29.78
CA ALA D 227 -17.39 -10.23 29.34
C ALA D 227 -18.54 -11.05 28.79
N SER D 228 -19.67 -11.07 29.49
CA SER D 228 -20.93 -11.55 28.95
C SER D 228 -21.70 -10.33 28.44
N SER D 229 -21.60 -10.07 27.15
CA SER D 229 -21.95 -8.79 26.55
C SER D 229 -23.47 -8.63 26.47
N SER D 230 -24.08 -8.06 27.51
CA SER D 230 -25.54 -7.91 27.53
C SER D 230 -25.99 -6.49 27.16
N SER D 231 -25.64 -5.50 27.98
CA SER D 231 -26.01 -4.11 27.70
C SER D 231 -24.81 -3.26 27.33
N LEU D 232 -23.61 -3.77 27.50
CA LEU D 232 -22.42 -2.98 27.29
C LEU D 232 -22.04 -2.82 25.82
N GLU D 233 -22.47 -3.73 24.96
CA GLU D 233 -22.27 -3.57 23.52
C GLU D 233 -23.50 -2.88 22.94
N LYS D 234 -23.27 -1.74 22.29
CA LYS D 234 -24.33 -1.01 21.63
C LYS D 234 -23.98 -0.82 20.16
N SER D 235 -25.02 -0.71 19.34
CA SER D 235 -24.86 -0.58 17.89
C SER D 235 -24.96 0.90 17.53
N TYR D 236 -23.89 1.43 16.95
CA TYR D 236 -23.88 2.78 16.39
C TYR D 236 -23.77 2.69 14.88
N GLU D 237 -24.43 3.63 14.20
CA GLU D 237 -24.48 3.65 12.74
C GLU D 237 -23.75 4.88 12.22
N LEU D 238 -22.76 4.65 11.35
CA LEU D 238 -21.99 5.71 10.72
C LEU D 238 -22.86 6.46 9.72
N PRO D 239 -22.35 7.54 9.12
CA PRO D 239 -23.06 8.14 7.98
C PRO D 239 -22.97 7.33 6.71
N ASP D 240 -22.00 6.41 6.61
CA ASP D 240 -21.88 5.56 5.43
C ASP D 240 -22.97 4.50 5.39
N GLY D 241 -23.31 3.92 6.54
CA GLY D 241 -24.32 2.89 6.59
C GLY D 241 -23.87 1.65 7.33
N GLN D 242 -22.57 1.54 7.58
CA GLN D 242 -22.02 0.39 8.29
C GLN D 242 -22.41 0.43 9.77
N VAL D 243 -22.27 -0.72 10.43
CA VAL D 243 -22.69 -0.88 11.82
C VAL D 243 -21.46 -1.17 12.67
N ILE D 244 -21.16 -0.26 13.60
CA ILE D 244 -20.12 -0.46 14.59
C ILE D 244 -20.75 -1.00 15.87
N THR D 245 -20.08 -1.94 16.52
CA THR D 245 -20.53 -2.51 17.78
C THR D 245 -19.39 -2.37 18.79
N ILE D 246 -19.60 -1.53 19.81
CA ILE D 246 -18.57 -1.23 20.80
C ILE D 246 -19.07 -1.61 22.18
N GLY D 247 -18.30 -2.45 22.87
CA GLY D 247 -18.65 -2.93 24.19
C GLY D 247 -17.91 -2.22 25.30
N ASN D 248 -16.83 -2.83 25.80
CA ASN D 248 -16.06 -2.20 26.86
C ASN D 248 -15.39 -0.91 26.41
N GLU D 249 -15.15 -0.75 25.10
CA GLU D 249 -14.60 0.50 24.59
C GLU D 249 -15.48 1.68 24.93
N ARG D 250 -16.77 1.46 25.16
CA ARG D 250 -17.67 2.55 25.48
C ARG D 250 -17.25 3.26 26.76
N PHE D 251 -16.87 2.49 27.75
CA PHE D 251 -16.57 3.08 29.05
C PHE D 251 -15.08 3.29 29.28
N ARG D 252 -14.21 2.41 28.75
CA ARG D 252 -12.77 2.55 28.97
C ARG D 252 -12.15 3.75 28.24
N CYS D 253 -12.87 4.41 27.33
CA CYS D 253 -12.38 5.65 26.76
C CYS D 253 -12.36 6.76 27.81
N PRO D 254 -13.49 7.09 28.45
CA PRO D 254 -13.46 8.14 29.48
C PRO D 254 -12.71 7.74 30.75
N GLU D 255 -12.46 6.45 30.98
CA GLU D 255 -11.63 6.07 32.13
C GLU D 255 -10.26 6.73 32.07
N THR D 256 -9.90 7.29 30.92
CA THR D 256 -8.59 7.91 30.78
C THR D 256 -8.47 9.16 31.64
N LEU D 257 -9.59 9.84 31.91
CA LEU D 257 -9.55 11.02 32.76
C LEU D 257 -9.12 10.65 34.18
N PHE D 258 -9.46 9.44 34.64
CA PHE D 258 -9.11 9.00 35.97
C PHE D 258 -7.89 8.10 35.98
N GLN D 259 -7.48 7.58 34.84
CA GLN D 259 -6.26 6.77 34.70
C GLN D 259 -5.51 7.26 33.47
N PRO D 260 -4.86 8.43 33.57
CA PRO D 260 -4.07 8.93 32.43
C PRO D 260 -2.96 8.00 31.99
N SER D 261 -2.70 6.92 32.75
CA SER D 261 -1.69 5.95 32.34
C SER D 261 -2.09 5.17 31.09
N PHE D 262 -3.34 5.30 30.63
CA PHE D 262 -3.73 4.66 29.38
C PHE D 262 -3.19 5.40 28.16
N ILE D 263 -3.00 6.71 28.28
CA ILE D 263 -2.36 7.49 27.21
C ILE D 263 -0.86 7.58 27.40
N GLY D 264 -0.32 7.07 28.50
CA GLY D 264 1.10 7.16 28.76
C GLY D 264 1.54 8.48 29.36
N MET D 265 0.71 9.06 30.22
CA MET D 265 1.05 10.29 30.93
C MET D 265 1.12 10.01 32.42
N GLU D 266 2.11 10.60 33.09
CA GLU D 266 2.28 10.38 34.53
C GLU D 266 1.29 11.17 35.37
N SER D 267 0.68 12.22 34.81
CA SER D 267 -0.22 13.07 35.58
C SER D 267 -1.29 12.23 36.27
N ALA D 268 -1.60 12.60 37.52
CA ALA D 268 -2.66 11.93 38.24
C ALA D 268 -4.00 12.20 37.57
N GLY D 269 -4.95 11.30 37.82
CA GLY D 269 -6.30 11.48 37.31
C GLY D 269 -6.93 12.75 37.84
N ILE D 270 -8.04 13.13 37.20
CA ILE D 270 -8.69 14.39 37.55
C ILE D 270 -9.23 14.43 38.96
N HIS D 271 -9.33 13.27 39.64
CA HIS D 271 -9.75 13.28 41.03
C HIS D 271 -8.58 13.49 41.98
N GLU D 272 -7.36 13.11 41.60
CA GLU D 272 -6.20 13.42 42.42
C GLU D 272 -5.67 14.82 42.17
N THR D 273 -6.04 15.45 41.05
CA THR D 273 -5.64 16.83 40.80
C THR D 273 -6.61 17.82 41.45
N THR D 274 -7.89 17.50 41.48
CA THR D 274 -8.83 18.29 42.28
C THR D 274 -8.57 18.09 43.77
N TYR D 275 -8.22 16.87 44.16
CA TYR D 275 -7.82 16.62 45.55
C TYR D 275 -6.51 17.34 45.87
N ASN D 276 -5.53 17.25 44.96
CA ASN D 276 -4.25 17.90 45.19
C ASN D 276 -4.39 19.42 45.18
N SER D 277 -5.32 19.96 44.37
CA SER D 277 -5.55 21.40 44.38
C SER D 277 -6.10 21.86 45.73
N ILE D 278 -7.05 21.11 46.29
CA ILE D 278 -7.58 21.45 47.60
C ILE D 278 -6.50 21.31 48.67
N MET D 279 -5.53 20.42 48.46
CA MET D 279 -4.43 20.30 49.41
C MET D 279 -3.61 21.58 49.47
N LYS D 280 -3.20 22.09 48.32
CA LYS D 280 -2.38 23.31 48.28
C LYS D 280 -3.08 24.51 48.90
N CYS D 281 -4.39 24.43 49.13
CA CYS D 281 -5.12 25.55 49.71
C CYS D 281 -4.95 25.57 51.23
N ASP D 282 -5.16 26.75 51.80
CA ASP D 282 -5.00 26.93 53.23
C ASP D 282 -6.00 26.08 53.99
N ILE D 283 -5.58 25.57 55.15
CA ILE D 283 -6.36 24.58 55.90
C ILE D 283 -7.76 25.08 56.23
N ASP D 284 -7.96 26.39 56.26
CA ASP D 284 -9.25 26.93 56.72
C ASP D 284 -10.36 26.71 55.69
N ILE D 285 -10.07 26.94 54.41
CA ILE D 285 -11.12 27.04 53.40
C ILE D 285 -11.37 25.71 52.68
N ARG D 286 -10.66 24.65 53.03
CA ARG D 286 -10.78 23.40 52.28
C ARG D 286 -12.16 22.77 52.44
N LYS D 287 -12.81 22.96 53.58
CA LYS D 287 -14.13 22.34 53.76
C LYS D 287 -15.15 22.93 52.81
N ASP D 288 -15.03 24.21 52.46
CA ASP D 288 -15.94 24.81 51.51
C ASP D 288 -15.64 24.36 50.08
N LEU D 289 -14.36 24.15 49.76
CA LEU D 289 -14.01 23.67 48.42
C LEU D 289 -14.46 22.23 48.22
N TYR D 290 -14.28 21.38 49.24
CA TYR D 290 -14.79 20.01 49.17
C TYR D 290 -16.29 19.99 48.92
N ALA D 291 -17.03 20.91 49.55
CA ALA D 291 -18.48 20.88 49.46
C ALA D 291 -19.00 21.48 48.17
N ASN D 292 -18.25 22.41 47.56
CA ASN D 292 -18.78 23.26 46.50
C ASN D 292 -18.13 23.02 45.14
N ASN D 293 -17.43 21.90 44.94
CA ASN D 293 -16.66 21.77 43.71
C ASN D 293 -17.59 21.67 42.51
N VAL D 294 -17.31 22.50 41.51
CA VAL D 294 -18.19 22.74 40.36
C VAL D 294 -17.61 22.07 39.13
N LEU D 295 -18.48 21.81 38.15
CA LEU D 295 -18.07 21.17 36.90
C LEU D 295 -18.59 21.96 35.70
N SER D 296 -17.79 21.97 34.65
CA SER D 296 -18.09 22.71 33.43
C SER D 296 -17.41 22.03 32.26
N GLY D 297 -17.90 22.32 31.06
CA GLY D 297 -17.24 21.91 29.84
C GLY D 297 -17.84 20.66 29.21
N GLY D 298 -17.60 20.51 27.91
CA GLY D 298 -18.15 19.38 27.19
C GLY D 298 -17.65 18.03 27.69
N THR D 299 -16.41 17.96 28.15
CA THR D 299 -15.85 16.71 28.64
C THR D 299 -16.32 16.36 30.05
N THR D 300 -17.20 17.18 30.64
CA THR D 300 -17.89 16.83 31.87
C THR D 300 -19.25 16.18 31.60
N MET D 301 -19.60 15.97 30.32
CA MET D 301 -20.94 15.54 29.95
C MET D 301 -21.10 14.03 29.89
N TYR D 302 -20.03 13.27 30.04
CA TYR D 302 -20.17 11.81 30.06
C TYR D 302 -21.08 11.40 31.20
N PRO D 303 -22.14 10.63 30.95
CA PRO D 303 -22.97 10.13 32.06
C PRO D 303 -22.15 9.28 33.02
N GLY D 304 -22.32 9.54 34.31
CA GLY D 304 -21.63 8.82 35.36
C GLY D 304 -20.42 9.50 35.94
N ILE D 305 -20.07 10.70 35.43
CA ILE D 305 -18.84 11.35 35.88
C ILE D 305 -18.96 11.83 37.32
N ALA D 306 -20.05 12.53 37.63
CA ALA D 306 -20.19 13.11 38.96
C ALA D 306 -20.17 12.04 40.04
N ASP D 307 -20.82 10.90 39.79
CA ASP D 307 -20.85 9.84 40.80
C ASP D 307 -19.46 9.25 41.01
N ARG D 308 -18.71 9.01 39.94
CA ARG D 308 -17.36 8.49 40.08
C ARG D 308 -16.47 9.49 40.81
N MET D 309 -16.64 10.78 40.52
CA MET D 309 -15.89 11.81 41.25
C MET D 309 -16.19 11.73 42.74
N GLN D 310 -17.47 11.56 43.10
CA GLN D 310 -17.83 11.53 44.53
C GLN D 310 -17.28 10.28 45.21
N LYS D 311 -17.21 9.14 44.52
CA LYS D 311 -16.62 7.96 45.13
C LYS D 311 -15.12 8.15 45.34
N GLU D 312 -14.44 8.75 44.36
CA GLU D 312 -12.98 8.79 44.39
C GLU D 312 -12.47 9.95 45.25
N ILE D 313 -13.10 11.12 45.19
CA ILE D 313 -12.68 12.20 46.06
C ILE D 313 -13.07 11.91 47.51
N THR D 314 -14.19 11.21 47.73
CA THR D 314 -14.54 10.80 49.08
C THR D 314 -13.61 9.71 49.63
N ALA D 315 -12.87 9.03 48.74
CA ALA D 315 -11.91 8.03 49.19
C ALA D 315 -10.54 8.63 49.50
N LEU D 316 -10.20 9.76 48.89
CA LEU D 316 -8.95 10.45 49.18
C LEU D 316 -9.10 11.45 50.32
N ALA D 317 -10.30 12.03 50.51
CA ALA D 317 -10.46 13.05 51.53
C ALA D 317 -10.96 12.42 52.83
N PRO D 318 -10.60 13.03 53.97
CA PRO D 318 -11.01 12.45 55.26
C PRO D 318 -12.52 12.27 55.31
N SER D 319 -12.93 11.04 55.65
CA SER D 319 -14.34 10.68 55.53
C SER D 319 -15.25 11.44 56.49
N THR D 320 -14.71 12.28 57.37
CA THR D 320 -15.53 12.99 58.34
C THR D 320 -16.26 14.20 57.76
N MET D 321 -16.00 14.57 56.51
CA MET D 321 -16.56 15.79 55.96
C MET D 321 -17.26 15.52 54.63
N LYS D 322 -18.27 16.35 54.34
CA LYS D 322 -19.20 16.09 53.25
C LYS D 322 -18.66 16.64 51.94
N ILE D 323 -18.55 15.77 50.94
CA ILE D 323 -18.11 16.16 49.61
C ILE D 323 -19.32 16.18 48.68
N LYS D 324 -19.95 17.33 48.55
CA LYS D 324 -21.03 17.51 47.59
C LYS D 324 -20.46 18.03 46.28
N ILE D 325 -20.83 17.40 45.18
CA ILE D 325 -20.40 17.82 43.85
C ILE D 325 -21.63 18.35 43.12
N ILE D 326 -21.52 19.56 42.59
CA ILE D 326 -22.63 20.22 41.90
C ILE D 326 -22.31 20.26 40.42
N ALA D 327 -23.08 19.53 39.64
CA ALA D 327 -22.87 19.40 38.20
C ALA D 327 -24.22 19.64 37.56
N PRO D 328 -24.55 20.89 37.24
CA PRO D 328 -25.87 21.20 36.71
C PRO D 328 -25.97 20.85 35.24
N PRO D 329 -27.15 20.43 34.78
CA PRO D 329 -27.40 20.35 33.34
C PRO D 329 -27.19 21.71 32.67
N GLU D 330 -26.83 21.66 31.39
CA GLU D 330 -26.58 22.87 30.60
C GLU D 330 -25.19 23.44 30.85
N ARG D 331 -24.24 22.59 31.22
CA ARG D 331 -22.87 23.03 31.49
C ARG D 331 -22.33 23.92 30.37
N LYS D 332 -22.32 23.41 29.14
CA LYS D 332 -21.79 24.18 28.02
C LYS D 332 -22.43 25.56 27.96
N TYR D 333 -23.75 25.63 28.16
CA TYR D 333 -24.43 26.91 28.27
C TYR D 333 -24.01 27.64 29.54
N SER D 334 -23.76 26.90 30.61
CA SER D 334 -23.50 27.53 31.90
C SER D 334 -22.25 28.40 31.86
N VAL D 335 -21.17 27.91 31.25
CA VAL D 335 -19.94 28.70 31.19
C VAL D 335 -20.19 30.05 30.54
N TRP D 336 -20.99 30.06 29.47
CA TRP D 336 -21.29 31.31 28.79
C TRP D 336 -22.07 32.27 29.69
N ILE D 337 -22.97 31.73 30.52
CA ILE D 337 -23.85 32.57 31.33
C ILE D 337 -23.04 33.38 32.34
N GLY D 338 -22.04 32.76 32.96
CA GLY D 338 -21.22 33.47 33.93
C GLY D 338 -20.51 34.66 33.33
N GLY D 339 -20.00 34.51 32.10
CA GLY D 339 -19.38 35.64 31.44
C GLY D 339 -20.38 36.74 31.11
N SER D 340 -21.59 36.34 30.68
CA SER D 340 -22.59 37.32 30.31
C SER D 340 -23.02 38.16 31.52
N ILE D 341 -23.17 37.53 32.69
CA ILE D 341 -23.54 38.28 33.89
C ILE D 341 -22.50 39.34 34.20
N LEU D 342 -21.22 39.01 34.06
CA LEU D 342 -20.16 39.98 34.34
C LEU D 342 -20.26 41.18 33.42
N ALA D 343 -20.51 40.94 32.12
CA ALA D 343 -20.79 42.05 31.21
C ALA D 343 -22.03 42.80 31.65
N SER D 344 -23.04 42.08 32.15
CA SER D 344 -24.26 42.72 32.65
C SER D 344 -23.97 43.59 33.86
N LEU D 345 -23.02 43.20 34.70
CA LEU D 345 -22.80 43.86 35.98
C LEU D 345 -22.40 45.32 35.80
N SER D 346 -22.97 46.17 36.67
CA SER D 346 -22.70 47.60 36.69
C SER D 346 -21.41 47.96 37.41
N THR D 347 -20.52 46.98 37.60
CA THR D 347 -19.23 47.20 38.23
C THR D 347 -18.06 46.70 37.40
N PHE D 348 -18.32 45.86 36.39
CA PHE D 348 -17.28 45.37 35.49
C PHE D 348 -17.02 46.30 34.31
N GLN D 349 -17.94 47.23 34.04
CA GLN D 349 -17.77 48.13 32.89
C GLN D 349 -16.57 49.05 33.05
N GLN D 350 -15.98 49.15 34.25
CA GLN D 350 -14.75 49.90 34.42
C GLN D 350 -13.53 49.11 33.98
N MET D 351 -13.61 47.79 33.97
CA MET D 351 -12.46 46.94 33.71
C MET D 351 -12.22 46.65 32.23
N TRP D 352 -13.12 47.08 31.34
CA TRP D 352 -12.85 46.94 29.91
C TRP D 352 -11.51 47.57 29.57
N ILE D 353 -10.81 46.97 28.61
CA ILE D 353 -9.56 47.52 28.09
C ILE D 353 -9.90 48.21 26.78
N SER D 354 -9.94 49.54 26.79
CA SER D 354 -10.24 50.28 25.58
C SER D 354 -9.24 49.98 24.47
N LYS D 355 -9.76 49.87 23.22
CA LYS D 355 -8.88 49.67 22.05
C LYS D 355 -7.85 50.76 21.93
N GLN D 356 -8.29 52.02 21.97
CA GLN D 356 -7.34 53.11 22.02
C GLN D 356 -6.42 52.96 23.22
N GLU D 357 -6.97 52.63 24.39
CA GLU D 357 -6.15 52.44 25.59
C GLU D 357 -5.18 51.28 25.43
N TYR D 358 -5.60 50.23 24.73
CA TYR D 358 -4.81 49.00 24.67
C TYR D 358 -3.47 49.21 23.97
N ASP D 359 -3.47 49.96 22.87
CA ASP D 359 -2.23 50.19 22.16
C ASP D 359 -1.21 50.85 23.06
N GLU D 360 -1.65 51.89 23.80
CA GLU D 360 -0.78 52.50 24.80
C GLU D 360 -0.49 51.54 25.93
N ALA D 361 -1.49 50.74 26.32
CA ALA D 361 -1.34 49.87 27.49
C ALA D 361 -0.34 48.75 27.23
N GLY D 362 -0.37 48.15 26.04
CA GLY D 362 0.56 47.10 25.70
C GLY D 362 0.09 45.74 26.14
N PRO D 363 0.87 44.69 25.84
CA PRO D 363 0.44 43.35 26.26
C PRO D 363 0.37 43.20 27.77
N SER D 364 1.32 43.80 28.49
CA SER D 364 1.48 43.52 29.92
C SER D 364 0.26 43.95 30.72
N ILE D 365 -0.35 45.09 30.37
CA ILE D 365 -1.48 45.59 31.14
C ILE D 365 -2.63 44.59 31.11
N VAL D 366 -2.86 43.97 29.96
CA VAL D 366 -3.99 43.06 29.81
C VAL D 366 -3.84 41.88 30.76
N HIS D 367 -2.60 41.38 30.90
CA HIS D 367 -2.29 40.25 31.76
C HIS D 367 -2.23 40.68 33.23
N THR E 1 39.41 2.76 61.30
CA THR E 1 37.98 2.51 61.37
C THR E 1 37.19 3.73 60.97
N THR E 2 37.83 4.62 60.22
CA THR E 2 37.74 6.05 60.47
C THR E 2 36.34 6.54 60.79
N ALA E 3 35.44 6.64 59.81
CA ALA E 3 34.04 6.97 60.06
C ALA E 3 33.30 7.20 58.74
N LEU E 4 31.98 7.11 58.74
CA LEU E 4 31.16 7.40 57.58
C LEU E 4 30.28 8.61 57.84
N VAL E 5 30.32 9.59 56.94
CA VAL E 5 29.49 10.78 57.01
C VAL E 5 28.51 10.74 55.86
N CYS E 6 27.21 10.62 56.18
CA CYS E 6 26.15 10.59 55.18
C CYS E 6 25.24 11.80 55.39
N ASP E 7 25.28 12.74 54.45
CA ASP E 7 24.41 13.92 54.48
C ASP E 7 23.19 13.59 53.64
N ASN E 8 22.08 13.27 54.31
CA ASN E 8 20.85 12.88 53.64
C ASN E 8 19.93 14.09 53.58
N GLY E 9 20.11 14.90 52.54
CA GLY E 9 19.18 15.97 52.24
C GLY E 9 18.25 15.56 51.12
N SER E 10 17.16 16.31 50.98
CA SER E 10 16.32 16.14 49.80
C SER E 10 17.10 16.57 48.56
N GLY E 11 17.03 15.77 47.51
CA GLY E 11 17.66 16.13 46.26
C GLY E 11 19.04 15.55 46.04
N LEU E 12 19.85 15.45 47.09
CA LEU E 12 21.22 14.97 46.93
C LEU E 12 21.64 14.22 48.19
N VAL E 13 22.27 13.05 47.98
CA VAL E 13 22.96 12.33 49.04
C VAL E 13 24.45 12.64 48.91
N LYS E 14 25.02 13.24 49.93
CA LYS E 14 26.46 13.52 49.99
C LYS E 14 27.05 12.62 51.07
N ALA E 15 27.76 11.57 50.64
CA ALA E 15 28.29 10.57 51.54
C ALA E 15 29.76 10.33 51.24
N GLY E 16 30.49 9.86 52.24
CA GLY E 16 31.91 9.61 52.11
C GLY E 16 32.53 9.38 53.47
N PHE E 17 33.83 9.09 53.46
CA PHE E 17 34.55 8.84 54.70
C PHE E 17 34.89 10.13 55.41
N ALA E 18 34.99 10.04 56.74
CA ALA E 18 35.35 11.19 57.55
C ALA E 18 36.82 11.53 57.36
N GLY E 19 37.17 12.76 57.75
CA GLY E 19 38.52 13.25 57.59
C GLY E 19 38.92 13.59 56.17
N ASP E 20 38.04 13.35 55.19
CA ASP E 20 38.35 13.70 53.81
C ASP E 20 37.86 15.12 53.49
N ASP E 21 38.16 15.56 52.27
CA ASP E 21 37.89 16.95 51.89
C ASP E 21 36.54 17.13 51.20
N ALA E 22 36.11 16.15 50.42
CA ALA E 22 34.86 16.22 49.69
C ALA E 22 34.16 14.88 49.75
N PRO E 23 32.83 14.86 49.75
CA PRO E 23 32.13 13.58 49.64
C PRO E 23 32.46 12.92 48.31
N ARG E 24 32.57 11.59 48.33
CA ARG E 24 32.96 10.88 47.12
C ARG E 24 31.76 10.45 46.29
N ALA E 25 30.67 10.04 46.93
CA ALA E 25 29.43 9.68 46.25
C ALA E 25 28.43 10.81 46.46
N VAL E 26 28.19 11.56 45.39
CA VAL E 26 27.21 12.65 45.39
C VAL E 26 26.23 12.33 44.28
N PHE E 27 25.06 11.82 44.64
CA PHE E 27 24.06 11.45 43.66
C PHE E 27 22.68 11.82 44.17
N PRO E 28 21.77 12.14 43.26
CA PRO E 28 20.43 12.57 43.66
C PRO E 28 19.67 11.47 44.38
N SER E 29 18.81 11.89 45.31
CA SER E 29 18.01 10.98 46.13
C SER E 29 16.69 10.71 45.40
N ILE E 30 16.74 9.79 44.44
CA ILE E 30 15.52 9.43 43.71
C ILE E 30 15.48 7.92 43.53
N VAL E 31 14.26 7.40 43.49
CA VAL E 31 13.97 6.01 43.19
C VAL E 31 13.06 6.02 41.96
N GLY E 32 13.66 5.84 40.78
CA GLY E 32 12.87 5.77 39.57
C GLY E 32 12.17 4.44 39.42
N ARG E 33 10.97 4.48 38.86
CA ARG E 33 10.20 3.28 38.60
C ARG E 33 9.65 3.34 37.18
N PRO E 34 9.80 2.28 36.40
CA PRO E 34 9.34 2.32 35.00
C PRO E 34 7.88 2.74 34.92
N ARG E 35 7.61 3.74 34.10
CA ARG E 35 6.23 4.22 33.95
C ARG E 35 5.44 3.34 32.96
N HIS E 36 6.06 2.92 31.85
CA HIS E 36 5.41 2.11 30.84
C HIS E 36 5.85 0.67 31.03
N GLN E 37 4.87 -0.22 31.22
CA GLN E 37 5.21 -1.61 31.53
C GLN E 37 5.91 -2.22 30.34
N GLY E 38 7.24 -2.14 30.33
CA GLY E 38 8.03 -2.58 29.19
C GLY E 38 7.63 -3.97 28.79
N VAL E 39 6.96 -4.10 27.63
CA VAL E 39 6.33 -5.36 27.23
C VAL E 39 7.37 -6.15 26.46
N MET E 40 8.62 -5.98 26.87
CA MET E 40 9.74 -6.65 26.26
C MET E 40 10.36 -7.68 27.19
N VAL E 41 11.23 -8.51 26.60
CA VAL E 41 11.89 -9.60 27.30
C VAL E 41 13.37 -9.27 27.42
N GLY E 42 13.86 -9.31 28.66
CA GLY E 42 15.26 -9.06 28.92
C GLY E 42 15.49 -7.69 29.52
N MET E 43 14.70 -6.70 29.08
CA MET E 43 14.86 -5.34 29.58
C MET E 43 14.89 -5.30 31.10
N GLY E 44 16.02 -4.91 31.67
CA GLY E 44 16.17 -4.84 33.11
C GLY E 44 16.20 -6.20 33.76
N GLN E 45 15.12 -6.59 34.43
CA GLN E 45 13.90 -5.80 34.45
C GLN E 45 14.10 -4.55 35.30
N LYS E 46 14.97 -4.64 36.30
CA LYS E 46 15.32 -3.50 37.15
C LYS E 46 14.06 -2.82 37.68
N ASP E 47 13.27 -3.59 38.44
CA ASP E 47 12.00 -3.08 38.94
C ASP E 47 12.16 -1.73 39.63
N SER E 48 13.33 -1.45 40.19
CA SER E 48 13.59 -0.18 40.83
C SER E 48 14.97 0.33 40.44
N TYR E 49 15.01 1.56 39.94
CA TYR E 49 16.24 2.29 39.70
C TYR E 49 16.45 3.31 40.83
N VAL E 50 17.71 3.62 41.13
CA VAL E 50 18.03 4.50 42.25
C VAL E 50 19.21 5.37 41.88
N GLY E 51 19.10 6.67 42.17
CA GLY E 51 20.23 7.56 41.96
C GLY E 51 20.57 7.76 40.50
N ASP E 52 21.86 7.60 40.18
CA ASP E 52 22.38 7.98 38.89
C ASP E 52 21.79 7.15 37.75
N GLU E 53 21.61 5.84 37.99
CA GLU E 53 20.99 4.99 36.99
C GLU E 53 19.58 5.45 36.68
N ALA E 54 18.79 5.76 37.70
CA ALA E 54 17.46 6.32 37.49
C ALA E 54 17.53 7.63 36.72
N GLN E 55 18.56 8.45 37.01
CA GLN E 55 18.71 9.72 36.30
C GLN E 55 18.95 9.51 34.81
N SER E 56 19.80 8.55 34.48
CA SER E 56 20.11 8.30 33.09
C SER E 56 18.85 7.95 32.31
N LYS E 57 17.97 7.14 32.91
CA LYS E 57 16.71 6.74 32.29
C LYS E 57 15.54 7.54 32.87
N ARG E 58 15.53 8.84 32.60
CA ARG E 58 14.43 9.67 33.09
C ARG E 58 13.18 9.49 32.25
N GLY E 59 13.34 9.32 30.93
CA GLY E 59 12.19 9.23 30.05
C GLY E 59 11.34 8.01 30.27
N ILE E 60 11.93 6.93 30.79
CA ILE E 60 11.16 5.73 31.09
C ILE E 60 10.54 5.79 32.47
N LEU E 61 11.24 6.38 33.43
CA LEU E 61 10.93 6.19 34.83
C LEU E 61 10.04 7.29 35.38
N THR E 62 9.29 6.94 36.42
CA THR E 62 8.70 7.90 37.32
C THR E 62 9.69 8.17 38.45
N LEU E 63 10.18 9.40 38.54
CA LEU E 63 11.13 9.75 39.58
C LEU E 63 10.36 10.16 40.84
N LYS E 64 10.87 9.71 42.00
CA LYS E 64 10.15 9.85 43.25
C LYS E 64 11.15 10.19 44.36
N TYR E 65 11.15 11.45 44.78
CA TYR E 65 11.97 11.87 45.92
C TYR E 65 11.48 11.18 47.18
N PRO E 66 12.32 10.43 47.90
CA PRO E 66 11.85 9.75 49.11
C PRO E 66 11.73 10.66 50.33
N ILE E 67 12.26 11.88 50.27
CA ILE E 67 12.37 12.78 51.41
C ILE E 67 11.87 14.15 50.99
N GLU E 68 10.82 14.64 51.66
CA GLU E 68 10.13 15.88 51.30
C GLU E 68 10.18 16.86 52.47
N GLY E 70 12.73 17.60 54.35
CA GLY E 70 13.42 17.00 55.47
C GLY E 70 12.71 15.80 56.07
N ILE E 71 11.38 15.78 55.95
CA ILE E 71 10.60 14.66 56.47
C ILE E 71 10.75 13.46 55.54
N ILE E 72 11.03 12.30 56.11
CA ILE E 72 11.06 11.06 55.34
C ILE E 72 9.63 10.65 55.02
N THR E 73 9.28 10.65 53.74
CA THR E 73 7.92 10.27 53.34
C THR E 73 7.77 8.77 53.16
N ASN E 74 8.69 8.14 52.42
CA ASN E 74 8.63 6.71 52.13
C ASN E 74 9.89 6.05 52.68
N TRP E 75 9.69 5.03 53.52
CA TRP E 75 10.78 4.51 54.33
C TRP E 75 11.58 3.38 53.68
N ASP E 76 11.00 2.64 52.74
CA ASP E 76 11.78 1.65 52.03
C ASP E 76 12.47 2.22 50.80
N ASP E 77 11.96 3.31 50.23
CA ASP E 77 12.71 4.03 49.22
C ASP E 77 13.96 4.65 49.82
N MET E 78 13.83 5.23 51.02
CA MET E 78 15.02 5.70 51.73
C MET E 78 16.00 4.55 51.95
N GLU E 79 15.51 3.44 52.52
CA GLU E 79 16.35 2.25 52.66
C GLU E 79 17.04 1.89 51.34
N LYS E 80 16.31 2.00 50.22
CA LYS E 80 16.88 1.64 48.94
C LYS E 80 18.13 2.45 48.63
N ILE E 81 18.05 3.78 48.78
CA ILE E 81 19.18 4.62 48.42
C ILE E 81 20.31 4.51 49.43
N TRP E 82 19.98 4.16 50.67
CA TRP E 82 21.03 3.90 51.66
C TRP E 82 21.80 2.62 51.29
N HIS E 83 21.08 1.52 51.08
CA HIS E 83 21.75 0.29 50.66
C HIS E 83 22.58 0.51 49.42
N HIS E 84 22.02 1.22 48.43
CA HIS E 84 22.77 1.52 47.21
C HIS E 84 24.00 2.36 47.53
N THR E 85 23.88 3.28 48.49
CA THR E 85 24.99 4.16 48.83
C THR E 85 26.14 3.41 49.49
N PHE E 86 25.84 2.34 50.23
CA PHE E 86 26.83 1.65 51.04
C PHE E 86 27.56 0.55 50.28
N TYR E 87 26.95 -0.01 49.24
CA TYR E 87 27.52 -1.18 48.57
C TYR E 87 27.90 -0.95 47.12
N ASN E 88 27.44 0.13 46.50
CA ASN E 88 27.72 0.37 45.08
C ASN E 88 28.42 1.69 44.79
N GLU E 89 28.59 2.57 45.76
CA GLU E 89 29.49 3.71 45.64
C GLU E 89 30.57 3.73 46.72
N LEU E 90 30.19 3.52 47.98
CA LEU E 90 31.18 3.48 49.05
C LEU E 90 31.78 2.10 49.22
N ARG E 91 31.11 1.04 48.75
CA ARG E 91 31.70 -0.28 48.66
C ARG E 91 32.06 -0.83 50.04
N VAL E 92 31.34 -0.39 51.07
CA VAL E 92 31.81 -0.49 52.45
C VAL E 92 30.72 -1.13 53.31
N ALA E 93 31.09 -2.19 54.01
CA ALA E 93 30.19 -2.77 55.00
C ALA E 93 30.03 -1.81 56.17
N PRO E 94 28.81 -1.41 56.53
CA PRO E 94 28.64 -0.46 57.65
C PRO E 94 29.08 -1.02 58.99
N GLU E 95 29.38 -2.31 59.08
CA GLU E 95 29.77 -2.90 60.35
C GLU E 95 31.16 -2.46 60.80
N GLU E 96 32.02 -2.03 59.87
CA GLU E 96 33.34 -1.56 60.25
C GLU E 96 33.36 -0.09 60.65
N HIS E 97 32.33 0.67 60.31
CA HIS E 97 32.39 2.12 60.48
C HIS E 97 31.22 2.63 61.32
N PRO E 98 31.49 3.49 62.30
CA PRO E 98 30.41 4.29 62.88
C PRO E 98 29.96 5.33 61.88
N THR E 99 28.67 5.65 61.92
CA THR E 99 28.03 6.45 60.89
C THR E 99 27.42 7.70 61.48
N LEU E 100 27.86 8.86 61.01
CA LEU E 100 27.28 10.15 61.38
C LEU E 100 26.21 10.52 60.35
N LEU E 101 24.97 10.62 60.78
CA LEU E 101 23.88 11.01 59.90
C LEU E 101 23.52 12.48 60.11
N THR E 102 22.74 13.01 59.18
CA THR E 102 22.36 14.41 59.15
C THR E 102 20.84 14.55 59.15
N GLU E 103 20.36 15.70 59.61
CA GLU E 103 18.94 15.99 59.58
C GLU E 103 18.74 17.48 59.83
N ALA E 104 17.59 17.98 59.41
CA ALA E 104 17.25 19.37 59.61
C ALA E 104 16.77 19.60 61.04
N PRO E 105 16.94 20.81 61.56
CA PRO E 105 16.42 21.13 62.90
C PRO E 105 14.90 21.22 62.91
N LEU E 106 14.34 21.05 64.10
CA LEU E 106 12.91 21.23 64.34
C LEU E 106 12.08 20.24 63.52
N ASN E 107 12.64 19.05 63.28
CA ASN E 107 12.15 17.95 62.46
C ASN E 107 11.40 16.93 63.32
N PRO E 108 10.26 16.42 62.82
CA PRO E 108 9.47 15.43 63.57
C PRO E 108 10.32 14.37 64.25
N LYS E 109 9.92 13.91 65.43
CA LYS E 109 10.64 12.85 66.13
C LYS E 109 10.55 11.50 65.42
N ALA E 110 9.82 11.41 64.31
CA ALA E 110 9.75 10.15 63.57
C ALA E 110 10.96 9.92 62.69
N ASN E 111 11.71 10.98 62.37
CA ASN E 111 12.89 10.81 61.52
C ASN E 111 14.11 10.32 62.29
N ARG E 112 14.33 10.80 63.53
CA ARG E 112 15.52 10.33 64.25
C ARG E 112 15.35 8.92 64.80
N GLU E 113 14.14 8.51 65.16
CA GLU E 113 13.97 7.19 65.77
C GLU E 113 13.85 6.09 64.72
N LYS E 114 13.10 6.35 63.65
CA LYS E 114 13.03 5.38 62.56
C LYS E 114 14.35 5.30 61.82
N MET E 115 15.09 6.40 61.74
CA MET E 115 16.35 6.43 61.02
C MET E 115 17.41 5.60 61.75
N THR E 116 17.54 5.80 63.05
CA THR E 116 18.46 5.00 63.85
C THR E 116 18.02 3.54 63.92
N GLN E 117 16.71 3.27 63.96
CA GLN E 117 16.27 1.88 64.06
C GLN E 117 16.60 1.12 62.77
N ILE E 118 16.60 1.81 61.62
CA ILE E 118 17.01 1.19 60.36
C ILE E 118 18.52 1.02 60.30
N MET E 119 19.27 2.09 60.62
CA MET E 119 20.73 2.04 60.54
C MET E 119 21.25 0.88 61.35
N PHE E 120 20.52 0.56 62.42
CA PHE E 120 20.98 -0.29 63.50
C PHE E 120 20.58 -1.71 63.27
N GLU E 121 19.38 -1.89 62.78
CA GLU E 121 18.75 -3.21 62.60
C GLU E 121 18.85 -3.79 61.18
N THR E 122 18.61 -2.99 60.15
CA THR E 122 18.70 -3.48 58.77
C THR E 122 20.16 -3.49 58.31
N PHE E 123 20.79 -2.33 58.30
CA PHE E 123 22.25 -2.30 58.36
C PHE E 123 22.66 -2.57 59.81
N ASN E 124 23.91 -2.98 59.98
CA ASN E 124 24.46 -3.18 61.32
C ASN E 124 25.61 -2.21 61.52
N VAL E 125 25.41 -1.23 62.39
CA VAL E 125 26.38 -0.17 62.63
C VAL E 125 26.86 -0.31 64.07
N PRO E 126 28.16 -0.31 64.34
CA PRO E 126 28.62 -0.30 65.74
C PRO E 126 28.05 0.86 66.54
N ALA E 127 28.12 2.09 66.01
CA ALA E 127 27.57 3.25 66.68
C ALA E 127 27.26 4.31 65.64
N MET E 128 26.38 5.24 66.00
CA MET E 128 25.93 6.26 65.08
C MET E 128 25.56 7.53 65.84
N TYR E 129 25.38 8.61 65.09
CA TYR E 129 24.99 9.90 65.63
C TYR E 129 24.22 10.66 64.58
N VAL E 130 23.24 11.44 65.02
CA VAL E 130 22.45 12.31 64.14
C VAL E 130 22.66 13.74 64.59
N ALA E 131 23.11 14.59 63.66
CA ALA E 131 23.53 15.94 64.00
C ALA E 131 22.70 16.95 63.22
N ILE E 132 22.51 18.12 63.85
CA ILE E 132 21.75 19.21 63.24
C ILE E 132 22.60 19.90 62.18
N GLN E 133 22.02 20.11 60.99
CA GLN E 133 22.81 20.50 59.83
C GLN E 133 23.63 21.77 60.09
N ALA E 134 22.98 22.81 60.61
CA ALA E 134 23.61 24.12 60.64
C ALA E 134 24.86 24.13 61.52
N VAL E 135 24.90 23.30 62.55
CA VAL E 135 26.08 23.24 63.40
C VAL E 135 27.27 22.66 62.64
N LEU E 136 27.01 21.69 61.76
CA LEU E 136 28.08 21.14 60.94
C LEU E 136 28.63 22.17 59.96
N SER E 137 27.75 22.97 59.35
CA SER E 137 28.22 24.03 58.45
C SER E 137 29.07 25.05 59.20
N LEU E 138 28.75 25.30 60.48
CA LEU E 138 29.55 26.23 61.27
C LEU E 138 30.94 25.67 61.54
N TYR E 139 31.04 24.37 61.78
CA TYR E 139 32.35 23.74 61.89
C TYR E 139 33.13 23.89 60.59
N ALA E 140 32.45 23.79 59.45
CA ALA E 140 33.12 23.90 58.16
C ALA E 140 33.64 25.30 57.91
N SER E 141 32.96 26.31 58.45
CA SER E 141 33.49 27.66 58.36
C SER E 141 34.74 27.84 59.20
N GLY E 142 34.95 26.97 60.18
CA GLY E 142 36.05 27.10 61.10
C GLY E 142 35.79 28.21 62.10
N ARG E 143 34.61 28.19 62.70
CA ARG E 143 34.16 29.29 63.56
C ARG E 143 33.21 28.73 64.60
N THR E 144 33.08 29.45 65.72
CA THR E 144 32.21 29.02 66.80
C THR E 144 30.97 29.89 66.97
N THR E 145 30.95 31.09 66.38
CA THR E 145 29.83 31.99 66.52
C THR E 145 29.33 32.43 65.14
N GLY E 146 28.03 32.72 65.07
CA GLY E 146 27.41 33.13 63.84
C GLY E 146 25.99 32.62 63.71
N ILE E 147 25.25 33.07 62.70
CA ILE E 147 23.90 32.61 62.44
C ILE E 147 23.88 31.98 61.05
N VAL E 148 23.59 30.68 61.00
CA VAL E 148 23.68 29.91 59.76
C VAL E 148 22.34 29.97 59.04
N LEU E 149 22.37 30.33 57.76
CA LEU E 149 21.26 30.14 56.85
C LEU E 149 21.62 28.98 55.93
N ASP E 150 20.98 27.84 56.13
CA ASP E 150 21.19 26.65 55.32
C ASP E 150 19.93 26.42 54.50
N SER E 151 20.02 26.66 53.20
CA SER E 151 18.91 26.45 52.27
C SER E 151 19.31 25.31 51.33
N GLY E 152 18.70 24.15 51.52
CA GLY E 152 18.91 23.02 50.64
C GLY E 152 17.74 22.83 49.70
N ASP E 153 17.48 21.58 49.31
CA ASP E 153 16.37 21.32 48.41
C ASP E 153 15.03 21.24 49.14
N GLY E 154 15.04 20.75 50.38
CA GLY E 154 13.79 20.60 51.11
C GLY E 154 13.45 21.76 52.00
N VAL E 155 14.44 22.31 52.70
CA VAL E 155 14.18 23.19 53.83
C VAL E 155 15.26 24.26 53.92
N THR E 156 14.86 25.43 54.41
CA THR E 156 15.77 26.51 54.75
C THR E 156 15.71 26.75 56.25
N HIS E 157 16.88 26.85 56.88
CA HIS E 157 16.96 27.05 58.31
C HIS E 157 17.73 28.32 58.65
N ASN E 158 17.43 28.85 59.84
CA ASN E 158 18.27 29.84 60.50
C ASN E 158 18.55 29.31 61.90
N VAL E 159 19.82 29.08 62.20
CA VAL E 159 20.24 28.57 63.49
C VAL E 159 21.27 29.53 64.08
N PRO E 160 20.85 30.42 64.97
CA PRO E 160 21.82 31.29 65.65
C PRO E 160 22.63 30.49 66.66
N ILE E 161 23.94 30.77 66.68
CA ILE E 161 24.90 30.01 67.49
C ILE E 161 25.88 31.00 68.09
N TYR E 162 25.94 31.06 69.42
CA TYR E 162 26.85 31.97 70.09
C TYR E 162 27.86 31.20 70.93
N GLU E 163 29.14 31.40 70.61
CA GLU E 163 30.26 30.89 71.39
C GLU E 163 30.04 29.43 71.78
N GLY E 164 29.97 28.55 70.80
CA GLY E 164 29.57 27.24 71.19
C GLY E 164 28.07 27.16 71.13
N TYR E 165 27.42 27.53 72.24
CA TYR E 165 26.12 27.07 72.72
C TYR E 165 25.07 27.14 71.62
N ALA E 166 23.80 26.98 71.93
CA ALA E 166 22.82 27.28 70.90
C ALA E 166 21.69 28.10 71.51
N LEU E 167 20.75 28.47 70.66
CA LEU E 167 19.56 29.23 71.05
C LEU E 167 18.38 28.54 70.39
N PRO E 168 17.88 27.46 70.99
CA PRO E 168 16.78 26.71 70.38
C PRO E 168 15.53 27.55 70.13
N HIS E 169 15.23 28.51 71.01
CA HIS E 169 14.04 29.33 70.84
C HIS E 169 14.12 30.25 69.63
N ALA E 170 15.32 30.47 69.08
CA ALA E 170 15.50 31.34 67.93
C ALA E 170 15.71 30.59 66.63
N ILE E 171 15.69 29.26 66.65
CA ILE E 171 15.82 28.49 65.43
C ILE E 171 14.53 28.59 64.63
N MET E 172 14.65 28.94 63.35
CA MET E 172 13.51 29.26 62.51
C MET E 172 13.61 28.48 61.22
N ARG E 173 12.66 27.57 60.99
CA ARG E 173 12.65 26.78 59.76
C ARG E 173 11.56 27.29 58.83
N LEU E 174 11.80 27.10 57.53
CA LEU E 174 10.94 27.65 56.49
C LEU E 174 11.02 26.74 55.28
N ASP E 175 9.87 26.27 54.80
CA ASP E 175 9.84 25.36 53.65
C ASP E 175 9.82 26.19 52.37
N LEU E 176 10.99 26.73 52.05
CA LEU E 176 11.28 27.34 50.75
C LEU E 176 12.66 26.83 50.33
N ALA E 177 12.74 26.19 49.17
CA ALA E 177 13.99 25.55 48.79
C ALA E 177 13.95 25.23 47.30
N GLY E 178 15.05 24.63 46.82
CA GLY E 178 15.20 24.36 45.41
C GLY E 178 14.02 23.62 44.80
N ARG E 179 13.37 22.76 45.58
CA ARG E 179 12.21 22.05 45.05
C ARG E 179 11.02 23.00 44.86
N ASP E 180 10.80 23.88 45.84
CA ASP E 180 9.74 24.88 45.67
C ASP E 180 10.08 25.89 44.59
N LEU E 181 11.36 26.21 44.41
CA LEU E 181 11.74 27.18 43.38
C LEU E 181 11.66 26.57 41.99
N THR E 182 11.96 25.27 41.87
CA THR E 182 11.88 24.62 40.56
C THR E 182 10.43 24.41 40.12
N ASP E 183 9.51 24.22 41.08
CA ASP E 183 8.10 24.17 40.73
C ASP E 183 7.59 25.54 40.33
N TYR E 184 7.98 26.59 41.08
CA TYR E 184 7.56 27.93 40.68
C TYR E 184 8.16 28.30 39.33
N LEU E 185 9.42 27.94 39.09
CA LEU E 185 9.99 28.12 37.76
C LEU E 185 9.23 27.30 36.72
N MET E 186 8.54 26.24 37.14
CA MET E 186 7.72 25.47 36.22
C MET E 186 6.58 26.31 35.66
N LYS E 187 5.70 26.81 36.53
CA LYS E 187 4.52 27.53 36.10
C LYS E 187 4.83 28.95 35.62
N ILE E 188 5.97 29.52 36.03
CA ILE E 188 6.39 30.79 35.45
C ILE E 188 6.98 30.57 34.07
N LEU E 189 7.69 29.45 33.87
CA LEU E 189 8.25 29.14 32.57
C LEU E 189 7.16 28.89 31.53
N THR E 190 6.00 28.36 31.97
CA THR E 190 4.94 27.99 31.05
C THR E 190 4.20 29.19 30.46
N GLU E 191 4.45 30.40 30.94
CA GLU E 191 3.88 31.58 30.29
C GLU E 191 4.59 31.90 28.98
N ARG E 192 5.78 31.35 28.77
CA ARG E 192 6.44 31.43 27.48
C ARG E 192 5.97 30.36 26.52
N GLY E 193 5.17 29.39 26.99
CA GLY E 193 4.68 28.30 26.19
C GLY E 193 5.38 26.98 26.41
N TYR E 194 6.52 26.98 27.09
CA TYR E 194 7.27 25.75 27.34
C TYR E 194 6.58 24.97 28.46
N SER E 195 5.97 23.84 28.11
CA SER E 195 5.21 23.05 29.08
C SER E 195 6.07 21.89 29.57
N PHE E 196 6.37 21.89 30.86
CA PHE E 196 7.06 20.78 31.51
C PHE E 196 6.14 20.26 32.60
N VAL E 197 5.52 19.10 32.35
CA VAL E 197 4.48 18.57 33.23
C VAL E 197 5.04 17.43 34.09
N THR E 198 5.96 16.66 33.52
CA THR E 198 6.38 15.39 34.09
C THR E 198 7.53 15.58 35.08
N THR E 199 7.74 14.55 35.90
CA THR E 199 8.82 14.57 36.89
C THR E 199 10.19 14.57 36.22
N ALA E 200 10.34 13.84 35.11
CA ALA E 200 11.61 13.85 34.40
C ALA E 200 11.94 15.26 33.91
N GLU E 201 10.95 16.00 33.42
CA GLU E 201 11.17 17.36 32.96
C GLU E 201 11.45 18.30 34.13
N ARG E 202 10.89 18.01 35.31
CA ARG E 202 11.17 18.83 36.49
C ARG E 202 12.67 18.90 36.76
N GLU E 203 13.38 17.79 36.57
CA GLU E 203 14.81 17.80 36.80
C GLU E 203 15.57 18.51 35.67
N ILE E 204 14.97 18.59 34.48
CA ILE E 204 15.52 19.45 33.45
C ILE E 204 15.46 20.90 33.88
N VAL E 205 14.29 21.36 34.34
CA VAL E 205 14.17 22.74 34.80
C VAL E 205 15.06 22.98 36.02
N ARG E 206 15.20 21.98 36.88
CA ARG E 206 16.19 22.08 37.96
C ARG E 206 17.56 22.39 37.39
N ASP E 207 17.90 21.79 36.24
CA ASP E 207 19.16 22.09 35.57
C ASP E 207 19.19 23.53 35.05
N ILE E 208 18.09 23.98 34.44
CA ILE E 208 18.02 25.36 33.97
C ILE E 208 18.20 26.32 35.13
N LYS E 209 17.55 26.04 36.25
CA LYS E 209 17.66 26.90 37.43
C LYS E 209 19.10 26.97 37.93
N GLU E 210 19.80 25.82 37.96
CA GLU E 210 21.15 25.80 38.49
C GLU E 210 22.10 26.66 37.66
N LYS E 211 21.96 26.63 36.33
CA LYS E 211 22.89 27.37 35.48
C LYS E 211 22.48 28.83 35.33
N LEU E 212 21.28 29.09 34.79
CA LEU E 212 20.97 30.42 34.30
C LEU E 212 20.53 31.36 35.42
N CYS E 213 19.71 30.88 36.36
CA CYS E 213 19.03 31.76 37.29
C CYS E 213 20.01 32.49 38.20
N TYR E 214 19.61 33.70 38.62
CA TYR E 214 20.45 34.57 39.44
C TYR E 214 19.53 35.49 40.24
N VAL E 215 20.04 35.96 41.37
CA VAL E 215 19.27 36.79 42.29
C VAL E 215 19.65 38.25 42.03
N ALA E 216 18.68 39.03 41.58
CA ALA E 216 18.88 40.44 41.30
C ALA E 216 19.26 41.21 42.56
N LEU E 217 20.21 42.13 42.42
CA LEU E 217 20.40 43.13 43.47
C LEU E 217 19.11 43.91 43.69
N ASP E 218 18.50 44.39 42.61
CA ASP E 218 17.15 44.94 42.61
C ASP E 218 16.37 44.32 41.47
N PHE E 219 15.28 43.61 41.79
CA PHE E 219 14.51 42.93 40.76
C PHE E 219 13.84 43.90 39.81
N GLU E 220 13.39 45.04 40.33
CA GLU E 220 12.80 46.07 39.47
C GLU E 220 13.80 46.56 38.44
N ASN E 221 15.05 46.77 38.86
CA ASN E 221 16.10 47.12 37.90
C ASN E 221 16.26 46.04 36.85
N GLU E 222 16.24 44.77 37.29
CA GLU E 222 16.34 43.67 36.33
C GLU E 222 15.17 43.68 35.36
N MET E 223 13.97 43.94 35.87
CA MET E 223 12.80 44.04 35.01
C MET E 223 12.98 45.13 33.96
N ALA E 224 13.50 46.29 34.38
CA ALA E 224 13.70 47.39 33.44
C ALA E 224 14.69 47.00 32.34
N THR E 225 15.84 46.44 32.73
CA THR E 225 16.77 45.99 31.71
C THR E 225 16.14 44.90 30.83
N ALA E 226 15.18 44.14 31.39
CA ALA E 226 14.59 43.01 30.65
C ALA E 226 13.62 43.49 29.58
N ALA E 227 12.86 44.55 29.86
CA ALA E 227 11.86 45.04 28.90
C ALA E 227 12.49 45.22 27.52
N SER E 228 13.67 45.84 27.46
CA SER E 228 14.52 45.84 26.27
C SER E 228 15.53 44.71 26.46
N SER E 229 15.23 43.55 25.88
CA SER E 229 15.88 42.28 26.23
C SER E 229 17.29 42.21 25.65
N SER E 230 18.28 42.68 26.41
CA SER E 230 19.65 42.69 25.91
C SER E 230 20.49 41.53 26.44
N SER E 231 20.73 41.47 27.75
CA SER E 231 21.49 40.40 28.36
C SER E 231 20.63 39.48 29.21
N LEU E 232 19.39 39.87 29.48
CA LEU E 232 18.55 39.11 30.40
C LEU E 232 17.94 37.87 29.77
N GLU E 233 17.80 37.83 28.44
CA GLU E 233 17.35 36.62 27.76
C GLU E 233 18.57 35.82 27.35
N LYS E 234 18.63 34.58 27.81
CA LYS E 234 19.70 33.66 27.45
C LYS E 234 19.11 32.41 26.83
N SER E 235 19.89 31.78 25.97
CA SER E 235 19.47 30.58 25.26
C SER E 235 20.01 29.36 25.98
N TYR E 236 19.10 28.50 26.43
CA TYR E 236 19.44 27.21 27.00
C TYR E 236 18.96 26.10 26.07
N GLU E 237 19.74 25.03 26.01
CA GLU E 237 19.46 23.91 25.11
C GLU E 237 19.11 22.67 25.93
N LEU E 238 17.94 22.10 25.66
CA LEU E 238 17.49 20.88 26.32
C LEU E 238 18.31 19.69 25.84
N PRO E 239 18.10 18.50 26.42
CA PRO E 239 18.70 17.29 25.83
C PRO E 239 18.03 16.86 24.54
N ASP E 240 16.81 17.31 24.27
CA ASP E 240 16.12 16.95 23.04
C ASP E 240 16.71 17.69 21.85
N GLY E 241 17.07 18.95 22.01
CA GLY E 241 17.63 19.73 20.92
C GLY E 241 16.94 21.07 20.73
N GLN E 242 15.78 21.24 21.36
CA GLN E 242 15.04 22.48 21.25
C GLN E 242 15.74 23.60 22.01
N VAL E 243 15.36 24.84 21.70
CA VAL E 243 16.00 26.02 22.26
C VAL E 243 14.98 26.78 23.10
N ILE E 244 15.25 26.89 24.41
CA ILE E 244 14.46 27.70 25.32
C ILE E 244 15.14 29.05 25.47
N THR E 245 14.33 30.11 25.51
CA THR E 245 14.82 31.48 25.71
C THR E 245 14.09 32.06 26.91
N ILE E 246 14.81 32.32 27.99
CA ILE E 246 14.21 32.80 29.24
C ILE E 246 14.84 34.14 29.61
N GLY E 247 14.01 35.15 29.79
CA GLY E 247 14.45 36.49 30.12
C GLY E 247 14.30 36.82 31.59
N ASN E 248 13.22 37.53 31.94
CA ASN E 248 12.99 37.88 33.33
C ASN E 248 12.74 36.65 34.21
N GLU E 249 12.28 35.55 33.62
CA GLU E 249 12.12 34.31 34.38
C GLU E 249 13.42 33.85 35.01
N ARG E 250 14.56 34.26 34.45
CA ARG E 250 15.84 33.85 35.00
C ARG E 250 16.01 34.33 36.44
N PHE E 251 15.61 35.57 36.69
CA PHE E 251 15.85 36.15 37.99
C PHE E 251 14.63 36.09 38.91
N ARG E 252 13.41 36.20 38.36
CA ARG E 252 12.22 36.18 39.20
C ARG E 252 11.91 34.81 39.82
N CYS E 253 12.59 33.74 39.40
CA CYS E 253 12.46 32.47 40.10
C CYS E 253 13.08 32.56 41.49
N PRO E 254 14.37 32.89 41.63
CA PRO E 254 14.96 33.00 42.97
C PRO E 254 14.43 34.17 43.79
N GLU E 255 13.79 35.17 43.17
CA GLU E 255 13.18 36.23 43.97
C GLU E 255 12.15 35.67 44.95
N THR E 256 11.76 34.41 44.77
CA THR E 256 10.77 33.82 45.66
C THR E 256 11.31 33.65 47.07
N LEU E 257 12.63 33.48 47.22
CA LEU E 257 13.22 33.38 48.55
C LEU E 257 13.02 34.66 49.35
N PHE E 258 13.00 35.81 48.68
CA PHE E 258 12.83 37.09 49.34
C PHE E 258 11.40 37.60 49.26
N GLN E 259 10.58 37.04 48.37
CA GLN E 259 9.15 37.38 48.27
C GLN E 259 8.36 36.09 48.17
N PRO E 260 8.22 35.36 49.28
CA PRO E 260 7.43 34.12 49.26
C PRO E 260 5.99 34.32 48.83
N SER E 261 5.54 35.58 48.68
CA SER E 261 4.19 35.83 48.21
C SER E 261 3.98 35.41 46.75
N PHE E 262 5.05 35.05 46.03
CA PHE E 262 4.89 34.55 44.67
C PHE E 262 4.39 33.11 44.66
N ILE E 263 4.72 32.33 45.69
CA ILE E 263 4.16 30.99 45.83
C ILE E 263 2.88 30.97 46.64
N GLY E 264 2.47 32.11 47.20
CA GLY E 264 1.27 32.15 48.01
C GLY E 264 1.50 31.72 49.45
N MET E 265 2.65 32.05 50.02
CA MET E 265 2.94 31.77 51.42
C MET E 265 3.13 33.09 52.17
N GLU E 266 2.59 33.14 53.39
CA GLU E 266 2.70 34.36 54.19
C GLU E 266 4.07 34.55 54.82
N SER E 267 4.86 33.49 54.91
CA SER E 267 6.16 33.59 55.58
C SER E 267 6.99 34.72 54.99
N ALA E 268 7.68 35.44 55.87
CA ALA E 268 8.57 36.50 55.41
C ALA E 268 9.73 35.90 54.62
N GLY E 269 10.32 36.73 53.76
CA GLY E 269 11.48 36.33 53.00
C GLY E 269 12.64 35.93 53.91
N ILE E 270 13.63 35.28 53.31
CA ILE E 270 14.74 34.76 54.10
C ILE E 270 15.58 35.85 54.74
N HIS E 271 15.40 37.11 54.35
CA HIS E 271 16.10 38.19 55.02
C HIS E 271 15.35 38.71 56.24
N GLU E 272 14.02 38.59 56.26
CA GLU E 272 13.26 38.93 57.45
C GLU E 272 13.24 37.80 58.47
N THR E 273 13.54 36.56 58.05
CA THR E 273 13.62 35.46 58.99
C THR E 273 14.99 35.38 59.65
N THR E 274 16.05 35.69 58.91
CA THR E 274 17.36 35.83 59.54
C THR E 274 17.40 37.08 60.41
N TYR E 275 16.72 38.15 59.98
CA TYR E 275 16.60 39.33 60.84
C TYR E 275 15.75 39.03 62.05
N ASN E 276 14.63 38.34 61.86
CA ASN E 276 13.76 38.01 62.98
C ASN E 276 14.42 37.03 63.94
N SER E 277 15.27 36.13 63.41
CA SER E 277 16.00 35.21 64.29
C SER E 277 16.97 35.97 65.18
N ILE E 278 17.69 36.94 64.62
CA ILE E 278 18.59 37.75 65.43
C ILE E 278 17.81 38.58 66.44
N MET E 279 16.57 38.94 66.12
CA MET E 279 15.76 39.67 67.09
C MET E 279 15.49 38.83 68.33
N LYS E 280 15.03 37.60 68.14
CA LYS E 280 14.72 36.73 69.28
C LYS E 280 15.94 36.46 70.17
N CYS E 281 17.14 36.77 69.70
CA CYS E 281 18.33 36.54 70.50
C CYS E 281 18.53 37.67 71.51
N ASP E 282 19.28 37.35 72.56
CA ASP E 282 19.52 38.31 73.63
C ASP E 282 20.31 39.50 73.09
N ILE E 283 20.00 40.69 73.64
CA ILE E 283 20.53 41.94 73.10
C ILE E 283 22.05 41.96 73.04
N ASP E 284 22.72 41.15 73.85
CA ASP E 284 24.17 41.24 73.95
C ASP E 284 24.86 40.67 72.71
N ILE E 285 24.39 39.52 72.21
CA ILE E 285 25.14 38.77 71.21
C ILE E 285 24.72 39.09 69.78
N ARG E 286 23.78 40.00 69.57
CA ARG E 286 23.27 40.25 68.24
C ARG E 286 24.32 40.87 67.33
N LYS E 287 25.24 41.65 67.87
CA LYS E 287 26.25 42.28 67.02
C LYS E 287 27.17 41.24 66.39
N ASP E 288 27.44 40.14 67.10
CA ASP E 288 28.26 39.08 66.53
C ASP E 288 27.50 38.27 65.49
N LEU E 289 26.20 38.08 65.69
CA LEU E 289 25.40 37.35 64.70
C LEU E 289 25.24 38.16 63.42
N TYR E 290 25.01 39.47 63.55
CA TYR E 290 24.96 40.34 62.38
C TYR E 290 26.25 40.25 61.58
N ALA E 291 27.40 40.20 62.26
CA ALA E 291 28.68 40.24 61.57
C ALA E 291 29.07 38.89 60.97
N ASN E 292 28.58 37.79 61.54
CA ASN E 292 29.13 36.47 61.25
C ASN E 292 28.14 35.55 60.52
N ASN E 293 27.06 36.08 59.96
CA ASN E 293 26.02 35.18 59.44
C ASN E 293 26.55 34.38 58.25
N VAL E 294 26.37 33.07 58.32
CA VAL E 294 26.99 32.11 57.40
C VAL E 294 25.94 31.57 56.45
N LEU E 295 26.40 31.05 55.31
CA LEU E 295 25.52 30.49 54.30
C LEU E 295 25.99 29.10 53.88
N SER E 296 25.03 28.23 53.59
CA SER E 296 25.29 26.86 53.21
C SER E 296 24.16 26.36 52.32
N GLY E 297 24.43 25.30 51.58
CA GLY E 297 23.40 24.60 50.84
C GLY E 297 23.36 24.97 49.36
N GLY E 298 22.79 24.07 48.58
CA GLY E 298 22.71 24.28 47.14
C GLY E 298 21.90 25.49 46.75
N THR E 299 20.85 25.82 47.51
CA THR E 299 20.01 26.96 47.20
C THR E 299 20.64 28.28 47.64
N THR E 300 21.85 28.26 48.17
CA THR E 300 22.63 29.47 48.39
C THR E 300 23.58 29.76 47.22
N MET E 301 23.52 28.96 46.15
CA MET E 301 24.49 29.04 45.07
C MET E 301 24.08 29.98 43.96
N TYR E 302 22.87 30.54 43.98
CA TYR E 302 22.48 31.49 42.96
C TYR E 302 23.42 32.69 42.99
N PRO E 303 24.04 33.06 41.88
CA PRO E 303 24.87 34.28 41.86
C PRO E 303 24.04 35.50 42.23
N GLY E 304 24.60 36.33 43.11
CA GLY E 304 23.95 37.55 43.55
C GLY E 304 23.23 37.46 44.89
N ILE E 305 23.22 36.29 45.52
CA ILE E 305 22.44 36.12 46.75
C ILE E 305 23.07 36.92 47.90
N ALA E 306 24.38 36.76 48.11
CA ALA E 306 25.02 37.41 49.25
C ALA E 306 24.85 38.92 49.19
N ASP E 307 24.97 39.51 47.99
CA ASP E 307 24.85 40.96 47.89
C ASP E 307 23.44 41.43 48.20
N ARG E 308 22.42 40.71 47.71
CA ARG E 308 21.05 41.08 48.01
C ARG E 308 20.77 40.92 49.51
N MET E 309 21.33 39.88 50.12
CA MET E 309 21.19 39.73 51.57
C MET E 309 21.77 40.91 52.31
N GLN E 310 22.95 41.38 51.87
CA GLN E 310 23.58 42.51 52.56
C GLN E 310 22.80 43.80 52.38
N LYS E 311 22.17 44.00 51.22
CA LYS E 311 21.35 45.20 51.05
C LYS E 311 20.11 45.13 51.94
N GLU E 312 19.48 43.96 52.02
CA GLU E 312 18.19 43.87 52.69
C GLU E 312 18.34 43.74 54.20
N ILE E 313 19.32 42.97 54.68
CA ILE E 313 19.53 42.90 56.12
C ILE E 313 20.11 44.22 56.65
N THR E 314 20.91 44.91 55.83
CA THR E 314 21.40 46.22 56.24
C THR E 314 20.30 47.28 56.23
N ALA E 315 19.18 47.01 55.54
CA ALA E 315 18.05 47.93 55.55
C ALA E 315 17.11 47.70 56.72
N LEU E 316 17.07 46.47 57.25
CA LEU E 316 16.26 46.17 58.42
C LEU E 316 17.00 46.40 59.72
N ALA E 317 18.33 46.23 59.72
CA ALA E 317 19.08 46.36 60.96
C ALA E 317 19.61 47.79 61.12
N PRO E 318 19.76 48.24 62.37
CA PRO E 318 20.23 49.61 62.60
C PRO E 318 21.53 49.88 61.87
N SER E 319 21.55 50.95 61.08
CA SER E 319 22.66 51.18 60.16
C SER E 319 23.98 51.47 60.88
N THR E 320 24.00 51.56 62.21
CA THR E 320 25.22 51.89 62.93
C THR E 320 26.17 50.72 63.08
N MET E 321 25.79 49.51 62.68
CA MET E 321 26.61 48.34 62.93
C MET E 321 26.84 47.55 61.64
N LYS E 322 27.98 46.87 61.59
CA LYS E 322 28.48 46.26 60.37
C LYS E 322 27.89 44.88 60.16
N ILE E 323 27.25 44.68 59.01
CA ILE E 323 26.68 43.37 58.66
C ILE E 323 27.56 42.74 57.59
N LYS E 324 28.53 41.93 58.01
CA LYS E 324 29.34 41.15 57.10
C LYS E 324 28.70 39.79 56.89
N ILE E 325 28.57 39.39 55.64
CA ILE E 325 28.02 38.08 55.29
C ILE E 325 29.16 37.26 54.68
N ILE E 326 29.37 36.07 55.22
CA ILE E 326 30.45 35.19 54.78
C ILE E 326 29.84 34.02 54.03
N ALA E 327 30.09 33.95 52.74
CA ALA E 327 29.52 32.93 51.88
C ALA E 327 30.68 32.38 51.07
N PRO E 328 31.36 31.35 51.58
CA PRO E 328 32.54 30.83 50.91
C PRO E 328 32.17 29.93 49.74
N PRO E 329 32.97 29.94 48.68
CA PRO E 329 32.85 28.91 47.63
C PRO E 329 32.99 27.51 48.23
N GLU E 330 32.35 26.54 47.57
CA GLU E 330 32.38 25.15 48.01
C GLU E 330 31.39 24.88 49.14
N ARG E 331 30.30 25.66 49.19
CA ARG E 331 29.29 25.48 50.23
C ARG E 331 28.86 24.02 50.37
N LYS E 332 28.38 23.42 49.28
CA LYS E 332 27.92 22.03 49.34
C LYS E 332 28.98 21.14 49.96
N TYR E 333 30.25 21.33 49.57
CA TYR E 333 31.35 20.63 50.21
C TYR E 333 31.52 21.09 51.65
N SER E 334 31.28 22.38 51.91
CA SER E 334 31.57 22.92 53.22
C SER E 334 30.75 22.24 54.32
N VAL E 335 29.45 22.03 54.08
CA VAL E 335 28.61 21.40 55.08
C VAL E 335 29.17 20.05 55.49
N TRP E 336 29.65 19.27 54.51
CA TRP E 336 30.22 17.97 54.80
C TRP E 336 31.48 18.08 55.67
N ILE E 337 32.28 19.12 55.44
CA ILE E 337 33.56 19.25 56.12
C ILE E 337 33.36 19.43 57.62
N GLY E 338 32.37 20.24 58.00
CA GLY E 338 32.11 20.47 59.42
C GLY E 338 31.76 19.20 60.15
N GLY E 339 30.97 18.33 59.52
CA GLY E 339 30.65 17.05 60.14
C GLY E 339 31.88 16.15 60.25
N SER E 340 32.73 16.17 59.21
CA SER E 340 33.91 15.32 59.22
C SER E 340 34.87 15.72 60.34
N ILE E 341 35.05 17.02 60.56
CA ILE E 341 35.92 17.47 61.64
C ILE E 341 35.44 16.95 62.98
N LEU E 342 34.13 16.98 63.22
CA LEU E 342 33.60 16.50 64.48
C LEU E 342 33.90 15.02 64.69
N ALA E 343 33.74 14.21 63.63
CA ALA E 343 34.18 12.82 63.70
C ALA E 343 35.68 12.75 63.96
N SER E 344 36.44 13.66 63.35
CA SER E 344 37.89 13.70 63.57
C SER E 344 38.22 14.04 65.01
N LEU E 345 37.40 14.87 65.66
CA LEU E 345 37.74 15.40 66.97
C LEU E 345 37.87 14.29 68.01
N SER E 346 38.89 14.43 68.88
CA SER E 346 39.17 13.50 69.97
C SER E 346 38.29 13.73 71.19
N THR E 347 37.19 14.46 71.02
CA THR E 347 36.24 14.71 72.10
C THR E 347 34.81 14.32 71.75
N PHE E 348 34.51 14.12 70.46
CA PHE E 348 33.19 13.70 70.02
C PHE E 348 33.02 12.17 70.04
N GLN E 349 34.11 11.42 70.11
CA GLN E 349 34.02 9.97 70.10
C GLN E 349 33.30 9.41 71.31
N GLN E 350 33.09 10.22 72.35
CA GLN E 350 32.28 9.77 73.48
C GLN E 350 30.79 9.87 73.20
N MET E 351 30.39 10.73 72.27
CA MET E 351 28.98 11.01 72.03
C MET E 351 28.32 10.06 71.03
N TRP E 352 29.08 9.16 70.40
CA TRP E 352 28.47 8.16 69.55
C TRP E 352 27.40 7.40 70.33
N ILE E 353 26.33 7.02 69.63
CA ILE E 353 25.28 6.19 70.22
C ILE E 353 25.52 4.76 69.74
N SER E 354 26.04 3.91 70.62
CA SER E 354 26.32 2.53 70.25
C SER E 354 25.04 1.82 69.80
N LYS E 355 25.17 0.98 68.74
CA LYS E 355 24.04 0.17 68.27
C LYS E 355 23.47 -0.70 69.36
N GLN E 356 24.33 -1.45 70.05
CA GLN E 356 23.88 -2.19 71.21
C GLN E 356 23.27 -1.24 72.24
N GLU E 357 23.92 -0.10 72.48
CA GLU E 357 23.39 0.88 73.43
C GLU E 357 22.06 1.45 72.97
N TYR E 358 21.89 1.63 71.66
CA TYR E 358 20.73 2.32 71.13
C TYR E 358 19.43 1.57 71.41
N ASP E 359 19.44 0.25 71.25
CA ASP E 359 18.24 -0.52 71.49
C ASP E 359 17.77 -0.33 72.93
N GLU E 360 18.71 -0.41 73.88
CA GLU E 360 18.36 -0.11 75.27
C GLU E 360 18.02 1.36 75.43
N ALA E 361 18.73 2.23 74.71
CA ALA E 361 18.55 3.67 74.90
C ALA E 361 17.18 4.14 74.41
N GLY E 362 16.72 3.62 73.28
CA GLY E 362 15.42 3.98 72.76
C GLY E 362 15.46 5.23 71.90
N PRO E 363 14.31 5.63 71.35
CA PRO E 363 14.31 6.85 70.52
C PRO E 363 14.66 8.09 71.31
N SER E 364 14.19 8.19 72.56
CA SER E 364 14.28 9.45 73.30
C SER E 364 15.72 9.85 73.57
N ILE E 365 16.60 8.89 73.87
CA ILE E 365 17.98 9.22 74.19
C ILE E 365 18.65 9.93 73.02
N VAL E 366 18.37 9.47 71.80
CA VAL E 366 19.03 10.02 70.62
C VAL E 366 18.67 11.50 70.47
N HIS E 367 17.42 11.83 70.74
CA HIS E 367 16.93 13.20 70.64
C HIS E 367 17.37 14.03 71.85
N UNK F 1 -5.13 -80.06 -91.54
CA UNK F 1 -4.08 -79.20 -91.00
C UNK F 1 -4.66 -77.84 -90.58
N UNK F 2 -5.84 -77.52 -91.08
CA UNK F 2 -6.49 -76.25 -90.75
C UNK F 2 -6.80 -76.16 -89.27
N UNK F 3 -7.26 -77.28 -88.69
CA UNK F 3 -7.56 -77.33 -87.26
C UNK F 3 -6.30 -77.10 -86.44
N UNK F 4 -5.20 -77.70 -86.89
CA UNK F 4 -3.92 -77.55 -86.22
C UNK F 4 -3.48 -76.08 -86.28
N UNK F 5 -3.69 -75.45 -87.42
CA UNK F 5 -3.35 -74.05 -87.60
C UNK F 5 -4.16 -73.19 -86.65
N UNK F 6 -5.45 -73.52 -86.51
CA UNK F 6 -6.34 -72.80 -85.61
C UNK F 6 -5.84 -72.94 -84.16
N UNK F 7 -5.42 -74.15 -83.81
CA UNK F 7 -4.89 -74.41 -82.47
C UNK F 7 -3.64 -73.57 -82.23
N UNK F 8 -2.79 -73.48 -83.24
CA UNK F 8 -1.57 -72.69 -83.15
C UNK F 8 -1.92 -71.22 -82.94
N UNK F 9 -2.93 -70.75 -83.65
CA UNK F 9 -3.39 -69.37 -83.53
C UNK F 9 -3.91 -69.11 -82.12
N UNK F 10 -4.63 -70.08 -81.56
CA UNK F 10 -5.15 -69.97 -80.21
C UNK F 10 -4.01 -69.89 -79.21
N UNK F 11 -2.97 -70.70 -79.44
CA UNK F 11 -1.79 -70.68 -78.58
C UNK F 11 -1.11 -69.32 -78.64
N UNK F 12 -1.04 -68.75 -79.84
CA UNK F 12 -0.44 -67.45 -80.03
C UNK F 12 -1.22 -66.37 -79.27
N UNK F 13 -2.55 -66.44 -79.32
CA UNK F 13 -3.39 -65.47 -78.64
C UNK F 13 -3.19 -65.54 -77.13
N UNK F 14 -3.17 -66.75 -76.59
CA UNK F 14 -3.01 -66.96 -75.16
C UNK F 14 -1.63 -66.48 -74.69
N UNK F 15 -0.60 -66.80 -75.46
CA UNK F 15 0.76 -66.40 -75.13
C UNK F 15 0.86 -64.88 -75.12
N UNK F 16 0.25 -64.25 -76.11
CA UNK F 16 0.26 -62.80 -76.21
C UNK F 16 -0.43 -62.17 -75.01
N UNK F 17 -1.57 -62.72 -74.62
CA UNK F 17 -2.35 -62.18 -73.50
C UNK F 17 -1.55 -62.27 -72.20
N UNK F 18 -0.94 -63.43 -71.95
CA UNK F 18 -0.16 -63.63 -70.73
C UNK F 18 1.05 -62.69 -70.70
N UNK F 19 1.72 -62.58 -71.84
CA UNK F 19 2.89 -61.70 -71.94
C UNK F 19 2.48 -60.26 -71.69
N UNK F 20 1.34 -59.86 -72.24
CA UNK F 20 0.84 -58.51 -72.07
C UNK F 20 0.55 -58.25 -70.60
N UNK F 21 -0.05 -59.24 -69.93
CA UNK F 21 -0.37 -59.12 -68.52
C UNK F 21 0.92 -58.95 -67.70
N UNK F 22 1.94 -59.72 -68.05
CA UNK F 22 3.22 -59.65 -67.37
C UNK F 22 3.83 -58.27 -67.54
N UNK F 23 3.74 -57.74 -68.76
CA UNK F 23 4.27 -56.43 -69.06
C UNK F 23 3.55 -55.36 -68.25
N UNK F 24 2.24 -55.50 -68.13
CA UNK F 24 1.43 -54.57 -67.35
C UNK F 24 1.83 -54.59 -65.88
N UNK F 25 2.00 -55.79 -65.33
CA UNK F 25 2.38 -55.94 -63.92
C UNK F 25 3.76 -55.35 -63.67
N UNK F 26 4.70 -55.64 -64.57
CA UNK F 26 6.06 -55.13 -64.44
C UNK F 26 6.07 -53.61 -64.55
N UNK F 27 5.30 -53.09 -65.50
CA UNK F 27 5.21 -51.65 -65.71
C UNK F 27 4.63 -50.97 -64.47
N UNK F 28 3.60 -51.58 -63.89
CA UNK F 28 2.97 -51.04 -62.70
C UNK F 28 3.97 -51.02 -61.55
N UNK F 29 4.75 -52.09 -61.42
CA UNK F 29 5.75 -52.18 -60.38
C UNK F 29 6.79 -51.08 -60.55
N UNK F 30 7.19 -50.85 -61.79
CA UNK F 30 8.17 -49.82 -62.10
C UNK F 30 7.63 -48.45 -61.74
N UNK F 31 6.35 -48.22 -62.05
CA UNK F 31 5.71 -46.95 -61.73
C UNK F 31 5.68 -46.73 -60.23
N UNK F 32 5.37 -47.79 -59.49
CA UNK F 32 5.32 -47.71 -58.03
C UNK F 32 6.71 -47.36 -57.48
N UNK F 33 7.73 -48.00 -58.05
CA UNK F 33 9.10 -47.75 -57.63
C UNK F 33 9.48 -46.29 -57.90
N UNK F 34 9.07 -45.79 -59.06
CA UNK F 34 9.35 -44.41 -59.43
C UNK F 34 8.68 -43.45 -58.45
N UNK F 35 7.45 -43.76 -58.08
CA UNK F 35 6.70 -42.92 -57.14
C UNK F 35 7.40 -42.91 -55.79
N UNK F 36 7.88 -44.07 -55.36
CA UNK F 36 8.59 -44.19 -54.10
C UNK F 36 9.85 -43.35 -54.13
N UNK F 37 10.56 -43.41 -55.26
CA UNK F 37 11.80 -42.65 -55.42
C UNK F 37 11.51 -41.15 -55.35
N UNK F 38 10.41 -40.73 -55.97
CA UNK F 38 10.02 -39.34 -55.96
C UNK F 38 9.71 -38.88 -54.53
N UNK F 39 9.00 -39.72 -53.78
CA UNK F 39 8.66 -39.40 -52.40
C UNK F 39 9.93 -39.32 -51.55
N UNK F 40 10.84 -40.26 -51.76
CA UNK F 40 12.08 -40.31 -51.00
C UNK F 40 12.96 -39.11 -51.31
N UNK F 41 13.02 -38.75 -52.59
CA UNK F 41 13.83 -37.61 -53.02
C UNK F 41 13.30 -36.32 -52.40
N UNK F 42 11.98 -36.16 -52.37
CA UNK F 42 11.36 -34.97 -51.80
C UNK F 42 11.63 -34.87 -50.31
N UNK F 43 11.49 -35.98 -49.61
CA UNK F 43 11.68 -36.02 -48.16
C UNK F 43 13.13 -35.76 -47.79
N UNK F 44 14.05 -36.35 -48.56
CA UNK F 44 15.48 -36.17 -48.32
C UNK F 44 15.88 -34.72 -48.52
N UNK F 45 15.32 -34.08 -49.54
CA UNK F 45 15.63 -32.68 -49.83
C UNK F 45 15.17 -31.79 -48.69
N UNK F 46 14.00 -32.07 -48.15
CA UNK F 46 13.46 -31.31 -47.04
C UNK F 46 14.32 -31.50 -45.80
N UNK F 47 14.73 -32.75 -45.56
CA UNK F 47 15.56 -33.07 -44.41
C UNK F 47 16.89 -32.34 -44.49
N UNK F 48 17.47 -32.30 -45.69
CA UNK F 48 18.74 -31.64 -45.91
C UNK F 48 18.60 -30.15 -45.61
N UNK F 49 17.51 -29.56 -46.07
CA UNK F 49 17.26 -28.13 -45.84
C UNK F 49 17.16 -27.86 -44.34
N UNK F 50 16.44 -28.73 -43.65
CA UNK F 50 16.26 -28.57 -42.21
C UNK F 50 17.60 -28.65 -41.51
N UNK F 51 18.42 -29.61 -41.93
CA UNK F 51 19.73 -29.81 -41.33
C UNK F 51 20.60 -28.58 -41.55
N UNK F 52 20.54 -28.00 -42.73
CA UNK F 52 21.31 -26.80 -43.05
C UNK F 52 20.87 -25.65 -42.15
N UNK F 53 19.55 -25.50 -41.99
CA UNK F 53 19.01 -24.46 -41.12
C UNK F 53 19.34 -24.73 -39.65
N UNK F 54 19.21 -25.99 -39.25
CA UNK F 54 19.40 -26.38 -37.86
C UNK F 54 20.87 -26.23 -37.44
N UNK F 55 21.77 -26.63 -38.33
CA UNK F 55 23.20 -26.52 -38.05
C UNK F 55 23.59 -25.05 -37.89
N UNK F 56 23.03 -24.19 -38.73
CA UNK F 56 23.30 -22.76 -38.65
C UNK F 56 22.82 -22.20 -37.32
N UNK F 57 21.64 -22.66 -36.89
CA UNK F 57 21.08 -22.22 -35.62
C UNK F 57 21.98 -22.65 -34.47
N UNK F 58 22.50 -23.88 -34.56
CA UNK F 58 23.40 -24.40 -33.55
C UNK F 58 24.67 -23.57 -33.49
N UNK F 59 25.18 -23.18 -34.65
CA UNK F 59 26.38 -22.35 -34.72
C UNK F 59 26.13 -20.99 -34.09
N UNK F 60 24.96 -20.43 -34.34
CA UNK F 60 24.58 -19.14 -33.78
C UNK F 60 24.49 -19.20 -32.26
N UNK F 61 23.94 -20.29 -31.76
CA UNK F 61 23.77 -20.46 -30.33
C UNK F 61 25.12 -20.51 -29.63
N UNK F 62 26.08 -21.18 -30.25
CA UNK F 62 27.44 -21.27 -29.71
C UNK F 62 28.11 -19.89 -29.64
N UNK F 63 27.95 -19.09 -30.69
CA UNK F 63 28.55 -17.76 -30.73
C UNK F 63 27.92 -16.84 -29.67
N UNK F 64 26.60 -16.93 -29.55
CA UNK F 64 25.85 -16.08 -28.63
C UNK F 64 26.20 -16.40 -27.17
N UNK F 65 26.36 -17.69 -26.88
CA UNK F 65 26.71 -18.11 -25.53
C UNK F 65 28.08 -17.56 -25.15
N UNK F 66 29.01 -17.59 -26.09
CA UNK F 66 30.35 -17.08 -25.86
C UNK F 66 30.29 -15.58 -25.57
N UNK F 67 29.47 -14.87 -26.33
CA UNK F 67 29.32 -13.43 -26.14
C UNK F 67 28.74 -13.14 -24.76
N UNK F 68 27.77 -13.94 -24.35
CA UNK F 68 27.14 -13.78 -23.04
C UNK F 68 28.19 -14.00 -21.95
N UNK F 69 29.03 -15.00 -22.13
CA UNK F 69 30.08 -15.29 -21.17
C UNK F 69 31.04 -14.12 -21.05
N UNK F 70 31.40 -13.53 -22.19
CA UNK F 70 32.29 -12.38 -22.22
C UNK F 70 31.67 -11.21 -21.48
N UNK F 71 30.37 -11.00 -21.70
CA UNK F 71 29.65 -9.92 -21.03
C UNK F 71 29.65 -10.14 -19.53
N UNK F 72 29.45 -11.38 -19.11
CA UNK F 72 29.45 -11.73 -17.70
C UNK F 72 30.81 -11.44 -17.09
N UNK F 73 31.86 -11.76 -17.83
CA UNK F 73 33.21 -11.53 -17.38
C UNK F 73 33.49 -10.03 -17.18
N UNK F 74 33.02 -9.21 -18.13
CA UNK F 74 33.22 -7.77 -18.04
C UNK F 74 32.48 -7.19 -16.83
N UNK F 75 31.26 -7.67 -16.62
CA UNK F 75 30.43 -7.21 -15.52
C UNK F 75 31.04 -7.61 -14.18
N UNK F 76 31.55 -8.84 -14.12
CA UNK F 76 32.16 -9.34 -12.90
C UNK F 76 33.37 -8.50 -12.53
N UNK F 77 34.15 -8.13 -13.52
CA UNK F 77 35.33 -7.30 -13.30
C UNK F 77 34.95 -5.93 -12.76
N UNK F 78 33.89 -5.35 -13.32
CA UNK F 78 33.42 -4.04 -12.89
C UNK F 78 32.90 -4.08 -11.46
N UNK F 79 32.18 -5.16 -11.12
CA UNK F 79 31.56 -5.33 -9.82
C UNK F 79 32.59 -5.34 -8.70
N UNK F 80 33.66 -6.09 -8.93
CA UNK F 80 34.72 -6.24 -7.94
C UNK F 80 35.35 -4.88 -7.68
N UNK F 81 35.53 -4.11 -8.75
CA UNK F 81 36.13 -2.79 -8.63
C UNK F 81 35.26 -1.86 -7.80
N UNK F 82 33.95 -1.95 -7.99
CA UNK F 82 33.00 -1.10 -7.27
C UNK F 82 33.03 -1.40 -5.77
N UNK F 83 33.15 -2.67 -5.42
CA UNK F 83 33.10 -3.11 -4.03
C UNK F 83 34.26 -2.57 -3.20
N UNK F 84 35.46 -2.53 -3.77
CA UNK F 84 36.64 -2.05 -3.06
C UNK F 84 36.51 -0.58 -2.70
N UNK F 85 36.01 0.21 -3.65
CA UNK F 85 35.85 1.65 -3.44
C UNK F 85 34.80 1.95 -2.38
N UNK F 86 33.73 1.16 -2.39
CA UNK F 86 32.66 1.30 -1.39
C UNK F 86 33.20 1.12 0.01
N UNK F 87 34.00 0.08 0.14
CA UNK F 87 34.59 -0.27 1.41
C UNK F 87 35.50 0.86 1.89
N UNK F 88 36.27 1.42 0.97
CA UNK F 88 37.20 2.50 1.31
C UNK F 88 36.44 3.69 1.84
N UNK F 89 35.33 3.95 1.15
CA UNK F 89 34.48 5.07 1.46
C UNK F 89 33.82 4.88 2.84
N UNK F 90 33.41 3.65 3.12
CA UNK F 90 32.86 3.29 4.43
C UNK F 90 33.90 3.51 5.53
N UNK F 91 35.15 3.14 5.22
CA UNK F 91 36.25 3.30 6.16
C UNK F 91 36.50 4.77 6.47
N UNK F 92 36.44 5.60 5.43
CA UNK F 92 36.70 7.02 5.61
C UNK F 92 35.59 7.67 6.45
N UNK F 93 34.35 7.23 6.24
CA UNK F 93 33.22 7.78 6.99
C UNK F 93 33.34 7.45 8.48
N UNK F 94 33.76 6.23 8.77
CA UNK F 94 33.93 5.80 10.16
C UNK F 94 34.99 6.65 10.84
N UNK F 95 36.08 6.91 10.12
CA UNK F 95 37.16 7.73 10.65
C UNK F 95 36.67 9.13 10.96
N UNK F 96 35.84 9.66 10.07
CA UNK F 96 35.28 10.99 10.24
C UNK F 96 34.35 11.05 11.45
N UNK F 97 33.56 10.01 11.65
CA UNK F 97 32.60 9.98 12.76
C UNK F 97 33.32 10.01 14.11
N UNK F 98 34.40 9.24 14.23
CA UNK F 98 35.17 9.19 15.46
C UNK F 98 35.90 10.50 15.72
N UNK F 99 36.49 11.07 14.68
CA UNK F 99 37.18 12.34 14.79
C UNK F 99 36.18 13.46 15.08
N UNK F 100 35.05 13.44 14.40
CA UNK F 100 34.02 14.44 14.61
C UNK F 100 33.50 14.37 16.03
N UNK F 101 33.31 13.15 16.52
CA UNK F 101 32.83 12.93 17.87
C UNK F 101 33.82 13.49 18.89
N UNK F 102 35.11 13.26 18.64
CA UNK F 102 36.15 13.78 19.51
C UNK F 102 36.15 15.30 19.52
N UNK F 103 36.00 15.89 18.33
CA UNK F 103 35.98 17.34 18.20
C UNK F 103 34.77 17.95 18.89
N UNK F 104 33.62 17.30 18.75
CA UNK F 104 32.38 17.80 19.32
C UNK F 104 32.45 17.80 20.85
N UNK F 105 33.03 16.75 21.41
CA UNK F 105 33.21 16.65 22.86
C UNK F 105 34.11 17.77 23.35
N UNK F 106 35.17 18.03 22.60
CA UNK F 106 36.09 19.12 22.93
C UNK F 106 35.37 20.46 22.88
N UNK F 107 34.50 20.60 21.89
CA UNK F 107 33.76 21.85 21.70
C UNK F 107 32.85 22.16 22.88
N UNK F 108 32.19 21.14 23.41
CA UNK F 108 31.32 21.32 24.57
C UNK F 108 32.13 21.80 25.77
N UNK F 109 33.30 21.21 25.97
CA UNK F 109 34.16 21.54 27.10
C UNK F 109 34.67 22.98 27.03
N UNK F 110 35.10 23.40 25.83
CA UNK F 110 35.67 24.73 25.65
C UNK F 110 34.63 25.82 25.86
N UNK F 111 33.43 25.60 25.34
CA UNK F 111 32.35 26.57 25.48
C UNK F 111 32.00 26.73 26.95
N UNK F 112 31.95 25.61 27.67
CA UNK F 112 31.63 25.64 29.10
C UNK F 112 32.70 26.43 29.84
N UNK F 113 33.96 26.20 29.49
CA UNK F 113 35.07 26.88 30.14
C UNK F 113 34.97 28.38 29.89
N UNK F 114 34.62 28.75 28.67
CA UNK F 114 34.48 30.16 28.29
C UNK F 114 33.36 30.83 29.08
N UNK F 115 32.25 30.12 29.25
CA UNK F 115 31.08 30.67 29.94
C UNK F 115 31.38 30.97 31.41
N UNK F 116 32.08 30.05 32.07
CA UNK F 116 32.36 30.20 33.50
C UNK F 116 33.30 31.37 33.73
N UNK F 117 34.29 31.51 32.86
CA UNK F 117 35.25 32.60 32.99
C UNK F 117 34.55 33.94 32.80
N UNK F 118 33.61 34.01 31.86
CA UNK F 118 32.84 35.22 31.64
C UNK F 118 32.01 35.56 32.87
N UNK F 119 31.39 34.55 33.47
CA UNK F 119 30.60 34.73 34.68
C UNK F 119 31.50 35.14 35.85
N UNK F 120 32.65 34.50 35.95
CA UNK F 120 33.59 34.77 37.03
C UNK F 120 34.12 36.19 36.93
N UNK F 121 34.44 36.62 35.71
CA UNK F 121 34.96 37.96 35.48
C UNK F 121 33.93 39.00 35.88
N UNK F 122 32.67 38.74 35.55
CA UNK F 122 31.59 39.65 35.89
C UNK F 122 31.45 39.80 37.40
N UNK F 123 31.56 38.70 38.12
CA UNK F 123 31.46 38.71 39.58
C UNK F 123 32.62 39.49 40.19
N UNK F 124 33.82 39.28 39.65
CA UNK F 124 35.04 39.87 40.19
C UNK F 124 35.01 41.39 40.07
N UNK F 125 34.55 41.88 38.92
CA UNK F 125 34.48 43.31 38.68
C UNK F 125 33.52 43.96 39.67
N UNK F 126 32.40 43.31 39.93
CA UNK F 126 31.41 43.81 40.87
C UNK F 126 32.02 43.89 42.27
N UNK F 127 32.78 42.87 42.64
CA UNK F 127 33.43 42.83 43.94
C UNK F 127 34.42 43.98 44.06
N UNK F 128 35.17 44.21 42.98
CA UNK F 128 36.15 45.29 42.95
C UNK F 128 35.47 46.64 43.13
N UNK F 129 34.33 46.81 42.46
CA UNK F 129 33.56 48.04 42.57
C UNK F 129 33.08 48.24 44.00
N UNK F 130 32.62 47.17 44.62
CA UNK F 130 32.14 47.20 45.99
C UNK F 130 33.29 47.53 46.95
N UNK F 131 34.44 46.91 46.71
CA UNK F 131 35.59 47.11 47.59
C UNK F 131 36.12 48.55 47.50
N UNK F 132 36.13 49.10 46.29
CA UNK F 132 36.55 50.48 46.10
C UNK F 132 35.61 51.42 46.84
N UNK F 133 34.33 51.13 46.78
CA UNK F 133 33.32 51.93 47.47
C UNK F 133 33.55 51.87 48.97
N UNK F 134 33.88 50.67 49.47
CA UNK F 134 34.16 50.49 50.89
C UNK F 134 35.38 51.31 51.30
N UNK F 135 36.39 51.30 50.43
CA UNK F 135 37.61 52.07 50.67
C UNK F 135 37.31 53.56 50.73
N UNK F 136 36.42 54.01 49.86
CA UNK F 136 36.03 55.42 49.81
C UNK F 136 35.70 55.99 51.20
N UNK G 1 -11.23 -68.71 -94.29
CA UNK G 1 -11.03 -68.75 -92.86
C UNK G 1 -9.56 -68.89 -92.49
N UNK G 2 -8.73 -69.19 -93.49
CA UNK G 2 -7.32 -69.45 -93.25
C UNK G 2 -6.52 -68.16 -93.21
N UNK G 3 -6.75 -67.31 -94.20
CA UNK G 3 -6.10 -66.00 -94.26
C UNK G 3 -6.38 -65.17 -93.00
N UNK G 4 -7.55 -65.37 -92.39
CA UNK G 4 -7.93 -64.62 -91.19
C UNK G 4 -7.31 -65.22 -89.92
N UNK G 5 -7.07 -66.53 -89.93
CA UNK G 5 -6.41 -67.17 -88.80
C UNK G 5 -4.92 -66.86 -88.86
N UNK G 6 -4.33 -67.09 -90.03
CA UNK G 6 -2.93 -66.75 -90.27
C UNK G 6 -2.63 -65.31 -89.86
N UNK G 7 -3.48 -64.38 -90.27
CA UNK G 7 -3.23 -62.96 -90.03
C UNK G 7 -3.70 -62.51 -88.64
N UNK G 8 -4.35 -63.41 -87.92
CA UNK G 8 -4.53 -63.21 -86.48
C UNK G 8 -3.23 -63.65 -85.81
N UNK G 9 -2.69 -64.77 -86.28
CA UNK G 9 -1.49 -65.35 -85.69
C UNK G 9 -0.18 -64.66 -86.09
N UNK G 10 -0.26 -63.58 -86.85
CA UNK G 10 0.94 -62.79 -87.15
C UNK G 10 1.01 -61.59 -86.21
N UNK G 11 -0.09 -60.86 -86.11
CA UNK G 11 -0.17 -59.74 -85.18
C UNK G 11 -0.68 -60.16 -83.81
N UNK G 12 -0.60 -61.46 -83.52
CA UNK G 12 -0.67 -61.94 -82.15
C UNK G 12 0.72 -62.36 -81.72
N UNK G 13 1.44 -63.04 -82.61
CA UNK G 13 2.83 -63.39 -82.36
C UNK G 13 3.68 -62.13 -82.20
N UNK G 14 3.33 -61.08 -82.92
CA UNK G 14 4.09 -59.83 -82.85
C UNK G 14 3.81 -59.12 -81.53
N UNK G 15 2.55 -59.16 -81.10
CA UNK G 15 2.19 -58.60 -79.80
C UNK G 15 2.78 -59.43 -78.66
N UNK G 16 3.05 -60.70 -78.92
CA UNK G 16 3.54 -61.61 -77.88
C UNK G 16 4.98 -61.31 -77.51
N UNK G 17 5.84 -61.18 -78.52
CA UNK G 17 7.25 -60.89 -78.28
C UNK G 17 7.43 -59.49 -77.70
N UNK G 18 6.52 -58.58 -78.05
CA UNK G 18 6.57 -57.22 -77.54
C UNK G 18 6.06 -57.16 -76.10
N UNK G 19 5.03 -57.93 -75.80
CA UNK G 19 4.53 -58.03 -74.43
C UNK G 19 5.62 -58.57 -73.52
N UNK G 20 6.34 -59.60 -73.98
CA UNK G 20 7.41 -60.19 -73.20
C UNK G 20 8.59 -59.23 -73.09
N UNK G 21 8.84 -58.46 -74.14
CA UNK G 21 9.99 -57.55 -74.16
C UNK G 21 9.74 -56.34 -73.26
N UNK G 22 8.48 -55.90 -73.19
CA UNK G 22 8.12 -54.77 -72.34
C UNK G 22 7.97 -55.19 -70.88
N UNK G 23 7.83 -56.49 -70.63
CA UNK G 23 7.76 -56.99 -69.26
C UNK G 23 9.17 -57.07 -68.68
N UNK G 24 10.16 -57.32 -69.54
CA UNK G 24 11.55 -57.28 -69.12
C UNK G 24 11.98 -55.82 -68.91
N UNK G 25 11.58 -54.96 -69.83
CA UNK G 25 12.04 -53.57 -69.82
C UNK G 25 11.35 -52.73 -68.76
N UNK G 26 10.16 -53.14 -68.33
CA UNK G 26 9.50 -52.49 -67.21
C UNK G 26 10.07 -53.01 -65.90
N UNK G 27 10.23 -54.34 -65.82
CA UNK G 27 10.78 -54.96 -64.62
C UNK G 27 12.24 -54.57 -64.42
N UNK G 28 12.96 -54.38 -65.52
CA UNK G 28 14.34 -53.92 -65.43
C UNK G 28 14.37 -52.48 -64.94
N UNK G 29 13.36 -51.70 -65.33
CA UNK G 29 13.23 -50.33 -64.85
C UNK G 29 12.71 -50.27 -63.42
N UNK G 30 12.14 -51.37 -62.92
CA UNK G 30 11.67 -51.42 -61.55
C UNK G 30 12.85 -51.68 -60.62
N UNK G 31 13.79 -52.50 -61.09
CA UNK G 31 15.02 -52.76 -60.35
C UNK G 31 15.84 -51.49 -60.12
N UNK G 32 16.14 -50.77 -61.19
CA UNK G 32 17.16 -49.72 -61.15
C UNK G 32 16.63 -48.39 -60.61
N UNK G 33 15.32 -48.20 -60.67
CA UNK G 33 14.70 -47.13 -59.91
C UNK G 33 14.71 -47.51 -58.43
N UNK G 34 14.34 -48.76 -58.16
CA UNK G 34 14.13 -49.21 -56.78
C UNK G 34 15.42 -49.28 -55.98
N UNK G 35 16.53 -49.55 -56.64
CA UNK G 35 17.82 -49.58 -55.97
C UNK G 35 18.23 -48.18 -55.53
N UNK G 36 17.83 -47.17 -56.30
CA UNK G 36 18.14 -45.79 -55.97
C UNK G 36 17.19 -45.27 -54.89
N UNK G 37 15.94 -45.69 -54.96
CA UNK G 37 14.97 -45.42 -53.91
C UNK G 37 15.50 -45.86 -52.54
N UNK G 38 15.87 -47.14 -52.41
CA UNK G 38 16.29 -47.68 -51.12
C UNK G 38 17.48 -46.91 -50.57
N UNK G 39 18.46 -46.63 -51.41
CA UNK G 39 19.65 -45.90 -50.99
C UNK G 39 19.26 -44.49 -50.52
N UNK G 40 18.32 -43.87 -51.23
CA UNK G 40 17.85 -42.55 -50.87
C UNK G 40 17.20 -42.58 -49.49
N UNK G 41 16.44 -43.63 -49.21
CA UNK G 41 15.79 -43.78 -47.91
C UNK G 41 16.83 -43.89 -46.79
N UNK G 42 17.90 -44.64 -47.03
CA UNK G 42 18.96 -44.76 -46.04
C UNK G 42 19.61 -43.40 -45.78
N UNK G 43 19.87 -42.66 -46.86
CA UNK G 43 20.49 -41.35 -46.76
C UNK G 43 19.59 -40.38 -45.99
N UNK G 44 18.29 -40.45 -46.25
CA UNK G 44 17.33 -39.60 -45.57
C UNK G 44 17.35 -39.90 -44.07
N UNK G 45 17.43 -41.18 -43.73
CA UNK G 45 17.49 -41.59 -42.34
C UNK G 45 18.74 -41.04 -41.67
N UNK G 46 19.86 -41.08 -42.37
CA UNK G 46 21.11 -40.54 -41.86
C UNK G 46 21.00 -39.05 -41.61
N UNK G 47 20.35 -38.35 -42.55
CA UNK G 47 20.14 -36.91 -42.42
C UNK G 47 19.28 -36.62 -41.20
N UNK G 48 18.25 -37.43 -41.00
CA UNK G 48 17.36 -37.27 -39.86
C UNK G 48 18.13 -37.45 -38.56
N UNK G 49 19.03 -38.42 -38.54
CA UNK G 49 19.86 -38.68 -37.37
C UNK G 49 20.75 -37.48 -37.07
N UNK G 50 21.33 -36.89 -38.11
CA UNK G 50 22.18 -35.71 -37.95
C UNK G 50 21.35 -34.52 -37.48
N UNK G 51 20.15 -34.39 -38.04
CA UNK G 51 19.27 -33.26 -37.77
C UNK G 51 18.83 -33.20 -36.31
N UNK G 52 18.49 -34.35 -35.75
CA UNK G 52 18.09 -34.43 -34.35
C UNK G 52 19.26 -34.04 -33.45
N UNK G 53 20.45 -34.52 -33.79
CA UNK G 53 21.65 -34.23 -33.03
C UNK G 53 21.95 -32.73 -33.11
N UNK G 54 21.80 -32.16 -34.31
CA UNK G 54 22.04 -30.74 -34.51
C UNK G 54 21.06 -29.92 -33.68
N UNK G 55 19.81 -30.37 -33.66
CA UNK G 55 18.77 -29.69 -32.89
C UNK G 55 19.11 -29.73 -31.40
N UNK G 56 19.58 -30.89 -30.95
CA UNK G 56 19.96 -31.08 -29.56
C UNK G 56 21.13 -30.17 -29.20
N UNK G 57 22.07 -30.03 -30.12
CA UNK G 57 23.21 -29.14 -29.92
C UNK G 57 22.76 -27.68 -29.83
N UNK G 58 21.81 -27.30 -30.69
CA UNK G 58 21.31 -25.93 -30.72
C UNK G 58 20.59 -25.57 -29.41
N UNK G 59 19.76 -26.49 -28.94
CA UNK G 59 19.07 -26.31 -27.67
C UNK G 59 20.08 -26.26 -26.52
N UNK G 60 21.10 -27.12 -26.58
CA UNK G 60 22.12 -27.17 -25.54
C UNK G 60 22.87 -25.85 -25.48
N UNK G 61 23.23 -25.32 -26.64
CA UNK G 61 23.97 -24.07 -26.72
C UNK G 61 23.15 -22.91 -26.18
N UNK G 62 21.86 -22.90 -26.52
CA UNK G 62 20.97 -21.84 -26.06
C UNK G 62 20.85 -21.87 -24.54
N UNK G 63 20.73 -23.06 -23.99
CA UNK G 63 20.63 -23.22 -22.54
C UNK G 63 21.90 -22.73 -21.87
N UNK G 64 23.04 -23.05 -22.47
CA UNK G 64 24.33 -22.61 -21.93
C UNK G 64 24.39 -21.09 -21.93
N UNK G 65 23.94 -20.49 -23.01
CA UNK G 65 23.95 -19.04 -23.15
C UNK G 65 23.05 -18.40 -22.09
N UNK G 66 21.89 -19.00 -21.86
CA UNK G 66 20.92 -18.46 -20.92
C UNK G 66 21.47 -18.43 -19.50
N UNK G 67 22.15 -19.49 -19.09
CA UNK G 67 22.75 -19.56 -17.77
C UNK G 67 23.83 -18.50 -17.64
N UNK G 68 24.65 -18.34 -18.68
CA UNK G 68 25.71 -17.36 -18.68
C UNK G 68 25.14 -15.94 -18.60
N UNK G 69 24.07 -15.71 -19.36
CA UNK G 69 23.44 -14.40 -19.41
C UNK G 69 22.87 -14.01 -18.05
N UNK G 70 22.27 -14.96 -17.35
CA UNK G 70 21.75 -14.71 -16.01
C UNK G 70 22.89 -14.36 -15.06
N UNK G 71 23.98 -15.11 -15.16
CA UNK G 71 25.16 -14.87 -14.32
C UNK G 71 25.75 -13.51 -14.62
N UNK G 72 25.80 -13.15 -15.89
CA UNK G 72 26.31 -11.85 -16.32
C UNK G 72 25.44 -10.75 -15.75
N UNK G 73 24.13 -10.97 -15.78
CA UNK G 73 23.18 -10.01 -15.26
C UNK G 73 23.40 -9.82 -13.76
N UNK G 74 23.65 -10.92 -13.05
CA UNK G 74 23.90 -10.88 -11.63
C UNK G 74 25.16 -10.07 -11.34
N UNK G 75 26.18 -10.29 -12.17
CA UNK G 75 27.45 -9.56 -12.02
C UNK G 75 27.22 -8.07 -12.24
N UNK G 76 26.43 -7.72 -13.25
CA UNK G 76 26.15 -6.33 -13.59
C UNK G 76 25.35 -5.64 -12.49
N UNK G 77 24.29 -6.30 -12.01
CA UNK G 77 23.45 -5.74 -10.96
C UNK G 77 24.24 -5.60 -9.65
N UNK G 78 24.98 -6.64 -9.30
CA UNK G 78 25.82 -6.61 -8.12
C UNK G 78 26.91 -5.56 -8.28
N UNK G 79 27.50 -5.53 -9.48
CA UNK G 79 28.54 -4.55 -9.83
C UNK G 79 28.02 -3.14 -9.67
N UNK G 80 26.83 -2.93 -10.21
CA UNK G 80 26.20 -1.62 -10.19
C UNK G 80 25.94 -1.20 -8.76
N UNK G 81 25.47 -2.14 -7.94
CA UNK G 81 25.19 -1.85 -6.54
C UNK G 81 26.47 -1.46 -5.83
N UNK G 82 27.55 -2.19 -6.12
CA UNK G 82 28.83 -1.92 -5.50
C UNK G 82 29.31 -0.53 -5.89
N UNK G 83 29.12 -0.18 -7.16
CA UNK G 83 29.55 1.12 -7.67
C UNK G 83 28.77 2.24 -6.99
N UNK G 84 27.46 2.07 -6.91
CA UNK G 84 26.61 3.07 -6.27
C UNK G 84 26.86 3.13 -4.76
N UNK G 85 26.98 1.97 -4.14
CA UNK G 85 27.23 1.91 -2.70
C UNK G 85 28.59 2.52 -2.39
N UNK G 86 29.56 2.19 -3.22
CA UNK G 86 30.92 2.73 -3.11
C UNK G 86 30.93 4.24 -3.17
N UNK G 87 30.22 4.75 -4.17
CA UNK G 87 30.13 6.17 -4.40
C UNK G 87 29.49 6.85 -3.20
N UNK G 88 28.43 6.23 -2.68
CA UNK G 88 27.71 6.80 -1.54
C UNK G 88 28.63 6.87 -0.35
N UNK G 89 29.40 5.82 -0.14
CA UNK G 89 30.28 5.77 1.01
C UNK G 89 31.34 6.85 0.84
N UNK G 90 31.82 7.05 -0.39
CA UNK G 90 32.87 8.03 -0.65
C UNK G 90 32.35 9.42 -0.34
N UNK G 91 31.10 9.67 -0.75
CA UNK G 91 30.45 10.94 -0.50
C UNK G 91 30.33 11.20 1.01
N UNK G 92 29.93 10.19 1.76
CA UNK G 92 29.74 10.35 3.20
C UNK G 92 31.06 10.67 3.89
N UNK G 93 32.10 9.96 3.50
CA UNK G 93 33.42 10.12 4.11
C UNK G 93 34.00 11.51 3.90
N UNK G 94 33.87 12.03 2.67
CA UNK G 94 34.40 13.35 2.34
C UNK G 94 33.69 14.42 3.15
N UNK G 95 32.36 14.34 3.19
CA UNK G 95 31.55 15.28 3.95
C UNK G 95 31.81 15.14 5.44
N UNK G 96 31.93 13.89 5.89
CA UNK G 96 32.19 13.62 7.30
C UNK G 96 33.58 14.14 7.69
N UNK G 97 34.56 13.91 6.82
CA UNK G 97 35.92 14.39 7.07
C UNK G 97 35.95 15.90 7.12
N UNK G 98 35.23 16.54 6.22
CA UNK G 98 35.15 17.99 6.18
C UNK G 98 34.51 18.51 7.46
N UNK G 99 33.48 17.83 7.92
CA UNK G 99 32.79 18.20 9.14
C UNK G 99 33.73 18.11 10.33
N UNK G 100 34.54 17.04 10.34
CA UNK G 100 35.51 16.84 11.42
C UNK G 100 36.54 17.97 11.40
N UNK G 101 36.97 18.35 10.21
CA UNK G 101 37.94 19.43 10.05
C UNK G 101 37.36 20.75 10.57
N UNK G 102 36.11 21.02 10.24
CA UNK G 102 35.43 22.22 10.70
C UNK G 102 35.29 22.20 12.22
N UNK G 103 34.92 21.04 12.75
CA UNK G 103 34.73 20.88 14.19
C UNK G 103 36.04 21.09 14.94
N UNK G 104 37.12 20.55 14.42
CA UNK G 104 38.43 20.68 15.05
C UNK G 104 38.85 22.14 15.07
N UNK G 105 38.60 22.84 13.97
CA UNK G 105 38.93 24.26 13.87
C UNK G 105 38.12 25.07 14.88
N UNK G 106 36.83 24.76 14.96
CA UNK G 106 35.93 25.45 15.89
C UNK G 106 36.32 25.19 17.33
N UNK G 107 36.66 23.94 17.64
CA UNK G 107 37.04 23.56 18.99
C UNK G 107 38.31 24.28 19.43
N UNK G 108 39.29 24.35 18.54
CA UNK G 108 40.55 25.01 18.84
C UNK G 108 40.32 26.49 19.11
N UNK G 109 39.47 27.11 18.29
CA UNK G 109 39.15 28.51 18.45
C UNK G 109 38.45 28.75 19.78
N UNK G 110 37.52 27.87 20.12
CA UNK G 110 36.77 27.98 21.37
C UNK G 110 37.69 27.80 22.57
N UNK G 111 38.61 26.84 22.48
CA UNK G 111 39.52 26.55 23.57
C UNK G 111 40.41 27.75 23.90
N UNK G 112 40.90 28.42 22.86
CA UNK G 112 41.74 29.60 23.03
C UNK G 112 40.98 30.70 23.74
N UNK G 113 39.72 30.89 23.34
CA UNK G 113 38.87 31.90 23.95
C UNK G 113 38.65 31.57 25.42
N UNK G 114 38.43 30.29 25.72
CA UNK G 114 38.24 29.85 27.09
C UNK G 114 39.48 30.13 27.92
N UNK G 115 40.64 29.88 27.33
CA UNK G 115 41.91 30.12 28.00
C UNK G 115 42.07 31.60 28.30
N UNK G 116 41.69 32.45 27.34
CA UNK G 116 41.78 33.89 27.51
C UNK G 116 40.88 34.32 28.65
N UNK G 117 39.69 33.75 28.70
CA UNK G 117 38.73 34.07 29.74
C UNK G 117 39.28 33.66 31.10
N UNK G 118 39.94 32.51 31.15
CA UNK G 118 40.55 32.02 32.39
C UNK G 118 41.66 32.97 32.87
N UNK G 119 42.49 33.45 31.95
CA UNK G 119 43.54 34.39 32.32
C UNK G 119 42.92 35.69 32.84
N UNK G 120 41.90 36.18 32.14
CA UNK G 120 41.24 37.42 32.51
C UNK G 120 40.54 37.30 33.85
N UNK G 121 39.89 36.17 34.09
CA UNK G 121 39.18 35.94 35.34
C UNK G 121 40.16 35.95 36.51
N UNK G 122 41.29 35.28 36.33
CA UNK G 122 42.32 35.22 37.36
C UNK G 122 42.77 36.61 37.78
N UNK G 123 43.06 37.46 36.79
CA UNK G 123 43.52 38.82 37.07
C UNK G 123 42.43 39.61 37.78
N UNK G 124 41.19 39.44 37.34
CA UNK G 124 40.06 40.12 37.96
C UNK G 124 39.91 39.68 39.42
N UNK G 125 40.09 38.39 39.66
CA UNK G 125 40.01 37.85 41.01
C UNK G 125 41.11 38.44 41.88
N UNK G 126 42.30 38.59 41.31
CA UNK G 126 43.43 39.18 42.01
C UNK G 126 43.12 40.63 42.37
N UNK G 127 42.50 41.34 41.44
CA UNK G 127 42.11 42.73 41.66
C UNK G 127 41.10 42.82 42.80
N UNK G 128 40.16 41.88 42.82
CA UNK G 128 39.16 41.83 43.87
C UNK G 128 39.82 41.59 45.22
N UNK G 129 40.81 40.71 45.24
CA UNK G 129 41.55 40.41 46.46
C UNK G 129 42.27 41.65 46.94
N UNK G 130 42.86 42.39 46.01
CA UNK G 130 43.56 43.63 46.34
C UNK G 130 42.61 44.63 46.94
N UNK G 131 41.41 44.71 46.37
CA UNK G 131 40.38 45.61 46.86
C UNK G 131 39.97 45.22 48.28
N UNK G 132 39.86 43.92 48.53
CA UNK G 132 39.53 43.42 49.85
C UNK G 132 40.62 43.80 50.85
N UNK G 133 41.87 43.70 50.42
CA UNK G 133 43.01 44.06 51.26
C UNK G 133 42.95 45.55 51.59
N UNK G 134 42.60 46.36 50.60
CA UNK G 134 42.47 47.80 50.81
C UNK G 134 41.38 48.10 51.83
N UNK G 135 40.28 47.36 51.73
CA UNK G 135 39.17 47.52 52.65
C UNK G 135 39.60 47.15 54.07
N UNK G 136 40.41 46.10 54.19
CA UNK G 136 40.90 45.64 55.48
C UNK G 136 41.40 46.81 56.33
#